data_3DHG
#
_entry.id   3DHG
#
_cell.length_a   56.822
_cell.length_b   181.481
_cell.length_c   89.917
_cell.angle_alpha   90.000
_cell.angle_beta   107.620
_cell.angle_gamma   90.000
#
_symmetry.space_group_name_H-M   'P 1 21 1'
#
loop_
_entity.id
_entity.type
_entity.pdbx_description
1 polymer 'toluene 4-monooxygenase hydroxylase alpha subunit'
2 polymer 'toluene 4-monooxygenase hydroxylase beta subunit'
3 polymer 'toluene 4-monooxygenase hydroxylase gamma subunit'
4 non-polymer 'FE (III) ION'
5 non-polymer 'CALCIUM ION'
6 non-polymer 'AZIDE ION'
7 water water
#
loop_
_entity_poly.entity_id
_entity_poly.type
_entity_poly.pdbx_seq_one_letter_code
_entity_poly.pdbx_strand_id
1 'polypeptide(L)'
;MAMHPRKDWYELTRATNWTPSYVTEEQLFPERMSGHMGIPLEKWESYDEPYKTSYPEYVSIQREKDAGAYSVKAALERAK
IYENSDPGWISTLKSHYGAIAVGEYAAVTGEGRMARFSKAPGNRNMATFGMMDELRHGQLQLFFPHEYCKKDRQFDWAWR
AYHSNEWAAIAAKHFFDDIITGRDAISVAIMLTFSFETGFTNMQFLGLAADAAEAGDYTFANLISSIQTDESRHAQQGGP
ALQLLIENGKREEAQKKVDMAIWRAWRLFAVLTGPVMDYYTPLEDRSQSFKEFMYEWIIGQFERSLIDLGLDKPWYWDLF
LKDIDELHHSYHMGVWYWRTTAWWNPAAGVTPEERDWLEEKYPGWNKRWGRCWDVITENVLNDRMDLVSPETLPSVCNMS
QIPLVGVPGDDWNIEVFSLEHNGRLYHFGSEVDRWVFQQDPVQYQNHMNIVDRFLAGQIQPMTLEGALKYMGFQSIEEMG
KDAHDFAWADKCKPAMKKSA
;
A,D
2 'polypeptide(L)'
;MSFESKKPMRTWSHLAEMRKKPSEYDIVSRKLHYSTNNPDSPWELSPDSPMNLWYKQYRNASPLKHDNWDAFTDPDQLVY
RTYNLMQDGQESYVQSLFDQFNEREHDQMVREGWEHTMARCYSPLRYLFHCLQMSSAYVQQMAPASTISNCCILQTADSL
RWLTHTAYRTHELSLTYPDAGLGEHERELWEKEPGWQGLRELMEKQLTAFDWGEAFVSLNLVVKPMIVESIFKPLQQQAW
ENNDTLLPLLIDSQLKDAERHSRWSKALVKHALENPDNHAVIEGWIEKWRPLADRAAEAYLSMLSSDILPAQYLERSTSL
RASILTV
;
B,E
3 'polypeptide(L)'
;MSAFPVHAAFEKDFLVQLVVVDLNDSMDQVAEKVAYHCVNRRVAPREGVMRVRKHRSTELFPRDMTIAESGLNPTEVIDV
VFEE
;
C,F
#
# COMPACT_ATOMS: atom_id res chain seq x y z
N ALA A 2 27.82 14.26 -16.64
CA ALA A 2 26.97 13.67 -15.58
C ALA A 2 25.50 14.17 -15.72
N MET A 3 24.57 13.42 -15.13
CA MET A 3 23.14 13.80 -15.06
C MET A 3 22.76 14.25 -13.64
N HIS A 4 21.87 15.23 -13.51
CA HIS A 4 21.42 15.66 -12.17
C HIS A 4 20.17 14.89 -11.76
N PRO A 5 20.18 14.33 -10.53
CA PRO A 5 19.07 13.51 -10.03
C PRO A 5 17.75 14.25 -10.08
N ARG A 6 16.72 13.51 -10.46
CA ARG A 6 15.36 13.99 -10.55
C ARG A 6 14.93 14.90 -9.42
N LYS A 7 15.25 14.52 -8.18
CA LYS A 7 14.76 15.31 -7.03
C LYS A 7 15.25 16.77 -7.08
N ASP A 8 16.38 16.99 -7.73
CA ASP A 8 16.96 18.34 -7.79
C ASP A 8 16.25 19.36 -8.70
N TRP A 9 15.55 18.88 -9.74
CA TRP A 9 14.92 19.76 -10.73
C TRP A 9 13.45 19.47 -10.91
N TYR A 10 12.96 18.43 -10.27
CA TYR A 10 11.56 17.99 -10.57
C TYR A 10 10.51 19.05 -10.17
N GLU A 11 10.82 19.83 -9.15
CA GLU A 11 9.87 20.83 -8.73
C GLU A 11 9.58 21.83 -9.85
N LEU A 12 10.60 22.22 -10.62
CA LEU A 12 10.41 23.10 -11.78
C LEU A 12 9.42 22.56 -12.86
N THR A 13 9.30 21.24 -12.98
CA THR A 13 8.33 20.64 -13.94
C THR A 13 6.86 21.02 -13.66
N ARG A 14 6.56 21.33 -12.41
CA ARG A 14 5.18 21.64 -12.02
C ARG A 14 5.08 23.01 -11.37
N ALA A 15 6.08 23.84 -11.62
CA ALA A 15 6.01 25.23 -11.26
C ALA A 15 5.35 25.97 -12.47
N THR A 16 4.05 25.79 -12.63
CA THR A 16 3.38 26.21 -13.87
C THR A 16 2.06 26.97 -13.65
N ASN A 17 1.67 27.19 -12.39
CA ASN A 17 0.56 28.13 -12.08
C ASN A 17 0.99 29.59 -12.23
N TRP A 18 0.12 30.41 -12.78
CA TRP A 18 0.35 31.85 -12.82
C TRP A 18 -1.00 32.54 -12.64
N THR A 19 -0.95 33.83 -12.35
CA THR A 19 -2.12 34.66 -12.10
C THR A 19 -2.55 35.24 -13.44
N PRO A 20 -3.70 34.77 -13.98
CA PRO A 20 -4.17 35.31 -15.28
C PRO A 20 -4.52 36.77 -15.18
N SER A 21 -4.37 37.53 -16.27
CA SER A 21 -4.74 38.94 -16.21
CA SER A 21 -4.62 38.99 -16.26
C SER A 21 -5.44 39.48 -17.47
N TYR A 22 -5.40 38.70 -18.56
CA TYR A 22 -6.04 39.08 -19.82
C TYR A 22 -7.40 38.44 -19.92
N VAL A 23 -7.59 37.33 -19.20
CA VAL A 23 -8.91 36.75 -18.85
C VAL A 23 -8.96 36.57 -17.32
N THR A 24 -10.13 36.33 -16.75
CA THR A 24 -10.16 36.12 -15.30
C THR A 24 -9.80 34.65 -14.95
N GLU A 25 -9.47 34.43 -13.69
CA GLU A 25 -9.22 33.06 -13.17
C GLU A 25 -10.39 32.12 -13.45
N GLU A 26 -11.60 32.65 -13.24
CA GLU A 26 -12.81 31.86 -13.48
C GLU A 26 -13.04 31.57 -14.96
N GLN A 27 -12.69 32.51 -15.86
CA GLN A 27 -12.79 32.22 -17.30
C GLN A 27 -11.78 31.13 -17.67
N LEU A 28 -10.55 31.21 -17.12
CA LEU A 28 -9.50 30.23 -17.44
C LEU A 28 -9.80 28.85 -16.86
N PHE A 29 -10.41 28.83 -15.68
CA PHE A 29 -10.76 27.61 -14.97
C PHE A 29 -12.23 27.60 -14.53
N PRO A 30 -13.17 27.48 -15.50
CA PRO A 30 -14.59 27.60 -15.20
C PRO A 30 -15.03 26.46 -14.31
N GLU A 31 -15.75 26.78 -13.24
CA GLU A 31 -16.14 25.76 -12.25
C GLU A 31 -16.79 24.52 -12.88
N ARG A 32 -17.62 24.70 -13.89
CA ARG A 32 -18.25 23.51 -14.52
C ARG A 32 -17.28 22.50 -15.10
N MET A 33 -16.08 22.94 -15.48
CA MET A 33 -15.08 22.04 -16.06
C MET A 33 -13.94 21.71 -15.08
N SER A 34 -13.65 22.65 -14.18
CA SER A 34 -12.52 22.53 -13.25
C SER A 34 -12.92 21.88 -11.94
N GLY A 35 -14.06 22.29 -11.40
CA GLY A 35 -14.62 21.77 -10.13
C GLY A 35 -13.84 22.19 -8.89
N HIS A 36 -13.21 23.35 -8.95
CA HIS A 36 -12.37 23.86 -7.88
C HIS A 36 -13.16 24.28 -6.64
N MET A 37 -14.50 24.30 -6.73
CA MET A 37 -15.36 24.66 -5.58
C MET A 37 -15.05 26.03 -4.97
N GLY A 38 -14.62 26.95 -5.81
CA GLY A 38 -14.31 28.32 -5.41
C GLY A 38 -12.98 28.52 -4.71
N ILE A 39 -12.23 27.42 -4.50
CA ILE A 39 -10.86 27.51 -3.97
C ILE A 39 -9.89 28.13 -5.00
N PRO A 40 -9.19 29.21 -4.60
CA PRO A 40 -8.30 29.97 -5.51
C PRO A 40 -7.06 29.22 -5.94
N LEU A 41 -6.50 29.64 -7.09
CA LEU A 41 -5.33 29.02 -7.71
C LEU A 41 -4.21 28.89 -6.70
N GLU A 42 -4.04 29.94 -5.91
CA GLU A 42 -2.98 30.00 -4.91
C GLU A 42 -3.03 28.78 -4.00
N LYS A 43 -4.25 28.35 -3.65
CA LYS A 43 -4.42 27.27 -2.70
C LYS A 43 -4.07 25.93 -3.33
N TRP A 44 -4.43 25.75 -4.60
CA TRP A 44 -4.18 24.47 -5.31
C TRP A 44 -2.72 24.18 -5.53
N GLU A 45 -1.89 25.19 -5.40
CA GLU A 45 -0.46 24.97 -5.43
C GLU A 45 0.01 24.03 -4.29
N SER A 46 -0.77 23.91 -3.22
CA SER A 46 -0.46 22.96 -2.14
C SER A 46 -0.68 21.47 -2.53
N TYR A 47 -1.29 21.26 -3.68
CA TYR A 47 -1.55 19.87 -4.12
C TYR A 47 -0.26 19.07 -4.07
N ASP A 48 -0.32 17.95 -3.35
CA ASP A 48 0.88 17.18 -3.00
C ASP A 48 0.76 15.68 -3.39
N GLU A 49 0.97 15.37 -4.66
CA GLU A 49 0.92 13.97 -5.09
C GLU A 49 2.20 13.22 -4.73
N PRO A 50 2.09 11.98 -4.26
CA PRO A 50 3.26 11.36 -3.68
C PRO A 50 4.31 10.85 -4.65
N TYR A 51 3.88 10.37 -5.83
CA TYR A 51 4.75 9.63 -6.74
C TYR A 51 5.12 10.44 -7.97
N LYS A 52 6.41 10.40 -8.29
CA LYS A 52 6.95 11.20 -9.38
C LYS A 52 7.21 10.39 -10.66
N THR A 53 7.01 11.04 -11.80
CA THR A 53 7.26 10.43 -13.12
C THR A 53 7.81 11.56 -13.97
N SER A 54 8.86 11.30 -14.72
CA SER A 54 9.43 12.30 -15.62
C SER A 54 9.37 11.78 -17.07
N TYR A 55 9.27 12.70 -18.02
CA TYR A 55 9.06 12.32 -19.41
C TYR A 55 10.17 11.35 -19.92
N PRO A 56 11.48 11.70 -19.76
CA PRO A 56 12.47 10.67 -20.23
C PRO A 56 12.32 9.28 -19.60
N GLU A 57 12.07 9.20 -18.28
CA GLU A 57 11.82 7.93 -17.63
C GLU A 57 10.57 7.27 -18.22
N TYR A 58 9.51 8.04 -18.44
CA TYR A 58 8.25 7.44 -18.92
C TYR A 58 8.44 6.72 -20.28
N VAL A 59 9.01 7.44 -21.25
CA VAL A 59 9.09 6.87 -22.60
C VAL A 59 9.97 5.63 -22.65
N SER A 60 11.04 5.63 -21.84
CA SER A 60 11.94 4.50 -21.79
C SER A 60 11.33 3.24 -21.14
N ILE A 61 10.73 3.37 -19.98
CA ILE A 61 10.13 2.23 -19.29
CA ILE A 61 10.15 2.19 -19.34
C ILE A 61 8.91 1.69 -20.06
N GLN A 62 8.10 2.60 -20.62
CA GLN A 62 6.90 2.17 -21.33
C GLN A 62 7.25 1.50 -22.66
N ARG A 63 8.32 1.96 -23.32
CA ARG A 63 8.78 1.25 -24.51
C ARG A 63 9.08 -0.21 -24.15
N GLU A 64 9.82 -0.39 -23.05
CA GLU A 64 10.23 -1.74 -22.59
C GLU A 64 9.00 -2.57 -22.26
N LYS A 65 8.02 -1.96 -21.59
CA LYS A 65 6.84 -2.74 -21.19
C LYS A 65 6.07 -3.29 -22.40
N ASP A 66 5.86 -2.42 -23.38
CA ASP A 66 5.23 -2.85 -24.63
C ASP A 66 6.02 -3.90 -25.41
N ALA A 67 7.33 -3.71 -25.54
CA ALA A 67 8.18 -4.73 -26.19
C ALA A 67 7.94 -6.13 -25.62
N GLY A 68 7.98 -6.25 -24.30
CA GLY A 68 7.71 -7.49 -23.57
C GLY A 68 6.33 -8.07 -23.84
N ALA A 69 5.30 -7.24 -23.69
CA ALA A 69 3.90 -7.67 -23.88
C ALA A 69 3.68 -8.23 -25.29
N TYR A 70 4.18 -7.50 -26.28
CA TYR A 70 4.02 -7.98 -27.68
C TYR A 70 4.89 -9.19 -28.03
N SER A 71 6.11 -9.25 -27.48
CA SER A 71 6.98 -10.43 -27.61
C SER A 71 6.33 -11.69 -27.02
N VAL A 72 5.73 -11.57 -25.85
CA VAL A 72 5.00 -12.72 -25.26
C VAL A 72 3.85 -13.15 -26.18
N LYS A 73 3.07 -12.15 -26.63
CA LYS A 73 1.94 -12.44 -27.51
C LYS A 73 2.44 -13.22 -28.72
N ALA A 74 3.53 -12.73 -29.33
CA ALA A 74 4.09 -13.33 -30.56
C ALA A 74 4.61 -14.74 -30.28
N ALA A 75 5.33 -14.90 -29.17
CA ALA A 75 5.84 -16.20 -28.73
C ALA A 75 4.77 -17.28 -28.46
N LEU A 76 3.58 -16.87 -28.04
CA LEU A 76 2.52 -17.83 -27.65
C LEU A 76 1.43 -18.01 -28.70
N GLU A 77 1.66 -17.44 -29.87
CA GLU A 77 0.68 -17.43 -30.96
C GLU A 77 0.09 -18.84 -31.20
N ARG A 78 0.88 -19.88 -30.92
CA ARG A 78 0.49 -21.26 -31.21
C ARG A 78 -0.07 -22.02 -30.02
N ALA A 79 -0.33 -21.32 -28.92
CA ALA A 79 -0.92 -21.89 -27.73
C ALA A 79 -2.35 -22.45 -27.90
N LYS A 80 -3.07 -22.00 -28.93
CA LYS A 80 -4.46 -22.48 -29.18
C LYS A 80 -5.39 -22.20 -28.00
N ILE A 81 -5.29 -20.98 -27.48
CA ILE A 81 -6.07 -20.56 -26.33
C ILE A 81 -7.57 -20.63 -26.59
N TYR A 82 -8.03 -20.14 -27.75
CA TYR A 82 -9.46 -20.19 -28.05
C TYR A 82 -10.00 -21.64 -27.99
N GLU A 83 -9.22 -22.59 -28.52
CA GLU A 83 -9.67 -23.96 -28.69
C GLU A 83 -9.53 -24.78 -27.40
N ASN A 84 -8.49 -24.50 -26.64
CA ASN A 84 -8.15 -25.34 -25.49
C ASN A 84 -8.61 -24.84 -24.13
N SER A 85 -8.98 -23.56 -24.04
CA SER A 85 -9.42 -22.97 -22.78
C SER A 85 -10.77 -23.53 -22.34
N ASP A 86 -11.02 -23.49 -21.02
CA ASP A 86 -12.36 -23.77 -20.50
C ASP A 86 -13.25 -22.66 -21.05
N PRO A 87 -14.42 -23.01 -21.60
CA PRO A 87 -15.44 -22.02 -21.99
C PRO A 87 -15.66 -20.89 -20.98
N GLY A 88 -15.54 -21.19 -19.68
CA GLY A 88 -15.73 -20.18 -18.65
C GLY A 88 -14.68 -19.09 -18.79
N TRP A 89 -13.48 -19.52 -19.19
CA TRP A 89 -12.38 -18.57 -19.42
C TRP A 89 -12.63 -17.74 -20.67
N ILE A 90 -13.02 -18.39 -21.77
CA ILE A 90 -13.30 -17.63 -22.98
C ILE A 90 -14.40 -16.59 -22.77
N SER A 91 -15.43 -16.94 -21.98
CA SER A 91 -16.50 -15.99 -21.71
C SER A 91 -15.96 -14.87 -20.81
N THR A 92 -15.04 -15.21 -19.91
CA THR A 92 -14.36 -14.21 -19.09
C THR A 92 -13.67 -13.14 -19.96
N LEU A 93 -12.90 -13.61 -20.96
CA LEU A 93 -12.28 -12.75 -21.94
C LEU A 93 -13.25 -11.86 -22.74
N LYS A 94 -14.30 -12.47 -23.31
CA LYS A 94 -15.31 -11.70 -24.09
C LYS A 94 -15.99 -10.62 -23.27
N SER A 95 -16.34 -10.96 -22.03
CA SER A 95 -16.99 -10.01 -21.14
C SER A 95 -15.99 -8.91 -20.80
N HIS A 96 -14.81 -9.31 -20.38
CA HIS A 96 -13.75 -8.36 -20.05
C HIS A 96 -13.49 -7.37 -21.20
N TYR A 97 -13.15 -7.87 -22.37
CA TYR A 97 -12.77 -6.97 -23.46
C TYR A 97 -13.90 -6.02 -23.86
N GLY A 98 -15.14 -6.53 -23.87
CA GLY A 98 -16.29 -5.69 -24.27
C GLY A 98 -16.57 -4.59 -23.29
N ALA A 99 -16.51 -4.92 -22.00
CA ALA A 99 -16.81 -3.94 -20.97
C ALA A 99 -15.67 -2.96 -20.74
N ILE A 100 -14.46 -3.36 -21.10
CA ILE A 100 -13.27 -2.60 -20.69
C ILE A 100 -12.52 -1.79 -21.76
N ALA A 101 -12.27 -2.39 -22.94
CA ALA A 101 -11.30 -1.82 -23.90
C ALA A 101 -11.59 -0.37 -24.28
N VAL A 102 -12.83 -0.07 -24.69
CA VAL A 102 -13.13 1.29 -25.24
C VAL A 102 -13.40 2.21 -24.03
N GLY A 103 -13.70 1.60 -22.88
CA GLY A 103 -13.79 2.35 -21.61
C GLY A 103 -12.43 2.90 -21.20
N GLU A 104 -11.36 2.15 -21.45
CA GLU A 104 -9.99 2.61 -21.12
C GLU A 104 -9.68 3.80 -22.01
N TYR A 105 -10.07 3.68 -23.28
CA TYR A 105 -9.94 4.83 -24.20
C TYR A 105 -10.74 6.06 -23.74
N ALA A 106 -11.96 5.87 -23.26
CA ALA A 106 -12.71 6.97 -22.66
C ALA A 106 -11.99 7.60 -21.45
N ALA A 107 -11.21 6.81 -20.73
CA ALA A 107 -10.50 7.33 -19.53
C ALA A 107 -9.45 8.38 -19.95
N VAL A 108 -9.02 8.33 -21.20
CA VAL A 108 -8.10 9.37 -21.75
C VAL A 108 -8.76 10.71 -21.57
N THR A 109 -10.07 10.77 -21.85
CA THR A 109 -10.84 12.01 -21.69
C THR A 109 -10.95 12.50 -20.27
N GLY A 110 -11.16 11.60 -19.30
CA GLY A 110 -11.22 12.06 -17.88
C GLY A 110 -9.82 12.60 -17.53
N GLU A 111 -8.78 11.89 -17.95
CA GLU A 111 -7.42 12.36 -17.72
C GLU A 111 -7.19 13.73 -18.41
N GLY A 112 -7.59 13.85 -19.67
CA GLY A 112 -7.48 15.15 -20.38
C GLY A 112 -8.24 16.27 -19.72
N ARG A 113 -9.38 15.95 -19.10
CA ARG A 113 -10.19 16.99 -18.39
C ARG A 113 -9.34 17.61 -17.28
N MET A 114 -8.60 16.77 -16.56
CA MET A 114 -7.72 17.22 -15.46
C MET A 114 -6.47 17.93 -16.01
N ALA A 115 -5.88 17.39 -17.08
CA ALA A 115 -4.72 17.99 -17.76
C ALA A 115 -4.95 19.45 -18.16
N ARG A 116 -6.17 19.77 -18.59
CA ARG A 116 -6.51 21.12 -18.96
C ARG A 116 -7.09 21.90 -17.80
N PHE A 117 -8.03 21.30 -17.03
CA PHE A 117 -8.88 22.12 -16.12
C PHE A 117 -8.57 22.08 -14.60
N SER A 118 -7.69 21.19 -14.19
CA SER A 118 -7.29 21.19 -12.79
C SER A 118 -6.49 22.44 -12.44
N LYS A 119 -6.85 23.07 -11.33
CA LYS A 119 -6.04 24.17 -10.79
C LYS A 119 -4.70 23.75 -10.17
N ALA A 120 -4.50 22.45 -9.96
CA ALA A 120 -3.25 21.95 -9.35
C ALA A 120 -2.23 21.61 -10.43
N PRO A 121 -1.07 22.26 -10.40
CA PRO A 121 -0.09 21.97 -11.46
C PRO A 121 0.43 20.54 -11.49
N GLY A 122 0.62 19.91 -10.33
CA GLY A 122 1.08 18.53 -10.30
C GLY A 122 0.04 17.57 -10.86
N ASN A 123 -1.21 17.90 -10.63
CA ASN A 123 -2.33 17.12 -11.17
C ASN A 123 -2.32 17.21 -12.71
N ARG A 124 -2.10 18.42 -13.23
CA ARG A 124 -2.08 18.62 -14.69
C ARG A 124 -1.00 17.78 -15.36
N ASN A 125 0.21 17.70 -14.76
CA ASN A 125 1.26 16.85 -15.33
C ASN A 125 1.01 15.37 -15.14
N MET A 126 0.61 14.98 -13.95
CA MET A 126 0.32 13.54 -13.80
C MET A 126 -0.82 13.07 -14.74
N ALA A 127 -1.82 13.90 -14.94
CA ALA A 127 -2.93 13.60 -15.87
C ALA A 127 -2.49 13.45 -17.33
N THR A 128 -1.42 14.16 -17.70
CA THR A 128 -0.83 13.99 -19.05
C THR A 128 -0.30 12.59 -19.17
N PHE A 129 0.42 12.14 -18.14
CA PHE A 129 0.86 10.74 -18.18
C PHE A 129 -0.33 9.81 -18.10
N GLY A 130 -1.37 10.20 -17.36
CA GLY A 130 -2.60 9.38 -17.34
C GLY A 130 -3.25 9.27 -18.72
N MET A 131 -3.25 10.37 -19.46
CA MET A 131 -3.78 10.35 -20.86
C MET A 131 -3.06 9.28 -21.71
N MET A 132 -1.74 9.30 -21.61
CA MET A 132 -0.84 8.32 -22.27
C MET A 132 -1.08 6.89 -21.80
N ASP A 133 -1.16 6.69 -20.48
CA ASP A 133 -1.41 5.37 -19.90
C ASP A 133 -2.72 4.85 -20.40
N GLU A 134 -3.77 5.68 -20.37
CA GLU A 134 -5.08 5.09 -20.79
C GLU A 134 -5.15 4.85 -22.30
N LEU A 135 -4.38 5.56 -23.05
CA LEU A 135 -4.22 5.31 -24.49
C LEU A 135 -3.58 3.94 -24.74
N ARG A 136 -2.51 3.71 -23.97
CA ARG A 136 -1.85 2.40 -24.02
C ARG A 136 -2.86 1.29 -23.76
N HIS A 137 -3.67 1.47 -22.72
CA HIS A 137 -4.56 0.40 -22.28
C HIS A 137 -5.68 0.11 -23.28
N GLY A 138 -6.25 1.18 -23.83
CA GLY A 138 -7.28 1.04 -24.83
C GLY A 138 -6.70 0.39 -26.08
N GLN A 139 -5.48 0.79 -26.48
CA GLN A 139 -4.91 0.22 -27.69
C GLN A 139 -4.54 -1.26 -27.49
N LEU A 140 -3.91 -1.56 -26.35
CA LEU A 140 -3.53 -2.95 -26.01
C LEU A 140 -4.75 -3.88 -26.01
N GLN A 141 -5.84 -3.39 -25.42
CA GLN A 141 -7.04 -4.20 -25.24
C GLN A 141 -7.95 -4.20 -26.45
N LEU A 142 -7.49 -3.57 -27.53
CA LEU A 142 -8.13 -3.76 -28.84
C LEU A 142 -7.22 -4.66 -29.68
N PHE A 143 -5.94 -4.36 -29.68
CA PHE A 143 -4.99 -5.12 -30.47
C PHE A 143 -4.98 -6.59 -30.06
N PHE A 144 -4.91 -6.86 -28.76
CA PHE A 144 -4.90 -8.29 -28.32
C PHE A 144 -6.13 -9.18 -28.68
N PRO A 145 -7.37 -8.73 -28.40
CA PRO A 145 -8.54 -9.53 -28.77
C PRO A 145 -8.79 -9.62 -30.28
N HIS A 146 -8.22 -8.66 -31.03
CA HIS A 146 -8.38 -8.61 -32.49
C HIS A 146 -8.07 -9.95 -33.16
N GLU A 147 -7.09 -10.70 -32.67
CA GLU A 147 -6.76 -12.01 -33.27
C GLU A 147 -7.95 -12.96 -33.21
N TYR A 148 -8.82 -12.75 -32.22
CA TYR A 148 -9.96 -13.62 -32.01
C TYR A 148 -11.18 -13.38 -32.88
N CYS A 149 -11.23 -12.22 -33.57
CA CYS A 149 -12.37 -11.90 -34.45
C CYS A 149 -12.65 -13.05 -35.42
N LYS A 150 -11.58 -13.64 -35.93
CA LYS A 150 -11.64 -14.74 -36.89
C LYS A 150 -12.24 -16.01 -36.28
N LYS A 151 -12.24 -16.12 -34.96
CA LYS A 151 -12.64 -17.35 -34.32
C LYS A 151 -14.10 -17.30 -33.90
N ASP A 152 -14.56 -16.09 -33.57
CA ASP A 152 -15.83 -15.94 -32.86
C ASP A 152 -16.29 -14.47 -32.98
N ARG A 153 -17.49 -14.28 -33.56
CA ARG A 153 -18.09 -12.95 -33.72
C ARG A 153 -18.31 -12.21 -32.41
N GLN A 154 -18.39 -12.95 -31.30
CA GLN A 154 -18.56 -12.32 -30.00
C GLN A 154 -17.37 -11.44 -29.63
N PHE A 155 -16.18 -11.77 -30.12
CA PHE A 155 -14.98 -10.94 -29.92
C PHE A 155 -15.03 -9.60 -30.66
N ASP A 156 -15.96 -9.46 -31.61
CA ASP A 156 -16.17 -8.16 -32.27
C ASP A 156 -16.61 -7.13 -31.21
N TRP A 157 -17.21 -7.63 -30.14
CA TRP A 157 -17.76 -6.74 -29.12
C TRP A 157 -16.68 -6.04 -28.31
N ALA A 158 -15.42 -6.49 -28.47
CA ALA A 158 -14.30 -5.70 -27.88
C ALA A 158 -14.29 -4.29 -28.42
N TRP A 159 -14.66 -4.14 -29.69
CA TRP A 159 -14.79 -2.81 -30.28
C TRP A 159 -16.26 -2.37 -30.22
N ARG A 160 -17.18 -3.28 -30.51
CA ARG A 160 -18.56 -2.86 -30.73
C ARG A 160 -19.34 -2.47 -29.47
N ALA A 161 -18.98 -2.96 -28.28
CA ALA A 161 -19.90 -2.84 -27.12
C ALA A 161 -20.32 -1.38 -26.81
N TYR A 162 -19.35 -0.47 -26.79
CA TYR A 162 -19.62 0.94 -26.48
C TYR A 162 -20.33 1.70 -27.64
N HIS A 163 -20.36 1.09 -28.82
CA HIS A 163 -21.11 1.66 -29.93
C HIS A 163 -22.53 1.05 -29.96
N SER A 164 -22.88 0.24 -28.97
CA SER A 164 -24.18 -0.41 -28.91
C SER A 164 -25.14 0.10 -27.80
N ASN A 165 -26.41 -0.30 -27.93
CA ASN A 165 -27.40 -0.08 -26.88
C ASN A 165 -27.71 -1.38 -26.13
N GLU A 166 -26.78 -2.31 -26.18
CA GLU A 166 -26.92 -3.56 -25.42
C GLU A 166 -26.92 -3.22 -23.93
N TRP A 167 -27.77 -3.90 -23.16
CA TRP A 167 -28.07 -3.41 -21.80
C TRP A 167 -26.80 -3.26 -20.91
N ALA A 168 -25.88 -4.23 -20.97
CA ALA A 168 -24.71 -4.19 -20.10
C ALA A 168 -23.74 -3.06 -20.52
N ALA A 169 -23.73 -2.77 -21.81
CA ALA A 169 -22.97 -1.67 -22.40
C ALA A 169 -23.54 -0.34 -21.96
N ILE A 170 -24.88 -0.24 -21.93
CA ILE A 170 -25.50 0.96 -21.37
C ILE A 170 -25.11 1.10 -19.90
N ALA A 171 -25.16 0.01 -19.13
CA ALA A 171 -24.72 0.07 -17.74
C ALA A 171 -23.27 0.56 -17.63
N ALA A 172 -22.37 0.04 -18.44
CA ALA A 172 -20.97 0.46 -18.34
C ALA A 172 -20.83 1.93 -18.75
N LYS A 173 -21.49 2.33 -19.85
CA LYS A 173 -21.39 3.75 -20.30
C LYS A 173 -22.00 4.76 -19.37
N HIS A 174 -23.13 4.41 -18.76
CA HIS A 174 -23.82 5.30 -17.82
C HIS A 174 -22.92 5.51 -16.59
N PHE A 175 -22.30 4.42 -16.11
CA PHE A 175 -21.26 4.52 -15.05
C PHE A 175 -20.06 5.35 -15.47
N PHE A 176 -19.38 4.95 -16.54
CA PHE A 176 -18.18 5.68 -17.02
C PHE A 176 -18.39 7.10 -17.48
N ASP A 177 -19.53 7.35 -18.10
CA ASP A 177 -19.89 8.68 -18.51
C ASP A 177 -20.12 9.55 -17.28
N ASP A 178 -20.60 8.96 -16.19
CA ASP A 178 -20.88 9.69 -14.97
C ASP A 178 -19.58 10.03 -14.19
N ILE A 179 -18.68 9.09 -14.04
CA ILE A 179 -17.45 9.33 -13.24
C ILE A 179 -16.21 9.72 -14.08
N ILE A 180 -16.21 9.44 -15.37
CA ILE A 180 -15.00 9.71 -16.18
C ILE A 180 -15.17 10.90 -17.09
N THR A 181 -16.12 10.81 -18.01
CA THR A 181 -16.22 11.82 -19.06
C THR A 181 -17.23 12.95 -18.84
N GLY A 182 -18.11 12.82 -17.85
CA GLY A 182 -19.21 13.77 -17.71
C GLY A 182 -19.16 14.73 -16.54
N ARG A 183 -17.99 14.86 -15.91
CA ARG A 183 -17.90 15.82 -14.79
C ARG A 183 -16.59 16.63 -14.85
N ASP A 184 -16.52 17.63 -13.98
CA ASP A 184 -15.37 18.50 -13.86
C ASP A 184 -14.13 17.75 -13.40
N ALA A 185 -12.99 18.40 -13.55
CA ALA A 185 -11.69 17.78 -13.28
C ALA A 185 -11.56 17.16 -11.90
N ILE A 186 -11.97 17.89 -10.86
CA ILE A 186 -11.77 17.44 -9.48
C ILE A 186 -12.69 16.26 -9.19
N SER A 187 -13.92 16.28 -9.73
CA SER A 187 -14.77 15.07 -9.69
C SER A 187 -14.10 13.85 -10.29
N VAL A 188 -13.47 14.00 -11.46
CA VAL A 188 -12.82 12.88 -12.13
C VAL A 188 -11.71 12.38 -11.18
N ALA A 189 -10.89 13.30 -10.68
CA ALA A 189 -9.83 12.91 -9.73
C ALA A 189 -10.41 12.05 -8.61
N ILE A 190 -11.51 12.49 -8.01
CA ILE A 190 -12.04 11.79 -6.84
C ILE A 190 -12.77 10.50 -7.23
N MET A 191 -13.59 10.60 -8.27
CA MET A 191 -14.49 9.47 -8.62
C MET A 191 -13.81 8.40 -9.46
N LEU A 192 -12.97 8.83 -10.38
CA LEU A 192 -12.26 7.89 -11.18
C LEU A 192 -10.98 7.41 -10.46
N THR A 193 -10.07 8.32 -10.14
CA THR A 193 -8.72 7.87 -9.76
C THR A 193 -8.72 7.32 -8.35
N PHE A 194 -9.43 7.98 -7.41
CA PHE A 194 -9.45 7.53 -6.03
C PHE A 194 -10.42 6.37 -5.85
N SER A 195 -11.67 6.62 -6.22
CA SER A 195 -12.76 5.68 -5.91
C SER A 195 -12.75 4.43 -6.80
N PHE A 196 -12.58 4.57 -8.11
CA PHE A 196 -12.62 3.42 -9.01
C PHE A 196 -11.26 2.74 -9.24
N GLU A 197 -10.26 3.51 -9.68
CA GLU A 197 -8.95 2.95 -10.01
C GLU A 197 -8.21 2.49 -8.76
N THR A 198 -8.05 3.38 -7.79
CA THR A 198 -7.38 2.93 -6.54
C THR A 198 -8.24 1.90 -5.81
N GLY A 199 -9.55 2.14 -5.76
CA GLY A 199 -10.45 1.35 -4.94
C GLY A 199 -10.85 0.01 -5.54
N PHE A 200 -10.91 -0.10 -6.86
CA PHE A 200 -11.37 -1.35 -7.47
C PHE A 200 -10.41 -1.97 -8.51
N THR A 201 -10.06 -1.21 -9.54
CA THR A 201 -9.43 -1.84 -10.73
C THR A 201 -8.03 -2.32 -10.43
N ASN A 202 -7.31 -1.58 -9.59
CA ASN A 202 -5.96 -2.00 -9.24
C ASN A 202 -5.93 -3.46 -8.74
N MET A 203 -6.77 -3.77 -7.74
CA MET A 203 -6.85 -5.12 -7.19
C MET A 203 -7.53 -6.14 -8.09
N GLN A 204 -8.55 -5.68 -8.81
CA GLN A 204 -9.22 -6.48 -9.80
C GLN A 204 -8.27 -7.02 -10.87
N PHE A 205 -7.43 -6.14 -11.43
CA PHE A 205 -6.48 -6.55 -12.47
C PHE A 205 -5.44 -7.52 -11.93
N LEU A 206 -4.99 -7.30 -10.73
CA LEU A 206 -4.13 -8.28 -10.07
C LEU A 206 -4.77 -9.69 -10.00
N GLY A 207 -6.02 -9.73 -9.58
CA GLY A 207 -6.74 -10.99 -9.48
C GLY A 207 -6.93 -11.62 -10.84
N LEU A 208 -7.31 -10.78 -11.81
CA LEU A 208 -7.56 -11.23 -13.17
C LEU A 208 -6.31 -11.86 -13.82
N ALA A 209 -5.17 -11.20 -13.65
CA ALA A 209 -3.89 -11.71 -14.15
C ALA A 209 -3.56 -13.10 -13.53
N ALA A 210 -3.78 -13.25 -12.23
CA ALA A 210 -3.59 -14.55 -11.55
C ALA A 210 -4.58 -15.61 -12.06
N ASP A 211 -5.86 -15.25 -12.22
CA ASP A 211 -6.84 -16.19 -12.85
C ASP A 211 -6.44 -16.63 -14.26
N ALA A 212 -5.86 -15.68 -15.03
CA ALA A 212 -5.47 -15.94 -16.42
C ALA A 212 -4.37 -17.03 -16.46
N ALA A 213 -3.41 -16.88 -15.55
CA ALA A 213 -2.28 -17.79 -15.43
C ALA A 213 -2.81 -19.17 -14.98
N GLU A 214 -3.74 -19.19 -14.05
CA GLU A 214 -4.40 -20.43 -13.64
C GLU A 214 -5.12 -21.08 -14.80
N ALA A 215 -5.73 -20.27 -15.66
CA ALA A 215 -6.41 -20.76 -16.86
C ALA A 215 -5.44 -21.16 -17.97
N GLY A 216 -4.14 -20.98 -17.75
CA GLY A 216 -3.10 -21.29 -18.76
C GLY A 216 -2.98 -20.33 -19.95
N ASP A 217 -3.47 -19.11 -19.77
CA ASP A 217 -3.39 -18.07 -20.77
C ASP A 217 -2.35 -17.03 -20.36
N TYR A 218 -1.11 -17.27 -20.76
CA TYR A 218 -0.01 -16.45 -20.28
C TYR A 218 0.12 -15.16 -21.04
N THR A 219 -0.31 -15.14 -22.29
CA THR A 219 -0.40 -13.86 -23.01
C THR A 219 -1.31 -12.88 -22.27
N PHE A 220 -2.51 -13.34 -21.92
CA PHE A 220 -3.45 -12.47 -21.21
C PHE A 220 -2.96 -12.14 -19.79
N ALA A 221 -2.48 -13.15 -19.06
CA ALA A 221 -1.90 -12.91 -17.73
C ALA A 221 -0.84 -11.82 -17.76
N ASN A 222 0.04 -11.89 -18.75
CA ASN A 222 1.15 -10.93 -18.85
C ASN A 222 0.66 -9.54 -19.31
N LEU A 223 -0.29 -9.54 -20.23
CA LEU A 223 -0.95 -8.30 -20.67
C LEU A 223 -1.53 -7.58 -19.45
N ILE A 224 -2.38 -8.26 -18.68
CA ILE A 224 -3.09 -7.60 -17.56
C ILE A 224 -2.14 -7.12 -16.46
N SER A 225 -1.09 -7.93 -16.16
CA SER A 225 -0.04 -7.53 -15.20
C SER A 225 0.66 -6.28 -15.67
N SER A 226 1.01 -6.26 -16.95
CA SER A 226 1.72 -5.11 -17.47
C SER A 226 0.86 -3.85 -17.33
N ILE A 227 -0.43 -3.97 -17.68
CA ILE A 227 -1.32 -2.82 -17.59
C ILE A 227 -1.46 -2.35 -16.15
N GLN A 228 -1.57 -3.29 -15.23
CA GLN A 228 -1.77 -2.94 -13.82
C GLN A 228 -0.59 -2.13 -13.28
N THR A 229 0.60 -2.38 -13.84
CA THR A 229 1.84 -1.70 -13.37
C THR A 229 1.79 -0.19 -13.65
N ASP A 230 0.93 0.20 -14.59
CA ASP A 230 0.75 1.62 -14.96
C ASP A 230 -0.14 2.39 -14.01
N GLU A 231 -0.99 1.64 -13.30
CA GLU A 231 -2.12 2.21 -12.59
C GLU A 231 -1.72 3.27 -11.55
N SER A 232 -0.81 2.91 -10.64
CA SER A 232 -0.46 3.81 -9.52
C SER A 232 -0.01 5.20 -9.96
N ARG A 233 0.67 5.26 -11.11
CA ARG A 233 1.16 6.50 -11.72
C ARG A 233 0.10 7.60 -11.82
N HIS A 234 -1.10 7.21 -12.26
CA HIS A 234 -2.18 8.18 -12.43
C HIS A 234 -3.32 7.96 -11.45
N ALA A 235 -3.47 6.74 -10.95
CA ALA A 235 -4.50 6.54 -9.91
C ALA A 235 -4.25 7.36 -8.62
N GLN A 236 -2.99 7.77 -8.42
CA GLN A 236 -2.57 8.50 -7.25
C GLN A 236 -3.19 9.89 -7.11
N GLN A 237 -3.88 10.38 -8.16
CA GLN A 237 -4.26 11.79 -8.23
C GLN A 237 -5.43 12.20 -7.34
N GLY A 238 -6.31 11.26 -7.00
CA GLY A 238 -7.55 11.58 -6.27
C GLY A 238 -7.33 11.86 -4.77
N GLY A 239 -6.51 11.04 -4.13
CA GLY A 239 -6.14 11.26 -2.69
C GLY A 239 -5.69 12.69 -2.34
N PRO A 240 -4.70 13.21 -3.06
CA PRO A 240 -4.25 14.58 -2.81
C PRO A 240 -5.30 15.63 -3.08
N ALA A 241 -6.19 15.38 -4.04
CA ALA A 241 -7.25 16.37 -4.30
C ALA A 241 -8.18 16.36 -3.10
N LEU A 242 -8.51 15.16 -2.61
CA LEU A 242 -9.36 15.03 -1.41
C LEU A 242 -8.75 15.72 -0.20
N GLN A 243 -7.46 15.47 0.05
CA GLN A 243 -6.75 16.17 1.11
C GLN A 243 -6.89 17.68 1.01
N LEU A 244 -6.72 18.21 -0.19
CA LEU A 244 -6.78 19.65 -0.39
C LEU A 244 -8.21 20.19 -0.14
N LEU A 245 -9.24 19.51 -0.65
CA LEU A 245 -10.62 19.88 -0.36
C LEU A 245 -10.87 19.84 1.15
N ILE A 246 -10.43 18.76 1.79
CA ILE A 246 -10.62 18.58 3.25
C ILE A 246 -9.93 19.71 4.05
N GLU A 247 -8.76 20.17 3.58
CA GLU A 247 -8.01 21.28 4.18
C GLU A 247 -8.67 22.61 3.93
N ASN A 248 -9.52 22.67 2.91
CA ASN A 248 -10.06 23.95 2.50
C ASN A 248 -11.55 24.06 2.70
N GLY A 249 -12.05 23.36 3.71
CA GLY A 249 -13.46 23.53 4.11
C GLY A 249 -14.50 22.82 3.26
N LYS A 250 -14.07 21.83 2.47
CA LYS A 250 -14.98 21.09 1.58
C LYS A 250 -15.06 19.61 1.88
N ARG A 251 -14.89 19.24 3.14
CA ARG A 251 -14.95 17.82 3.51
C ARG A 251 -16.29 17.17 3.12
N GLU A 252 -17.38 17.90 3.31
CA GLU A 252 -18.71 17.34 3.06
C GLU A 252 -18.93 17.04 1.59
N GLU A 253 -18.46 17.94 0.74
CA GLU A 253 -18.51 17.75 -0.70
C GLU A 253 -17.58 16.63 -1.14
N ALA A 254 -16.42 16.52 -0.51
CA ALA A 254 -15.46 15.45 -0.83
C ALA A 254 -16.03 14.08 -0.47
N GLN A 255 -16.60 14.00 0.70
CA GLN A 255 -17.25 12.78 1.15
C GLN A 255 -18.42 12.37 0.26
N LYS A 256 -19.27 13.32 -0.10
CA LYS A 256 -20.40 13.01 -0.98
C LYS A 256 -19.93 12.38 -2.31
N LYS A 257 -18.84 12.91 -2.86
CA LYS A 257 -18.43 12.47 -4.19
C LYS A 257 -17.80 11.07 -4.12
N VAL A 258 -17.01 10.84 -3.06
CA VAL A 258 -16.49 9.51 -2.74
C VAL A 258 -17.64 8.53 -2.54
N ASP A 259 -18.65 8.94 -1.76
CA ASP A 259 -19.80 8.01 -1.45
C ASP A 259 -20.51 7.55 -2.71
N MET A 260 -20.82 8.52 -3.56
CA MET A 260 -21.52 8.22 -4.83
C MET A 260 -20.65 7.28 -5.70
N ALA A 261 -19.37 7.61 -5.83
CA ALA A 261 -18.54 6.88 -6.82
C ALA A 261 -18.28 5.46 -6.40
N ILE A 262 -18.04 5.25 -5.10
CA ILE A 262 -17.86 3.86 -4.61
C ILE A 262 -19.12 3.00 -4.86
N TRP A 263 -20.31 3.55 -4.61
CA TRP A 263 -21.54 2.77 -4.80
C TRP A 263 -21.72 2.40 -6.24
N ARG A 264 -21.54 3.39 -7.11
CA ARG A 264 -21.78 3.19 -8.52
C ARG A 264 -20.82 2.14 -9.07
N ALA A 265 -19.55 2.24 -8.65
CA ALA A 265 -18.52 1.29 -9.03
C ALA A 265 -18.92 -0.10 -8.57
N TRP A 266 -19.39 -0.19 -7.32
CA TRP A 266 -19.79 -1.50 -6.75
C TRP A 266 -20.87 -2.21 -7.60
N ARG A 267 -21.92 -1.49 -7.99
CA ARG A 267 -23.05 -2.12 -8.70
C ARG A 267 -22.58 -2.72 -10.03
N LEU A 268 -21.76 -1.98 -10.76
CA LEU A 268 -21.21 -2.48 -12.04
C LEU A 268 -20.26 -3.65 -11.83
N PHE A 269 -19.40 -3.55 -10.81
CA PHE A 269 -18.47 -4.62 -10.39
C PHE A 269 -19.21 -5.93 -10.08
N ALA A 270 -20.34 -5.81 -9.38
CA ALA A 270 -21.14 -6.97 -9.01
C ALA A 270 -21.74 -7.71 -10.19
N VAL A 271 -22.09 -6.99 -11.26
CA VAL A 271 -22.67 -7.68 -12.45
C VAL A 271 -21.65 -8.24 -13.42
N LEU A 272 -20.51 -7.56 -13.53
CA LEU A 272 -19.48 -7.86 -14.52
C LEU A 272 -18.46 -8.85 -14.00
N THR A 273 -18.09 -8.71 -12.73
CA THR A 273 -17.00 -9.50 -12.15
C THR A 273 -17.50 -10.49 -11.11
N GLY A 274 -18.49 -10.11 -10.29
CA GLY A 274 -19.06 -11.07 -9.33
C GLY A 274 -19.30 -12.46 -9.92
N PRO A 275 -20.10 -12.53 -11.00
CA PRO A 275 -20.48 -13.82 -11.58
C PRO A 275 -19.33 -14.60 -12.13
N VAL A 276 -18.33 -13.87 -12.65
CA VAL A 276 -17.16 -14.49 -13.24
C VAL A 276 -16.46 -15.35 -12.19
N MET A 277 -16.27 -14.76 -11.01
CA MET A 277 -15.46 -15.35 -9.94
C MET A 277 -16.13 -16.57 -9.31
N ASP A 278 -17.45 -16.52 -9.15
CA ASP A 278 -18.23 -17.56 -8.46
C ASP A 278 -18.91 -18.55 -9.40
N TYR A 279 -19.00 -18.26 -10.69
CA TYR A 279 -19.71 -19.16 -11.58
C TYR A 279 -18.96 -19.52 -12.85
N TYR A 280 -18.06 -18.64 -13.32
CA TYR A 280 -17.45 -18.90 -14.62
C TYR A 280 -16.14 -19.65 -14.47
N THR A 281 -15.29 -19.16 -13.59
CA THR A 281 -14.02 -19.78 -13.26
C THR A 281 -14.33 -21.20 -12.83
N PRO A 282 -13.66 -22.20 -13.43
CA PRO A 282 -14.00 -23.58 -13.04
C PRO A 282 -13.75 -23.81 -11.56
N LEU A 283 -14.59 -24.63 -10.95
CA LEU A 283 -14.55 -24.90 -9.51
C LEU A 283 -13.13 -25.10 -8.95
N GLU A 284 -12.40 -26.05 -9.52
CA GLU A 284 -11.10 -26.47 -9.01
C GLU A 284 -10.04 -25.36 -9.07
N ASP A 285 -10.33 -24.36 -9.91
CA ASP A 285 -9.43 -23.22 -10.12
C ASP A 285 -9.87 -22.00 -9.36
N ARG A 286 -10.86 -22.19 -8.49
CA ARG A 286 -11.37 -21.12 -7.66
C ARG A 286 -10.51 -20.92 -6.45
N SER A 287 -9.74 -19.82 -6.50
CA SER A 287 -8.83 -19.39 -5.45
C SER A 287 -9.62 -19.03 -4.20
N GLN A 288 -10.77 -18.40 -4.42
CA GLN A 288 -11.60 -17.83 -3.37
C GLN A 288 -12.94 -17.44 -4.01
N SER A 289 -13.87 -16.98 -3.18
CA SER A 289 -15.16 -16.52 -3.68
C SER A 289 -15.11 -14.99 -3.90
N PHE A 290 -16.16 -14.43 -4.53
CA PHE A 290 -16.24 -12.98 -4.79
C PHE A 290 -16.26 -12.20 -3.48
N LYS A 291 -17.01 -12.69 -2.49
CA LYS A 291 -17.06 -12.01 -1.21
C LYS A 291 -15.69 -12.04 -0.53
N GLU A 292 -15.00 -13.16 -0.61
CA GLU A 292 -13.65 -13.24 -0.06
C GLU A 292 -12.76 -12.24 -0.74
N PHE A 293 -12.84 -12.16 -2.07
CA PHE A 293 -12.09 -11.14 -2.82
C PHE A 293 -12.37 -9.75 -2.26
N MET A 294 -13.64 -9.40 -2.12
CA MET A 294 -14.03 -8.08 -1.62
C MET A 294 -13.44 -7.84 -0.22
N TYR A 295 -13.52 -8.87 0.62
CA TYR A 295 -12.96 -8.77 1.97
C TYR A 295 -11.43 -8.73 2.04
N GLU A 296 -10.75 -9.46 1.15
CA GLU A 296 -9.28 -9.47 1.14
C GLU A 296 -8.64 -8.26 0.48
N TRP A 297 -9.27 -7.79 -0.61
CA TRP A 297 -8.66 -6.85 -1.54
C TRP A 297 -9.31 -5.46 -1.62
N ILE A 298 -10.58 -5.35 -1.26
CA ILE A 298 -11.38 -4.13 -1.48
C ILE A 298 -11.86 -3.37 -0.21
N ILE A 299 -12.50 -4.06 0.73
CA ILE A 299 -13.21 -3.39 1.84
C ILE A 299 -12.29 -2.70 2.85
N GLY A 300 -11.38 -3.47 3.45
CA GLY A 300 -10.40 -2.96 4.40
C GLY A 300 -9.53 -1.86 3.83
N GLN A 301 -9.19 -1.97 2.54
CA GLN A 301 -8.39 -0.98 1.83
C GLN A 301 -9.07 0.36 1.73
N PHE A 302 -10.36 0.34 1.36
CA PHE A 302 -11.19 1.52 1.38
C PHE A 302 -11.24 2.07 2.80
N GLU A 303 -11.52 1.22 3.76
CA GLU A 303 -11.64 1.73 5.13
C GLU A 303 -10.37 2.49 5.55
N ARG A 304 -9.20 1.89 5.32
CA ARG A 304 -7.93 2.47 5.76
C ARG A 304 -7.53 3.73 5.00
N SER A 305 -7.70 3.73 3.66
CA SER A 305 -7.39 4.96 2.90
C SER A 305 -8.33 6.11 3.24
N LEU A 306 -9.61 5.81 3.50
CA LEU A 306 -10.56 6.86 3.92
C LEU A 306 -10.17 7.44 5.28
N ILE A 307 -9.94 6.57 6.25
CA ILE A 307 -9.39 6.97 7.58
C ILE A 307 -8.12 7.80 7.37
N ASP A 308 -7.21 7.31 6.54
CA ASP A 308 -5.97 8.05 6.29
C ASP A 308 -6.22 9.49 5.82
N LEU A 309 -7.31 9.73 5.08
CA LEU A 309 -7.58 11.09 4.57
C LEU A 309 -8.35 11.96 5.54
N GLY A 310 -8.78 11.42 6.66
CA GLY A 310 -9.73 12.14 7.51
C GLY A 310 -11.18 12.06 7.01
N LEU A 311 -11.46 11.14 6.09
CA LEU A 311 -12.84 10.88 5.67
C LEU A 311 -13.40 9.71 6.51
N ASP A 312 -14.70 9.43 6.34
CA ASP A 312 -15.42 8.43 7.09
C ASP A 312 -15.87 7.35 6.15
N LYS A 313 -16.23 6.20 6.69
CA LYS A 313 -16.91 5.19 5.91
C LYS A 313 -18.19 5.78 5.38
N PRO A 314 -18.57 5.46 4.13
CA PRO A 314 -19.85 5.99 3.60
C PRO A 314 -21.05 5.63 4.50
N TRP A 315 -22.06 6.52 4.52
CA TRP A 315 -23.29 6.32 5.32
C TRP A 315 -23.92 4.95 5.06
N TYR A 316 -23.73 4.43 3.85
CA TYR A 316 -24.31 3.15 3.48
C TYR A 316 -23.44 1.92 3.75
N TRP A 317 -22.38 2.03 4.55
CA TRP A 317 -21.45 0.91 4.63
C TRP A 317 -22.12 -0.41 5.00
N ASP A 318 -23.02 -0.38 5.97
CA ASP A 318 -23.78 -1.60 6.33
C ASP A 318 -24.52 -2.21 5.13
N LEU A 319 -25.15 -1.39 4.33
CA LEU A 319 -25.81 -1.90 3.13
C LEU A 319 -24.85 -2.55 2.13
N PHE A 320 -23.71 -1.93 1.92
CA PHE A 320 -22.67 -2.44 1.00
C PHE A 320 -22.23 -3.83 1.44
N LEU A 321 -21.90 -3.98 2.72
CA LEU A 321 -21.44 -5.27 3.27
C LEU A 321 -22.54 -6.32 3.11
N LYS A 322 -23.78 -5.88 3.31
CA LYS A 322 -24.92 -6.76 3.11
C LYS A 322 -25.03 -7.19 1.63
N ASP A 323 -24.93 -6.22 0.71
CA ASP A 323 -24.99 -6.50 -0.73
C ASP A 323 -23.97 -7.53 -1.16
N ILE A 324 -22.81 -7.55 -0.49
CA ILE A 324 -21.73 -8.44 -0.90
C ILE A 324 -22.15 -9.90 -0.79
N ASP A 325 -22.97 -10.22 0.21
CA ASP A 325 -23.53 -11.58 0.41
C ASP A 325 -24.56 -12.01 -0.66
N GLU A 326 -25.21 -11.05 -1.33
CA GLU A 326 -26.49 -11.28 -2.03
C GLU A 326 -26.54 -10.84 -3.51
N LEU A 327 -26.05 -9.62 -3.77
CA LEU A 327 -26.36 -8.92 -5.03
C LEU A 327 -25.90 -9.67 -6.25
N HIS A 328 -24.62 -10.07 -6.26
CA HIS A 328 -24.05 -10.67 -7.47
C HIS A 328 -24.69 -12.00 -7.80
N HIS A 329 -25.18 -12.71 -6.78
CA HIS A 329 -25.87 -14.00 -7.03
C HIS A 329 -27.13 -13.79 -7.86
N SER A 330 -27.81 -12.68 -7.57
CA SER A 330 -29.00 -12.31 -8.35
C SER A 330 -28.64 -11.71 -9.71
N TYR A 331 -27.63 -10.85 -9.74
CA TYR A 331 -27.14 -10.31 -11.03
C TYR A 331 -26.74 -11.46 -11.99
N HIS A 332 -26.01 -12.47 -11.47
CA HIS A 332 -25.67 -13.68 -12.26
C HIS A 332 -26.89 -14.37 -12.84
N MET A 333 -27.93 -14.54 -12.01
CA MET A 333 -29.14 -15.21 -12.43
C MET A 333 -29.82 -14.39 -13.54
N GLY A 334 -29.81 -13.07 -13.40
CA GLY A 334 -30.32 -12.13 -14.40
C GLY A 334 -29.57 -12.22 -15.73
N VAL A 335 -28.25 -12.14 -15.69
CA VAL A 335 -27.41 -12.34 -16.88
C VAL A 335 -27.63 -13.70 -17.52
N TRP A 336 -27.70 -14.76 -16.71
CA TRP A 336 -27.81 -16.09 -17.32
C TRP A 336 -29.20 -16.34 -17.97
N TYR A 337 -30.27 -15.98 -17.25
CA TYR A 337 -31.61 -16.20 -17.76
C TYR A 337 -31.93 -15.36 -19.02
N TRP A 338 -31.42 -14.12 -19.06
CA TRP A 338 -31.46 -13.29 -20.24
C TRP A 338 -30.17 -13.36 -21.06
N ARG A 339 -29.56 -14.56 -21.14
CA ARG A 339 -28.25 -14.69 -21.75
C ARG A 339 -28.22 -14.28 -23.20
N THR A 340 -29.35 -14.46 -23.89
CA THR A 340 -29.42 -14.11 -25.30
C THR A 340 -29.15 -12.62 -25.55
N THR A 341 -29.29 -11.80 -24.51
CA THR A 341 -29.02 -10.37 -24.57
C THR A 341 -27.57 -9.97 -24.27
N ALA A 342 -26.76 -10.93 -23.80
CA ALA A 342 -25.32 -10.68 -23.55
C ALA A 342 -24.48 -10.96 -24.80
N TRP A 343 -23.35 -10.27 -24.94
CA TRP A 343 -22.42 -10.57 -26.02
C TRP A 343 -21.41 -11.70 -25.64
N TRP A 344 -21.60 -12.34 -24.49
CA TRP A 344 -20.72 -13.45 -24.08
C TRP A 344 -21.66 -14.57 -23.64
N ASN A 345 -21.08 -15.76 -23.44
CA ASN A 345 -21.86 -16.95 -23.09
C ASN A 345 -21.78 -17.20 -21.59
N PRO A 346 -22.81 -16.79 -20.83
CA PRO A 346 -22.71 -17.03 -19.37
C PRO A 346 -22.68 -18.51 -18.99
N ALA A 347 -21.83 -18.85 -18.02
CA ALA A 347 -21.77 -20.19 -17.40
C ALA A 347 -22.77 -20.21 -16.25
N ALA A 348 -23.67 -21.19 -16.23
CA ALA A 348 -24.66 -21.31 -15.14
C ALA A 348 -23.99 -21.53 -13.77
N GLY A 349 -23.05 -22.48 -13.71
CA GLY A 349 -22.20 -22.70 -12.52
C GLY A 349 -22.92 -23.39 -11.39
N VAL A 350 -23.86 -24.25 -11.75
CA VAL A 350 -24.72 -24.91 -10.76
C VAL A 350 -24.70 -26.45 -10.87
N THR A 351 -23.53 -27.04 -11.13
CA THR A 351 -23.38 -28.48 -10.85
C THR A 351 -23.53 -28.70 -9.34
N PRO A 352 -23.89 -29.94 -8.91
CA PRO A 352 -23.98 -30.19 -7.47
C PRO A 352 -22.68 -29.82 -6.75
N GLU A 353 -21.57 -30.17 -7.38
CA GLU A 353 -20.24 -29.86 -6.86
C GLU A 353 -20.08 -28.34 -6.66
N GLU A 354 -20.57 -27.58 -7.64
CA GLU A 354 -20.52 -26.12 -7.56
C GLU A 354 -21.45 -25.57 -6.50
N ARG A 355 -22.65 -26.13 -6.40
CA ARG A 355 -23.63 -25.78 -5.37
C ARG A 355 -23.14 -25.98 -3.94
N ASP A 356 -22.39 -27.06 -3.68
CA ASP A 356 -21.69 -27.25 -2.37
C ASP A 356 -20.71 -26.14 -2.04
N TRP A 357 -19.91 -25.76 -3.03
CA TRP A 357 -18.98 -24.62 -2.92
C TRP A 357 -19.71 -23.32 -2.57
N LEU A 358 -20.79 -23.06 -3.30
CA LEU A 358 -21.62 -21.87 -3.07
C LEU A 358 -22.20 -21.90 -1.66
N GLU A 359 -22.64 -23.08 -1.23
CA GLU A 359 -23.14 -23.23 0.13
C GLU A 359 -22.14 -22.92 1.23
N GLU A 360 -20.89 -23.39 1.08
CA GLU A 360 -19.85 -23.13 2.10
C GLU A 360 -19.33 -21.71 2.06
N LYS A 361 -19.32 -21.11 0.87
CA LYS A 361 -18.96 -19.70 0.74
C LYS A 361 -20.09 -18.75 1.15
N TYR A 362 -21.33 -19.16 0.92
CA TYR A 362 -22.50 -18.33 1.27
C TYR A 362 -23.57 -19.23 1.90
N PRO A 363 -23.43 -19.48 3.21
CA PRO A 363 -24.41 -20.33 3.88
C PRO A 363 -25.88 -19.85 3.66
N GLY A 364 -26.72 -20.76 3.20
CA GLY A 364 -28.11 -20.45 2.84
C GLY A 364 -28.31 -20.24 1.35
N TRP A 365 -27.24 -20.41 0.57
CA TRP A 365 -27.31 -20.20 -0.88
C TRP A 365 -28.38 -21.11 -1.50
N ASN A 366 -28.34 -22.39 -1.14
CA ASN A 366 -29.30 -23.33 -1.71
C ASN A 366 -30.75 -23.03 -1.37
N LYS A 367 -31.00 -22.40 -0.23
CA LYS A 367 -32.37 -22.06 0.22
C LYS A 367 -32.85 -20.74 -0.39
N ARG A 368 -31.96 -20.01 -1.04
CA ARG A 368 -32.30 -18.78 -1.72
C ARG A 368 -32.20 -18.98 -3.24
N TRP A 369 -31.05 -18.70 -3.84
CA TRP A 369 -30.86 -18.86 -5.30
C TRP A 369 -31.00 -20.29 -5.78
N GLY A 370 -30.62 -21.24 -4.93
CA GLY A 370 -30.79 -22.63 -5.27
C GLY A 370 -32.22 -22.97 -5.61
N ARG A 371 -33.20 -22.33 -4.95
CA ARG A 371 -34.63 -22.58 -5.26
C ARG A 371 -34.99 -22.31 -6.72
N CYS A 372 -34.51 -21.17 -7.23
CA CYS A 372 -34.71 -20.79 -8.64
C CYS A 372 -33.97 -21.74 -9.54
N TRP A 373 -32.71 -22.01 -9.22
CA TRP A 373 -31.89 -22.92 -10.03
C TRP A 373 -32.43 -24.35 -10.00
N ASP A 374 -33.14 -24.70 -8.93
CA ASP A 374 -33.84 -25.99 -8.88
C ASP A 374 -34.83 -26.11 -10.06
N VAL A 375 -35.72 -25.13 -10.17
CA VAL A 375 -36.75 -25.08 -11.23
C VAL A 375 -36.11 -25.10 -12.62
N ILE A 376 -35.12 -24.23 -12.81
CA ILE A 376 -34.36 -24.16 -14.05
C ILE A 376 -33.75 -25.50 -14.47
N THR A 377 -32.99 -26.13 -13.55
CA THR A 377 -32.38 -27.45 -13.78
C THR A 377 -33.41 -28.54 -14.17
N GLU A 378 -34.53 -28.61 -13.46
CA GLU A 378 -35.60 -29.54 -13.80
C GLU A 378 -36.10 -29.32 -15.23
N ASN A 379 -36.29 -28.05 -15.62
CA ASN A 379 -36.72 -27.75 -16.98
C ASN A 379 -35.73 -28.25 -18.04
N VAL A 380 -34.45 -28.01 -17.82
CA VAL A 380 -33.40 -28.47 -18.74
C VAL A 380 -33.40 -30.01 -18.88
N LEU A 381 -33.46 -30.70 -17.74
CA LEU A 381 -33.43 -32.17 -17.74
C LEU A 381 -34.63 -32.81 -18.45
N ASN A 382 -35.74 -32.09 -18.49
CA ASN A 382 -36.94 -32.57 -19.15
C ASN A 382 -37.20 -31.86 -20.48
N ASP A 383 -36.11 -31.32 -21.03
CA ASP A 383 -36.12 -30.62 -22.31
C ASP A 383 -37.34 -29.69 -22.50
N ARG A 384 -37.63 -28.93 -21.45
CA ARG A 384 -38.58 -27.83 -21.56
C ARG A 384 -37.78 -26.55 -21.64
N MET A 385 -37.17 -26.36 -22.82
CA MET A 385 -36.26 -25.24 -23.08
C MET A 385 -36.97 -23.90 -23.25
N ASP A 386 -38.23 -23.96 -23.70
CA ASP A 386 -39.07 -22.77 -23.74
C ASP A 386 -39.12 -22.06 -22.39
N LEU A 387 -39.04 -22.83 -21.30
CA LEU A 387 -39.16 -22.27 -19.95
C LEU A 387 -37.84 -21.75 -19.39
N VAL A 388 -36.77 -21.91 -20.16
CA VAL A 388 -35.44 -21.48 -19.77
C VAL A 388 -35.00 -20.22 -20.58
N SER A 389 -35.92 -19.67 -21.37
CA SER A 389 -35.73 -18.39 -22.08
C SER A 389 -36.87 -17.42 -21.78
N PRO A 390 -36.55 -16.13 -21.59
CA PRO A 390 -37.57 -15.14 -21.22
C PRO A 390 -38.47 -14.69 -22.37
N GLU A 391 -39.66 -14.23 -21.99
CA GLU A 391 -40.62 -13.70 -22.95
C GLU A 391 -41.07 -12.35 -22.45
N THR A 392 -40.35 -11.79 -21.49
CA THR A 392 -40.51 -10.39 -21.10
C THR A 392 -39.14 -9.75 -20.75
N LEU A 393 -39.14 -8.46 -20.43
CA LEU A 393 -37.92 -7.76 -20.04
C LEU A 393 -37.88 -7.65 -18.52
N PRO A 394 -36.67 -7.67 -17.93
CA PRO A 394 -36.57 -7.34 -16.50
C PRO A 394 -36.83 -5.87 -16.28
N SER A 395 -37.32 -5.50 -15.09
CA SER A 395 -37.41 -4.10 -14.72
C SER A 395 -35.99 -3.63 -14.40
N VAL A 396 -35.64 -2.40 -14.81
CA VAL A 396 -34.24 -1.92 -14.69
C VAL A 396 -34.10 -0.67 -13.79
N CYS A 397 -33.04 -0.64 -12.98
CA CYS A 397 -32.72 0.51 -12.14
C CYS A 397 -32.43 1.74 -13.02
N ASN A 398 -33.02 2.87 -12.67
CA ASN A 398 -32.78 4.13 -13.37
C ASN A 398 -31.44 4.79 -13.06
N MET A 399 -30.68 4.17 -12.16
CA MET A 399 -29.30 4.62 -11.94
C MET A 399 -28.32 3.63 -12.55
N SER A 400 -28.28 2.39 -12.03
CA SER A 400 -27.22 1.47 -12.45
C SER A 400 -27.45 0.90 -13.86
N GLN A 401 -28.70 0.95 -14.30
CA GLN A 401 -29.06 0.37 -15.62
C GLN A 401 -29.03 -1.13 -15.60
N ILE A 402 -29.06 -1.69 -14.39
CA ILE A 402 -29.09 -3.15 -14.21
C ILE A 402 -30.46 -3.56 -13.62
N PRO A 403 -30.96 -4.76 -13.96
CA PRO A 403 -32.24 -5.24 -13.41
C PRO A 403 -32.40 -5.15 -11.92
N LEU A 404 -33.65 -4.96 -11.52
CA LEU A 404 -34.03 -4.76 -10.16
C LEU A 404 -34.17 -6.15 -9.54
N VAL A 405 -33.27 -6.45 -8.61
CA VAL A 405 -33.20 -7.78 -8.04
C VAL A 405 -33.39 -7.83 -6.53
N GLY A 406 -33.56 -9.05 -6.01
CA GLY A 406 -33.63 -9.23 -4.57
C GLY A 406 -33.19 -10.64 -4.19
N VAL A 407 -33.58 -11.07 -3.00
CA VAL A 407 -33.18 -12.39 -2.54
C VAL A 407 -34.37 -13.27 -2.79
N PRO A 408 -34.16 -14.37 -3.49
CA PRO A 408 -35.27 -15.22 -3.85
C PRO A 408 -35.45 -16.35 -2.82
N GLY A 409 -36.34 -17.28 -3.10
CA GLY A 409 -36.48 -18.49 -2.28
C GLY A 409 -37.08 -18.27 -0.90
N ASP A 410 -36.55 -18.97 0.09
CA ASP A 410 -37.17 -19.03 1.42
C ASP A 410 -37.17 -17.68 2.12
N ASP A 411 -36.10 -16.93 1.94
CA ASP A 411 -35.96 -15.64 2.61
C ASP A 411 -36.37 -14.50 1.67
N TRP A 412 -37.39 -14.74 0.84
CA TRP A 412 -37.77 -13.80 -0.23
C TRP A 412 -37.87 -12.38 0.27
N ASN A 413 -36.93 -11.55 -0.17
CA ASN A 413 -37.02 -10.13 0.11
C ASN A 413 -36.55 -9.32 -1.10
N ILE A 414 -37.42 -8.46 -1.62
CA ILE A 414 -37.05 -7.63 -2.77
C ILE A 414 -37.59 -6.23 -2.54
N GLU A 415 -36.74 -5.22 -2.71
CA GLU A 415 -37.19 -3.86 -2.54
C GLU A 415 -36.75 -2.94 -3.69
N VAL A 416 -37.69 -2.16 -4.20
CA VAL A 416 -37.45 -1.17 -5.23
C VAL A 416 -37.63 0.16 -4.53
N PHE A 417 -36.70 1.10 -4.76
CA PHE A 417 -36.75 2.41 -4.14
C PHE A 417 -37.15 3.39 -5.22
N SER A 418 -38.40 3.80 -5.19
CA SER A 418 -38.99 4.61 -6.24
C SER A 418 -38.98 6.10 -5.87
N LEU A 419 -39.14 6.93 -6.91
CA LEU A 419 -39.08 8.37 -6.73
C LEU A 419 -39.93 9.07 -7.80
N GLU A 420 -40.83 9.94 -7.34
CA GLU A 420 -41.48 10.86 -8.26
C GLU A 420 -40.71 12.17 -8.29
N HIS A 421 -40.34 12.61 -9.49
CA HIS A 421 -39.46 13.76 -9.64
C HIS A 421 -39.79 14.45 -10.93
N ASN A 422 -40.15 15.72 -10.84
CA ASN A 422 -40.54 16.50 -12.02
C ASN A 422 -41.53 15.71 -12.89
N GLY A 423 -42.51 15.03 -12.26
CA GLY A 423 -43.63 14.42 -12.96
C GLY A 423 -43.38 13.08 -13.61
N ARG A 424 -42.26 12.45 -13.26
CA ARG A 424 -41.91 11.14 -13.77
C ARG A 424 -41.64 10.17 -12.59
N LEU A 425 -42.05 8.91 -12.77
CA LEU A 425 -41.81 7.86 -11.80
C LEU A 425 -40.51 7.15 -12.14
N TYR A 426 -39.55 7.24 -11.22
CA TYR A 426 -38.25 6.54 -11.38
C TYR A 426 -38.18 5.39 -10.38
N HIS A 427 -37.50 4.31 -10.75
CA HIS A 427 -37.30 3.15 -9.88
C HIS A 427 -35.82 2.83 -9.70
N PHE A 428 -35.41 2.61 -8.46
CA PHE A 428 -34.01 2.28 -8.20
C PHE A 428 -33.82 0.97 -7.48
N GLY A 429 -32.64 0.37 -7.63
CA GLY A 429 -32.38 -0.96 -7.12
C GLY A 429 -31.85 -0.96 -5.71
N SER A 430 -31.69 0.23 -5.15
CA SER A 430 -31.23 0.38 -3.75
C SER A 430 -31.58 1.77 -3.21
N GLU A 431 -31.51 1.93 -1.90
CA GLU A 431 -31.64 3.21 -1.24
C GLU A 431 -30.52 4.15 -1.71
N VAL A 432 -29.33 3.58 -1.95
CA VAL A 432 -28.17 4.37 -2.34
C VAL A 432 -28.27 4.89 -3.77
N ASP A 433 -28.75 4.05 -4.69
CA ASP A 433 -28.98 4.49 -6.07
C ASP A 433 -29.93 5.67 -6.19
N ARG A 434 -31.04 5.61 -5.44
CA ARG A 434 -31.99 6.75 -5.37
C ARG A 434 -31.29 7.98 -4.81
N TRP A 435 -30.47 7.80 -3.77
CA TRP A 435 -29.77 8.91 -3.11
C TRP A 435 -28.84 9.57 -4.13
N VAL A 436 -28.11 8.74 -4.87
CA VAL A 436 -27.17 9.23 -5.91
C VAL A 436 -27.91 10.11 -6.93
N PHE A 437 -29.05 9.62 -7.44
CA PHE A 437 -29.91 10.44 -8.30
C PHE A 437 -30.22 11.82 -7.68
N GLN A 438 -30.70 11.79 -6.44
CA GLN A 438 -31.11 13.01 -5.73
C GLN A 438 -29.95 13.96 -5.39
N GLN A 439 -28.73 13.43 -5.35
CA GLN A 439 -27.53 14.30 -5.13
C GLN A 439 -27.27 15.19 -6.34
N ASP A 440 -27.68 14.74 -7.52
CA ASP A 440 -27.37 15.53 -8.72
C ASP A 440 -28.37 15.27 -9.83
N PRO A 441 -29.64 15.71 -9.63
CA PRO A 441 -30.69 15.31 -10.57
C PRO A 441 -30.50 15.72 -12.03
N VAL A 442 -29.89 16.88 -12.26
CA VAL A 442 -29.71 17.36 -13.62
C VAL A 442 -28.77 16.43 -14.42
N GLN A 443 -27.91 15.66 -13.74
CA GLN A 443 -27.06 14.67 -14.43
C GLN A 443 -27.85 13.51 -15.06
N TYR A 444 -29.02 13.21 -14.46
CA TYR A 444 -29.73 11.92 -14.64
C TYR A 444 -31.17 12.02 -15.15
N GLN A 445 -31.82 13.13 -14.83
CA GLN A 445 -33.28 13.20 -14.84
C GLN A 445 -33.95 12.86 -16.18
N ASN A 446 -33.40 13.28 -17.31
CA ASN A 446 -34.08 12.92 -18.55
C ASN A 446 -33.54 11.69 -19.23
N HIS A 447 -32.63 10.97 -18.57
CA HIS A 447 -32.11 9.74 -19.12
C HIS A 447 -33.21 8.69 -19.10
N MET A 448 -33.28 7.94 -20.17
CA MET A 448 -34.21 6.85 -20.26
C MET A 448 -33.50 5.51 -20.31
N ASN A 449 -33.80 4.64 -19.34
CA ASN A 449 -33.23 3.30 -19.40
C ASN A 449 -33.86 2.44 -20.50
N ILE A 450 -33.34 1.23 -20.67
CA ILE A 450 -33.68 0.47 -21.85
C ILE A 450 -35.18 0.10 -21.84
N VAL A 451 -35.70 -0.13 -20.64
CA VAL A 451 -37.13 -0.42 -20.46
C VAL A 451 -37.97 0.83 -20.64
N ASP A 452 -37.50 1.98 -20.18
CA ASP A 452 -38.17 3.27 -20.48
C ASP A 452 -38.30 3.50 -21.97
N ARG A 453 -37.21 3.23 -22.71
CA ARG A 453 -37.23 3.30 -24.17
C ARG A 453 -38.21 2.33 -24.82
N PHE A 454 -38.20 1.08 -24.36
CA PHE A 454 -39.15 0.03 -24.81
C PHE A 454 -40.62 0.47 -24.65
N LEU A 455 -40.95 1.06 -23.51
CA LEU A 455 -42.32 1.46 -23.20
C LEU A 455 -42.69 2.70 -23.98
N ALA A 456 -41.68 3.53 -24.29
CA ALA A 456 -41.94 4.77 -24.98
C ALA A 456 -42.07 4.60 -26.50
N GLY A 457 -41.86 3.41 -27.05
CA GLY A 457 -42.03 3.21 -28.50
C GLY A 457 -40.76 3.22 -29.35
N GLN A 458 -39.60 3.43 -28.70
CA GLN A 458 -38.29 3.54 -29.38
C GLN A 458 -37.74 2.24 -29.92
N ILE A 459 -38.29 1.12 -29.44
CA ILE A 459 -37.80 -0.22 -29.79
C ILE A 459 -38.88 -0.92 -30.57
N GLN A 460 -38.60 -1.12 -31.86
CA GLN A 460 -39.60 -1.68 -32.75
C GLN A 460 -39.08 -2.90 -33.46
N PRO A 461 -39.88 -3.99 -33.48
CA PRO A 461 -41.15 -4.17 -32.77
C PRO A 461 -40.95 -4.26 -31.28
N MET A 462 -42.03 -4.05 -30.54
CA MET A 462 -41.96 -4.03 -29.07
C MET A 462 -42.00 -5.48 -28.58
N THR A 463 -40.93 -6.22 -28.81
CA THR A 463 -40.82 -7.62 -28.53
C THR A 463 -39.35 -7.99 -28.21
N LEU A 464 -39.15 -9.23 -27.77
CA LEU A 464 -37.81 -9.74 -27.56
C LEU A 464 -36.97 -9.51 -28.75
N GLU A 465 -37.39 -10.00 -29.91
CA GLU A 465 -36.58 -9.85 -31.11
C GLU A 465 -36.32 -8.37 -31.46
N GLY A 466 -37.31 -7.52 -31.32
CA GLY A 466 -37.11 -6.07 -31.45
C GLY A 466 -35.98 -5.55 -30.57
N ALA A 467 -36.02 -5.91 -29.28
CA ALA A 467 -35.01 -5.51 -28.28
C ALA A 467 -33.62 -5.94 -28.68
N LEU A 468 -33.47 -7.20 -29.08
CA LEU A 468 -32.19 -7.74 -29.55
C LEU A 468 -31.61 -7.00 -30.75
N LYS A 469 -32.45 -6.65 -31.72
CA LYS A 469 -31.99 -5.83 -32.83
CA LYS A 469 -32.01 -5.81 -32.84
C LYS A 469 -31.60 -4.42 -32.36
N TYR A 470 -32.41 -3.84 -31.45
CA TYR A 470 -32.09 -2.51 -30.89
C TYR A 470 -30.71 -2.52 -30.20
N MET A 471 -30.40 -3.65 -29.55
CA MET A 471 -29.19 -3.82 -28.75
C MET A 471 -27.94 -4.04 -29.57
N GLY A 472 -28.15 -4.20 -30.86
CA GLY A 472 -27.03 -4.20 -31.81
C GLY A 472 -26.51 -5.56 -32.23
N PHE A 473 -27.24 -6.64 -31.93
CA PHE A 473 -26.86 -7.96 -32.44
C PHE A 473 -27.07 -8.05 -33.95
N GLN A 474 -26.10 -8.69 -34.63
CA GLN A 474 -26.02 -8.75 -36.09
C GLN A 474 -26.14 -10.17 -36.64
N SER A 475 -26.01 -11.16 -35.76
CA SER A 475 -26.25 -12.55 -36.16
C SER A 475 -26.65 -13.40 -34.96
N ILE A 476 -27.15 -14.60 -35.26
CA ILE A 476 -27.50 -15.61 -34.25
C ILE A 476 -26.34 -15.94 -33.31
N GLU A 477 -25.16 -16.11 -33.88
CA GLU A 477 -24.00 -16.52 -33.11
C GLU A 477 -23.53 -15.48 -32.08
N GLU A 478 -23.88 -14.21 -32.26
CA GLU A 478 -23.45 -13.17 -31.30
C GLU A 478 -24.17 -13.20 -29.95
N MET A 479 -25.40 -13.69 -29.94
CA MET A 479 -26.22 -13.69 -28.75
C MET A 479 -25.75 -14.75 -27.78
N GLY A 480 -25.72 -14.38 -26.50
CA GLY A 480 -25.19 -15.27 -25.47
C GLY A 480 -25.98 -16.58 -25.37
N LYS A 481 -25.24 -17.66 -25.13
CA LYS A 481 -25.81 -18.99 -24.90
C LYS A 481 -25.20 -19.50 -23.61
N ASP A 482 -25.71 -20.63 -23.11
CA ASP A 482 -25.06 -21.25 -21.97
C ASP A 482 -23.64 -21.67 -22.34
N ALA A 483 -22.66 -21.32 -21.53
CA ALA A 483 -21.23 -21.50 -21.87
C ALA A 483 -20.85 -22.93 -22.22
N HIS A 484 -21.42 -23.87 -21.48
CA HIS A 484 -21.05 -25.29 -21.57
C HIS A 484 -22.11 -26.09 -22.29
N ASP A 485 -22.93 -25.38 -23.07
CA ASP A 485 -24.06 -25.96 -23.76
C ASP A 485 -24.93 -26.93 -22.92
N PHE A 486 -25.20 -26.53 -21.67
CA PHE A 486 -26.03 -27.31 -20.73
C PHE A 486 -25.43 -28.65 -20.28
N ALA A 487 -24.15 -28.89 -20.57
CA ALA A 487 -23.44 -30.08 -20.06
C ALA A 487 -23.48 -30.21 -18.52
N TRP A 488 -23.66 -29.10 -17.80
CA TRP A 488 -23.75 -29.13 -16.34
C TRP A 488 -24.97 -29.95 -15.87
N ALA A 489 -26.03 -29.97 -16.67
CA ALA A 489 -27.26 -30.70 -16.32
C ALA A 489 -27.05 -32.21 -16.23
N ASP A 490 -26.00 -32.72 -16.89
CA ASP A 490 -25.61 -34.14 -16.81
C ASP A 490 -25.21 -34.55 -15.40
N LYS A 491 -24.67 -33.60 -14.64
CA LYS A 491 -24.27 -33.83 -13.25
C LYS A 491 -25.45 -33.68 -12.30
N CYS A 492 -26.64 -33.48 -12.87
CA CYS A 492 -27.87 -33.28 -12.09
C CYS A 492 -28.86 -34.44 -12.31
N PHE B 3 -33.10 -13.04 -37.19
CA PHE B 3 -31.60 -13.18 -37.16
C PHE B 3 -31.09 -14.34 -38.01
N GLU B 4 -30.01 -14.10 -38.75
CA GLU B 4 -29.42 -15.13 -39.57
C GLU B 4 -28.04 -15.51 -39.08
N SER B 5 -27.54 -16.63 -39.59
CA SER B 5 -26.21 -17.09 -39.29
C SER B 5 -25.24 -16.29 -40.15
N LYS B 6 -24.13 -15.88 -39.54
CA LYS B 6 -23.07 -15.17 -40.25
C LYS B 6 -21.74 -15.71 -39.75
N LYS B 7 -20.75 -15.74 -40.63
CA LYS B 7 -19.42 -16.26 -40.32
C LYS B 7 -18.61 -15.21 -39.53
N PRO B 8 -17.55 -15.65 -38.83
CA PRO B 8 -16.69 -14.67 -38.18
C PRO B 8 -16.02 -13.72 -39.18
N MET B 9 -15.81 -12.48 -38.78
CA MET B 9 -15.16 -11.51 -39.63
C MET B 9 -13.67 -11.54 -39.30
N ARG B 10 -12.83 -11.14 -40.27
CA ARG B 10 -11.38 -11.15 -40.06
C ARG B 10 -10.89 -10.00 -39.22
N THR B 11 -11.75 -9.01 -39.04
CA THR B 11 -11.39 -7.80 -38.31
C THR B 11 -12.65 -7.17 -37.71
N TRP B 12 -12.54 -6.01 -37.06
CA TRP B 12 -13.75 -5.35 -36.56
C TRP B 12 -14.81 -5.12 -37.65
N SER B 13 -16.05 -5.27 -37.23
CA SER B 13 -17.18 -5.11 -38.14
C SER B 13 -17.14 -3.82 -38.92
N HIS B 14 -16.68 -2.74 -38.28
CA HIS B 14 -16.63 -1.45 -38.95
C HIS B 14 -15.56 -1.34 -40.05
N LEU B 15 -14.56 -2.24 -40.00
CA LEU B 15 -13.45 -2.25 -40.97
C LEU B 15 -13.54 -3.41 -41.97
N ALA B 16 -14.38 -4.40 -41.66
CA ALA B 16 -14.37 -5.68 -42.38
C ALA B 16 -14.78 -5.62 -43.85
N GLU B 17 -15.68 -4.69 -44.20
CA GLU B 17 -16.11 -4.56 -45.60
C GLU B 17 -14.96 -4.10 -46.48
N MET B 18 -14.22 -3.10 -45.99
CA MET B 18 -13.14 -2.43 -46.73
C MET B 18 -11.76 -3.09 -46.61
N ARG B 19 -11.53 -3.90 -45.57
CA ARG B 19 -10.18 -4.37 -45.25
C ARG B 19 -10.12 -5.82 -44.78
N LYS B 20 -9.17 -6.57 -45.33
CA LYS B 20 -8.99 -7.96 -44.90
C LYS B 20 -8.09 -8.02 -43.66
N LYS B 21 -7.07 -7.16 -43.66
CA LYS B 21 -6.10 -7.11 -42.57
C LYS B 21 -5.72 -5.67 -42.41
N PRO B 22 -6.49 -4.94 -41.59
CA PRO B 22 -6.20 -3.53 -41.44
C PRO B 22 -4.86 -3.39 -40.72
N SER B 23 -4.31 -2.18 -40.75
CA SER B 23 -3.06 -1.90 -40.06
C SER B 23 -3.23 -1.87 -38.55
N GLU B 24 -2.12 -2.06 -37.83
CA GLU B 24 -2.14 -1.87 -36.36
C GLU B 24 -2.85 -0.54 -36.04
N TYR B 25 -2.46 0.53 -36.73
CA TYR B 25 -3.04 1.86 -36.49
C TYR B 25 -4.58 1.83 -36.54
N ASP B 26 -5.13 1.28 -37.62
CA ASP B 26 -6.58 1.17 -37.73
C ASP B 26 -7.23 0.33 -36.65
N ILE B 27 -6.65 -0.84 -36.37
CA ILE B 27 -7.15 -1.71 -35.32
C ILE B 27 -7.31 -0.99 -33.98
N VAL B 28 -6.31 -0.20 -33.61
CA VAL B 28 -6.33 0.38 -32.26
C VAL B 28 -6.83 1.82 -32.18
N SER B 29 -7.08 2.48 -33.32
CA SER B 29 -7.30 3.94 -33.32
C SER B 29 -8.64 4.41 -33.90
N ARG B 30 -9.26 3.56 -34.71
CA ARG B 30 -10.31 4.06 -35.61
C ARG B 30 -11.68 3.93 -34.97
N LYS B 31 -12.47 5.01 -35.04
CA LYS B 31 -13.88 5.01 -34.63
C LYS B 31 -14.04 4.61 -33.13
N LEU B 32 -13.34 5.32 -32.25
CA LEU B 32 -13.47 5.02 -30.80
C LEU B 32 -14.35 6.00 -29.99
N HIS B 33 -14.67 7.18 -30.55
CA HIS B 33 -15.51 8.14 -29.84
C HIS B 33 -16.97 7.75 -30.01
N TYR B 34 -17.45 6.91 -29.09
CA TYR B 34 -18.89 6.55 -29.08
C TYR B 34 -19.75 7.76 -28.74
N SER B 35 -19.12 8.78 -28.17
CA SER B 35 -19.80 10.03 -27.84
C SER B 35 -20.29 10.87 -29.06
N THR B 36 -19.87 10.51 -30.26
CA THR B 36 -20.44 11.16 -31.44
C THR B 36 -21.63 10.38 -32.02
N ASN B 37 -22.01 9.24 -31.43
CA ASN B 37 -23.10 8.39 -32.02
C ASN B 37 -24.52 8.98 -31.89
N ASN B 38 -24.79 9.61 -30.75
CA ASN B 38 -26.11 10.16 -30.44
C ASN B 38 -26.01 11.66 -30.39
N PRO B 39 -26.45 12.35 -31.46
CA PRO B 39 -26.25 13.82 -31.43
C PRO B 39 -26.80 14.55 -30.22
N ASP B 40 -27.97 14.15 -29.73
CA ASP B 40 -28.57 14.91 -28.65
C ASP B 40 -28.17 14.45 -27.24
N SER B 41 -27.48 13.31 -27.19
CA SER B 41 -26.94 12.74 -25.97
CA SER B 41 -26.92 12.80 -25.96
C SER B 41 -25.53 12.17 -26.19
N PRO B 42 -24.50 13.03 -26.37
CA PRO B 42 -23.13 12.51 -26.53
C PRO B 42 -22.79 11.47 -25.47
N TRP B 43 -23.03 11.80 -24.21
CA TRP B 43 -22.68 10.91 -23.08
C TRP B 43 -23.96 10.18 -22.61
N GLU B 44 -23.78 8.99 -22.05
CA GLU B 44 -24.90 8.16 -21.61
C GLU B 44 -25.47 8.66 -20.25
N LEU B 45 -26.12 9.79 -20.33
CA LEU B 45 -26.58 10.59 -19.20
C LEU B 45 -27.87 11.33 -19.54
N SER B 46 -28.46 12.12 -18.74
CA SER B 46 -29.56 12.99 -19.16
C SER B 46 -29.02 13.83 -20.35
N PRO B 47 -29.80 13.92 -21.46
CA PRO B 47 -29.39 14.75 -22.61
C PRO B 47 -28.95 16.18 -22.25
N ASP B 48 -29.54 16.77 -21.21
CA ASP B 48 -29.18 18.12 -20.79
C ASP B 48 -28.30 18.19 -19.54
N SER B 49 -27.61 17.07 -19.28
CA SER B 49 -26.52 17.10 -18.27
C SER B 49 -25.49 18.18 -18.69
N PRO B 50 -24.79 18.80 -17.74
CA PRO B 50 -23.85 19.89 -18.06
C PRO B 50 -22.82 19.52 -19.13
N MET B 51 -22.22 18.33 -19.03
CA MET B 51 -21.21 17.95 -20.02
C MET B 51 -21.83 17.65 -21.38
N ASN B 52 -23.04 17.08 -21.40
CA ASN B 52 -23.77 16.94 -22.64
C ASN B 52 -23.99 18.30 -23.29
N LEU B 53 -24.33 19.32 -22.49
CA LEU B 53 -24.54 20.66 -23.05
C LEU B 53 -23.25 21.24 -23.59
N TRP B 54 -22.14 20.92 -22.91
CA TRP B 54 -20.81 21.42 -23.31
C TRP B 54 -20.43 20.86 -24.67
N TYR B 55 -20.56 19.54 -24.82
CA TYR B 55 -20.19 18.89 -26.04
C TYR B 55 -21.11 19.24 -27.20
N LYS B 56 -22.40 19.37 -26.91
CA LYS B 56 -23.31 19.77 -27.99
C LYS B 56 -22.96 21.17 -28.51
N GLN B 57 -22.64 22.08 -27.58
CA GLN B 57 -22.29 23.45 -27.98
C GLN B 57 -20.93 23.51 -28.69
N TYR B 58 -19.90 22.93 -28.06
CA TYR B 58 -18.51 23.21 -28.42
C TYR B 58 -17.91 22.19 -29.39
N ARG B 59 -18.48 20.97 -29.42
CA ARG B 59 -18.13 20.02 -30.47
C ARG B 59 -19.18 19.87 -31.58
N ASN B 60 -20.36 19.33 -31.26
CA ASN B 60 -21.37 19.05 -32.29
C ASN B 60 -21.73 20.30 -33.11
N ALA B 61 -21.89 21.42 -32.43
CA ALA B 61 -22.33 22.63 -33.13
C ALA B 61 -21.22 23.46 -33.72
N SER B 62 -19.97 22.97 -33.71
CA SER B 62 -18.89 23.77 -34.32
C SER B 62 -19.22 24.18 -35.76
N PRO B 63 -18.95 25.47 -36.14
CA PRO B 63 -19.12 25.89 -37.53
C PRO B 63 -18.14 25.20 -38.49
N LEU B 64 -17.15 24.49 -37.95
CA LEU B 64 -16.26 23.64 -38.73
C LEU B 64 -16.89 22.26 -38.86
N LYS B 65 -17.32 21.87 -40.07
CA LYS B 65 -18.20 20.72 -40.21
C LYS B 65 -17.70 19.65 -41.18
N HIS B 66 -17.95 18.38 -40.87
CA HIS B 66 -17.62 17.30 -41.83
C HIS B 66 -18.56 16.14 -41.45
N ASP B 67 -19.05 15.41 -42.44
CA ASP B 67 -19.94 14.28 -42.17
C ASP B 67 -19.19 13.02 -41.76
N ASN B 68 -17.85 13.07 -41.83
CA ASN B 68 -17.01 11.93 -41.60
CA ASN B 68 -17.02 11.90 -41.49
C ASN B 68 -15.66 12.26 -40.91
N TRP B 69 -15.67 12.97 -39.78
CA TRP B 69 -14.40 13.26 -39.11
C TRP B 69 -13.64 11.98 -38.78
N ASP B 70 -14.40 10.91 -38.45
CA ASP B 70 -13.83 9.62 -38.07
C ASP B 70 -12.88 9.04 -39.12
N ALA B 71 -12.95 9.56 -40.33
CA ALA B 71 -12.09 9.15 -41.43
C ALA B 71 -10.74 9.86 -41.49
N PHE B 72 -10.55 10.91 -40.71
CA PHE B 72 -9.23 11.51 -40.60
C PHE B 72 -8.18 10.43 -40.26
N THR B 73 -7.03 10.47 -40.94
CA THR B 73 -5.88 9.59 -40.65
C THR B 73 -4.59 10.40 -40.37
N ASP B 74 -3.95 10.12 -39.23
CA ASP B 74 -2.63 10.69 -38.91
C ASP B 74 -1.72 10.27 -40.06
N PRO B 75 -1.12 11.24 -40.78
CA PRO B 75 -0.23 10.90 -41.85
C PRO B 75 0.90 10.01 -41.38
N ASP B 76 1.34 10.14 -40.13
CA ASP B 76 2.42 9.28 -39.59
C ASP B 76 1.88 7.94 -39.07
N GLN B 77 0.56 7.83 -38.95
CA GLN B 77 -0.09 6.64 -38.38
C GLN B 77 0.52 6.15 -37.04
N LEU B 78 0.80 7.08 -36.14
CA LEU B 78 1.42 6.74 -34.84
C LEU B 78 0.42 6.10 -33.91
N VAL B 79 0.87 5.05 -33.21
CA VAL B 79 0.15 4.46 -32.07
C VAL B 79 1.02 4.67 -30.83
N TYR B 80 0.49 4.41 -29.65
CA TYR B 80 1.28 4.51 -28.43
C TYR B 80 2.61 3.80 -28.53
N ARG B 81 2.57 2.54 -28.99
CA ARG B 81 3.76 1.74 -29.11
C ARG B 81 4.80 2.41 -29.99
N THR B 82 4.41 2.81 -31.22
CA THR B 82 5.39 3.45 -32.12
C THR B 82 5.87 4.85 -31.71
N TYR B 83 5.02 5.58 -31.03
CA TYR B 83 5.40 6.88 -30.49
C TYR B 83 6.53 6.75 -29.47
N ASN B 84 6.38 5.82 -28.52
CA ASN B 84 7.41 5.59 -27.50
C ASN B 84 8.69 5.01 -28.11
N LEU B 85 8.58 4.17 -29.11
CA LEU B 85 9.77 3.72 -29.87
C LEU B 85 10.54 4.91 -30.39
N MET B 86 9.83 5.80 -31.09
CA MET B 86 10.39 7.02 -31.66
C MET B 86 10.95 7.95 -30.60
N GLN B 87 10.15 8.25 -29.59
CA GLN B 87 10.53 9.22 -28.59
C GLN B 87 11.54 8.70 -27.58
N ASP B 88 11.50 7.42 -27.24
CA ASP B 88 12.63 6.92 -26.46
C ASP B 88 13.96 7.12 -27.18
N GLY B 89 13.98 6.96 -28.50
CA GLY B 89 15.17 7.31 -29.31
C GLY B 89 15.63 8.75 -29.25
N GLN B 90 14.69 9.65 -29.50
CA GLN B 90 14.95 11.08 -29.49
C GLN B 90 15.31 11.61 -28.10
N GLU B 91 14.61 11.12 -27.09
CA GLU B 91 14.81 11.59 -25.74
C GLU B 91 16.12 11.02 -25.12
N SER B 92 16.45 9.77 -25.45
CA SER B 92 17.74 9.16 -25.09
C SER B 92 18.87 9.93 -25.74
N TYR B 93 18.68 10.37 -26.99
CA TYR B 93 19.62 11.27 -27.61
C TYR B 93 19.78 12.58 -26.80
N VAL B 94 18.67 13.22 -26.46
CA VAL B 94 18.75 14.46 -25.66
C VAL B 94 19.41 14.22 -24.29
N GLN B 95 19.05 13.11 -23.63
CA GLN B 95 19.63 12.82 -22.32
C GLN B 95 21.14 12.58 -22.48
N SER B 96 21.56 11.92 -23.58
CA SER B 96 23.00 11.81 -23.88
C SER B 96 23.68 13.17 -24.17
N LEU B 97 23.00 14.05 -24.90
CA LEU B 97 23.49 15.41 -25.08
C LEU B 97 23.72 16.09 -23.72
N PHE B 98 22.74 16.04 -22.80
CA PHE B 98 22.87 16.72 -21.49
C PHE B 98 24.10 16.15 -20.75
N ASP B 99 24.16 14.83 -20.67
CA ASP B 99 25.26 14.09 -20.02
C ASP B 99 26.61 14.53 -20.57
N GLN B 100 26.79 14.39 -21.89
CA GLN B 100 28.08 14.71 -22.51
C GLN B 100 28.50 16.19 -22.45
N PHE B 101 27.54 17.10 -22.68
CA PHE B 101 27.80 18.52 -22.59
C PHE B 101 28.06 18.96 -21.13
N ASN B 102 27.50 18.24 -20.18
CA ASN B 102 27.79 18.48 -18.77
C ASN B 102 29.23 18.05 -18.47
N GLU B 103 29.64 16.89 -19.00
CA GLU B 103 31.02 16.38 -18.83
C GLU B 103 32.06 17.33 -19.43
N ARG B 104 31.69 17.97 -20.54
CA ARG B 104 32.56 18.90 -21.23
C ARG B 104 32.57 20.28 -20.59
N GLU B 105 31.75 20.47 -19.54
CA GLU B 105 31.58 21.79 -18.91
C GLU B 105 31.14 22.90 -19.89
N HIS B 106 30.27 22.51 -20.83
CA HIS B 106 29.67 23.44 -21.82
C HIS B 106 29.22 24.78 -21.25
N ASP B 107 28.43 24.74 -20.18
CA ASP B 107 27.83 25.94 -19.64
C ASP B 107 28.85 26.97 -19.23
N GLN B 108 30.06 26.52 -18.88
CA GLN B 108 31.11 27.46 -18.49
C GLN B 108 31.69 28.16 -19.71
N MET B 109 31.57 27.53 -20.89
CA MET B 109 32.14 28.06 -22.15
C MET B 109 31.29 29.11 -22.86
N VAL B 110 30.07 29.38 -22.38
CA VAL B 110 29.18 30.31 -23.10
C VAL B 110 29.67 31.74 -22.93
N ARG B 111 29.21 32.61 -23.81
CA ARG B 111 29.70 33.98 -23.87
C ARG B 111 29.20 34.82 -22.69
N GLU B 112 29.94 35.89 -22.33
CA GLU B 112 29.57 36.75 -21.20
C GLU B 112 28.13 37.18 -21.34
N GLY B 113 27.36 37.10 -20.26
CA GLY B 113 25.96 37.59 -20.24
C GLY B 113 24.90 36.60 -20.70
N TRP B 114 25.32 35.52 -21.36
CA TRP B 114 24.34 34.60 -21.95
C TRP B 114 23.41 34.03 -20.87
N GLU B 115 23.93 33.86 -19.66
CA GLU B 115 23.11 33.29 -18.58
C GLU B 115 21.97 34.23 -18.22
N HIS B 116 22.18 35.53 -18.37
CA HIS B 116 21.09 36.46 -18.15
C HIS B 116 20.05 36.42 -19.26
N THR B 117 20.49 36.13 -20.49
CA THR B 117 19.54 36.03 -21.61
C THR B 117 18.73 34.78 -21.42
N MET B 118 19.42 33.69 -21.07
CA MET B 118 18.74 32.44 -20.72
C MET B 118 17.70 32.62 -19.61
N ALA B 119 18.06 33.34 -18.54
CA ALA B 119 17.14 33.55 -17.40
C ALA B 119 15.90 34.31 -17.81
N ARG B 120 16.04 35.25 -18.73
CA ARG B 120 14.93 36.07 -19.10
C ARG B 120 14.09 35.46 -20.25
N CYS B 121 14.75 34.80 -21.20
CA CYS B 121 14.13 34.43 -22.48
C CYS B 121 13.96 32.95 -22.70
N TYR B 122 14.67 32.13 -21.93
CA TYR B 122 14.58 30.69 -22.08
C TYR B 122 13.83 30.02 -20.93
N SER B 123 14.23 30.28 -19.68
CA SER B 123 13.64 29.50 -18.59
C SER B 123 12.11 29.72 -18.38
N PRO B 124 11.58 30.94 -18.61
CA PRO B 124 10.13 31.10 -18.51
C PRO B 124 9.31 30.41 -19.62
N LEU B 125 9.97 29.78 -20.60
CA LEU B 125 9.24 29.01 -21.63
C LEU B 125 8.54 27.82 -21.02
N ARG B 126 8.94 27.41 -19.81
CA ARG B 126 8.18 26.37 -19.12
C ARG B 126 6.69 26.74 -19.00
N TYR B 127 6.39 28.04 -18.81
CA TYR B 127 5.00 28.51 -18.78
C TYR B 127 4.31 28.37 -20.15
N LEU B 128 5.03 28.77 -21.19
CA LEU B 128 4.48 28.78 -22.55
C LEU B 128 4.21 27.35 -22.95
N PHE B 129 5.16 26.47 -22.64
CA PHE B 129 5.10 25.09 -23.04
C PHE B 129 3.99 24.42 -22.25
N HIS B 130 3.84 24.81 -21.00
CA HIS B 130 2.73 24.24 -20.21
C HIS B 130 1.37 24.68 -20.75
N CYS B 131 1.26 25.93 -21.20
CA CYS B 131 0.05 26.38 -21.89
C CYS B 131 -0.24 25.56 -23.14
N LEU B 132 0.81 25.20 -23.92
CA LEU B 132 0.59 24.32 -25.09
C LEU B 132 0.12 22.93 -24.68
N GLN B 133 0.62 22.47 -23.54
CA GLN B 133 0.27 21.16 -23.00
C GLN B 133 -1.23 21.19 -22.62
N MET B 134 -1.61 22.21 -21.86
CA MET B 134 -3.02 22.34 -21.44
C MET B 134 -3.91 22.44 -22.65
N SER B 135 -3.50 23.26 -23.61
CA SER B 135 -4.29 23.51 -24.84
C SER B 135 -4.47 22.26 -25.71
N SER B 136 -3.40 21.46 -25.90
CA SER B 136 -3.43 20.20 -26.67
C SER B 136 -4.36 19.17 -25.99
N ALA B 137 -4.35 19.16 -24.65
CA ALA B 137 -5.25 18.36 -23.84
C ALA B 137 -6.72 18.74 -24.14
N TYR B 138 -6.96 20.05 -24.32
CA TYR B 138 -8.35 20.50 -24.56
C TYR B 138 -8.77 20.04 -25.96
N VAL B 139 -7.91 20.20 -26.95
CA VAL B 139 -8.28 19.77 -28.30
C VAL B 139 -8.50 18.26 -28.26
N GLN B 140 -7.65 17.52 -27.55
CA GLN B 140 -7.86 16.08 -27.37
C GLN B 140 -9.30 15.69 -26.93
N GLN B 141 -9.78 16.32 -25.86
CA GLN B 141 -11.00 15.90 -25.23
C GLN B 141 -12.22 16.31 -26.05
N MET B 142 -12.08 17.40 -26.83
CA MET B 142 -13.19 17.92 -27.64
C MET B 142 -13.29 17.39 -29.08
N ALA B 143 -12.19 16.91 -29.62
CA ALA B 143 -12.17 16.60 -31.07
C ALA B 143 -13.19 15.53 -31.43
N PRO B 144 -13.83 15.66 -32.61
CA PRO B 144 -14.92 14.73 -32.98
C PRO B 144 -14.49 13.40 -33.64
N ALA B 145 -13.23 13.01 -33.54
CA ALA B 145 -12.76 11.68 -33.97
C ALA B 145 -11.61 11.17 -33.11
N SER B 146 -11.62 9.87 -32.79
CA SER B 146 -10.48 9.29 -32.02
C SER B 146 -9.12 9.46 -32.75
N THR B 147 -9.08 9.36 -34.08
CA THR B 147 -7.80 9.57 -34.78
C THR B 147 -7.29 11.03 -34.62
N ILE B 148 -8.18 12.02 -34.60
CA ILE B 148 -7.74 13.42 -34.30
C ILE B 148 -7.24 13.53 -32.81
N SER B 149 -8.06 13.03 -31.88
CA SER B 149 -7.75 13.11 -30.42
C SER B 149 -6.37 12.46 -30.11
N ASN B 150 -6.10 11.33 -30.76
CA ASN B 150 -4.80 10.62 -30.61
C ASN B 150 -3.61 11.47 -30.99
N CYS B 151 -3.68 12.16 -32.13
CA CYS B 151 -2.67 13.16 -32.49
C CYS B 151 -2.48 14.20 -31.38
N CYS B 152 -3.59 14.69 -30.81
CA CYS B 152 -3.53 15.63 -29.69
C CYS B 152 -2.96 15.04 -28.42
N ILE B 153 -3.28 13.77 -28.13
CA ILE B 153 -2.67 13.11 -26.98
C ILE B 153 -1.15 13.18 -27.09
N LEU B 154 -0.63 12.70 -28.20
CA LEU B 154 0.80 12.62 -28.37
C LEU B 154 1.46 14.02 -28.35
N GLN B 155 0.74 15.02 -28.86
CA GLN B 155 1.18 16.43 -28.86
C GLN B 155 1.20 16.99 -27.45
N THR B 156 0.25 16.53 -26.62
CA THR B 156 0.18 16.99 -25.21
C THR B 156 1.47 16.49 -24.50
N ALA B 157 1.76 15.21 -24.72
CA ALA B 157 2.98 14.59 -24.18
C ALA B 157 4.23 15.29 -24.68
N ASP B 158 4.30 15.65 -25.96
CA ASP B 158 5.49 16.33 -26.49
C ASP B 158 5.59 17.69 -25.83
N SER B 159 4.46 18.29 -25.51
CA SER B 159 4.50 19.59 -24.87
C SER B 159 5.14 19.49 -23.45
N LEU B 160 4.72 18.49 -22.69
CA LEU B 160 5.36 18.14 -21.42
C LEU B 160 6.84 17.80 -21.58
N ARG B 161 7.16 17.03 -22.64
CA ARG B 161 8.58 16.80 -22.99
C ARG B 161 9.38 18.10 -23.02
N TRP B 162 8.88 19.13 -23.70
CA TRP B 162 9.61 20.38 -23.83
C TRP B 162 9.68 21.16 -22.52
N LEU B 163 8.56 21.13 -21.78
CA LEU B 163 8.53 21.69 -20.44
C LEU B 163 9.65 21.05 -19.60
N THR B 164 9.75 19.73 -19.62
CA THR B 164 10.73 18.99 -18.83
C THR B 164 12.18 19.30 -19.23
N HIS B 165 12.47 19.38 -20.53
CA HIS B 165 13.81 19.86 -20.99
C HIS B 165 14.15 21.21 -20.35
N THR B 166 13.19 22.13 -20.40
CA THR B 166 13.37 23.50 -19.94
C THR B 166 13.61 23.56 -18.43
N ALA B 167 12.81 22.77 -17.69
CA ALA B 167 12.99 22.55 -16.25
C ALA B 167 14.40 22.00 -15.95
N TYR B 168 14.80 20.91 -16.61
CA TYR B 168 16.12 20.34 -16.39
C TYR B 168 17.22 21.35 -16.67
N ARG B 169 17.15 22.02 -17.82
CA ARG B 169 18.22 22.96 -18.20
C ARG B 169 18.26 24.26 -17.37
N THR B 170 17.09 24.68 -16.88
CA THR B 170 17.03 25.81 -15.94
C THR B 170 17.78 25.46 -14.65
N HIS B 171 17.46 24.31 -14.06
CA HIS B 171 18.22 23.87 -12.90
C HIS B 171 19.72 23.68 -13.19
N GLU B 172 20.06 22.99 -14.24
CA GLU B 172 21.44 22.71 -14.52
C GLU B 172 22.22 23.97 -14.75
N LEU B 173 21.65 24.89 -15.47
CA LEU B 173 22.33 26.12 -15.74
C LEU B 173 22.60 26.96 -14.49
N SER B 174 21.64 26.96 -13.57
CA SER B 174 21.71 27.74 -12.33
C SER B 174 22.88 27.35 -11.45
N LEU B 175 23.33 26.17 -11.65
CA LEU B 175 24.46 25.59 -10.94
C LEU B 175 25.77 26.26 -11.33
N THR B 176 25.94 26.43 -12.61
CA THR B 176 27.08 27.23 -13.08
C THR B 176 26.88 28.71 -12.84
N TYR B 177 25.64 29.17 -13.01
CA TYR B 177 25.32 30.61 -12.83
C TYR B 177 24.23 30.81 -11.76
N PRO B 178 24.61 30.71 -10.45
CA PRO B 178 23.67 30.79 -9.32
C PRO B 178 23.19 32.20 -8.96
N ASP B 179 23.78 33.24 -9.55
CA ASP B 179 23.28 34.59 -9.32
C ASP B 179 22.43 35.18 -10.45
N ALA B 180 21.84 34.33 -11.29
CA ALA B 180 21.11 34.82 -12.48
C ALA B 180 19.58 34.74 -12.30
N GLY B 181 19.15 34.25 -11.15
CA GLY B 181 17.72 34.10 -10.89
C GLY B 181 17.12 32.86 -11.54
N LEU B 182 17.97 32.00 -12.08
CA LEU B 182 17.51 30.81 -12.81
C LEU B 182 16.82 29.78 -11.90
N GLY B 183 15.51 29.63 -12.08
CA GLY B 183 14.73 28.69 -11.27
C GLY B 183 14.03 29.41 -10.12
N GLU B 184 14.14 30.73 -10.05
CA GLU B 184 13.38 31.49 -9.05
C GLU B 184 12.53 32.66 -9.59
N HIS B 185 12.81 33.17 -10.79
CA HIS B 185 12.14 34.38 -11.26
C HIS B 185 11.24 34.20 -12.52
N GLU B 186 11.09 32.96 -13.01
CA GLU B 186 10.33 32.72 -14.24
C GLU B 186 8.87 33.13 -14.13
N ARG B 187 8.23 32.88 -12.98
CA ARG B 187 6.82 33.26 -12.82
C ARG B 187 6.67 34.77 -12.93
N GLU B 188 7.52 35.51 -12.21
CA GLU B 188 7.56 36.99 -12.29
CA GLU B 188 7.46 36.97 -12.30
C GLU B 188 7.73 37.48 -13.73
N LEU B 189 8.63 36.85 -14.48
CA LEU B 189 8.92 37.27 -15.87
C LEU B 189 7.69 37.01 -16.75
N TRP B 190 7.18 35.78 -16.69
CA TRP B 190 5.95 35.46 -17.42
C TRP B 190 4.81 36.44 -17.12
N GLU B 191 4.62 36.79 -15.86
CA GLU B 191 3.51 37.66 -15.46
C GLU B 191 3.72 39.15 -15.73
N LYS B 192 4.97 39.59 -15.69
CA LYS B 192 5.27 41.03 -15.64
C LYS B 192 6.21 41.57 -16.71
N GLU B 193 7.14 40.76 -17.21
CA GLU B 193 8.11 41.26 -18.22
C GLU B 193 7.37 41.54 -19.55
N PRO B 194 7.50 42.77 -20.10
CA PRO B 194 6.76 43.12 -21.34
C PRO B 194 6.97 42.15 -22.50
N GLY B 195 8.20 41.64 -22.67
CA GLY B 195 8.52 40.71 -23.73
C GLY B 195 7.74 39.39 -23.68
N TRP B 196 7.24 39.04 -22.50
CA TRP B 196 6.34 37.88 -22.34
C TRP B 196 4.86 38.18 -22.47
N GLN B 197 4.44 39.45 -22.47
CA GLN B 197 2.98 39.76 -22.31
C GLN B 197 2.15 39.44 -23.54
N GLY B 198 2.74 39.60 -24.72
CA GLY B 198 2.09 39.19 -25.96
C GLY B 198 1.80 37.70 -25.91
N LEU B 199 2.80 36.92 -25.52
CA LEU B 199 2.65 35.47 -25.43
C LEU B 199 1.62 35.06 -24.39
N ARG B 200 1.67 35.69 -23.20
CA ARG B 200 0.74 35.35 -22.14
C ARG B 200 -0.70 35.70 -22.50
N GLU B 201 -0.93 36.89 -23.06
CA GLU B 201 -2.25 37.29 -23.53
C GLU B 201 -2.75 36.32 -24.61
N LEU B 202 -1.90 36.06 -25.59
CA LEU B 202 -2.20 35.08 -26.63
C LEU B 202 -2.70 33.77 -26.01
N MET B 203 -1.93 33.20 -25.08
CA MET B 203 -2.28 31.88 -24.52
C MET B 203 -3.51 31.94 -23.61
N GLU B 204 -3.63 32.99 -22.80
CA GLU B 204 -4.83 33.11 -21.95
C GLU B 204 -6.11 33.15 -22.79
N LYS B 205 -6.06 33.92 -23.87
CA LYS B 205 -7.17 33.99 -24.82
C LYS B 205 -7.36 32.68 -25.60
N GLN B 206 -6.26 32.05 -26.01
CA GLN B 206 -6.40 30.79 -26.73
C GLN B 206 -7.03 29.68 -25.87
N LEU B 207 -6.63 29.60 -24.60
CA LEU B 207 -7.11 28.61 -23.66
C LEU B 207 -8.57 28.84 -23.28
N THR B 208 -9.17 29.84 -23.65
CA THR B 208 -10.58 30.12 -23.46
C THR B 208 -11.29 30.29 -24.80
N ALA B 209 -10.85 29.90 -25.87
CA ALA B 209 -11.61 29.55 -27.09
C ALA B 209 -12.02 28.10 -27.00
N PHE B 210 -13.27 27.88 -26.62
CA PHE B 210 -13.74 26.53 -26.32
C PHE B 210 -14.29 25.69 -27.49
N ASP B 211 -14.65 26.34 -28.60
CA ASP B 211 -15.07 25.58 -29.78
C ASP B 211 -13.87 24.69 -30.22
N TRP B 212 -14.11 23.40 -30.41
CA TRP B 212 -13.04 22.46 -30.80
C TRP B 212 -12.33 22.91 -32.07
N GLY B 213 -13.09 23.39 -33.07
CA GLY B 213 -12.54 23.81 -34.34
C GLY B 213 -11.67 25.05 -34.15
N GLU B 214 -12.20 26.05 -33.45
CA GLU B 214 -11.43 27.26 -33.17
C GLU B 214 -10.17 26.93 -32.34
N ALA B 215 -10.31 26.01 -31.37
CA ALA B 215 -9.20 25.61 -30.51
C ALA B 215 -8.09 24.97 -31.37
N PHE B 216 -8.49 24.08 -32.27
CA PHE B 216 -7.53 23.40 -33.17
C PHE B 216 -6.79 24.41 -34.08
N VAL B 217 -7.57 25.24 -34.75
CA VAL B 217 -7.00 26.18 -35.72
C VAL B 217 -6.11 27.21 -35.00
N SER B 218 -6.60 27.81 -33.89
CA SER B 218 -5.78 28.78 -33.16
C SER B 218 -4.49 28.14 -32.58
N LEU B 219 -4.59 26.96 -31.97
CA LEU B 219 -3.41 26.32 -31.37
C LEU B 219 -2.45 25.88 -32.48
N ASN B 220 -2.97 25.11 -33.43
CA ASN B 220 -2.08 24.38 -34.38
C ASN B 220 -1.74 25.03 -35.71
N LEU B 221 -2.57 25.99 -36.12
CA LEU B 221 -2.39 26.69 -37.38
C LEU B 221 -1.82 28.08 -37.17
N VAL B 222 -1.80 28.56 -35.93
CA VAL B 222 -1.41 29.95 -35.65
C VAL B 222 -0.35 30.09 -34.54
N VAL B 223 -0.72 29.71 -33.32
CA VAL B 223 0.20 29.80 -32.17
C VAL B 223 1.46 28.95 -32.43
N LYS B 224 1.28 27.68 -32.74
CA LYS B 224 2.41 26.75 -32.85
C LYS B 224 3.41 27.00 -33.99
N PRO B 225 2.92 27.39 -35.19
CA PRO B 225 3.91 27.84 -36.19
C PRO B 225 4.60 29.14 -35.81
N MET B 226 3.92 30.04 -35.11
CA MET B 226 4.57 31.27 -34.67
C MET B 226 5.71 30.95 -33.71
N ILE B 227 5.51 29.94 -32.85
CA ILE B 227 6.52 29.52 -31.89
C ILE B 227 7.77 28.96 -32.59
N VAL B 228 7.54 28.16 -33.63
CA VAL B 228 8.62 27.65 -34.48
C VAL B 228 9.45 28.77 -35.07
N GLU B 229 8.80 29.75 -35.71
CA GLU B 229 9.52 30.78 -36.46
C GLU B 229 10.07 31.94 -35.63
N SER B 230 9.42 32.21 -34.50
CA SER B 230 9.68 33.43 -33.76
C SER B 230 10.27 33.18 -32.39
N ILE B 231 10.22 31.93 -31.92
CA ILE B 231 10.82 31.55 -30.64
C ILE B 231 11.97 30.56 -30.80
N PHE B 232 11.72 29.38 -31.34
CA PHE B 232 12.68 28.31 -31.46
C PHE B 232 13.85 28.66 -32.40
N LYS B 233 13.51 29.16 -33.59
CA LYS B 233 14.57 29.46 -34.55
C LYS B 233 15.45 30.66 -34.17
N PRO B 234 14.84 31.79 -33.73
CA PRO B 234 15.71 32.87 -33.27
C PRO B 234 16.56 32.50 -32.03
N LEU B 235 16.01 31.68 -31.13
CA LEU B 235 16.78 31.21 -29.98
C LEU B 235 18.03 30.42 -30.42
N GLN B 236 17.86 29.53 -31.41
CA GLN B 236 19.01 28.84 -32.02
C GLN B 236 20.08 29.82 -32.53
N GLN B 237 19.63 30.87 -33.20
CA GLN B 237 20.49 31.90 -33.80
C GLN B 237 21.27 32.64 -32.71
N GLN B 238 20.56 33.16 -31.71
CA GLN B 238 21.16 33.72 -30.51
C GLN B 238 22.14 32.81 -29.80
N ALA B 239 21.79 31.51 -29.68
CA ALA B 239 22.68 30.55 -29.00
C ALA B 239 23.99 30.48 -29.77
N TRP B 240 23.88 30.31 -31.09
CA TRP B 240 25.04 30.32 -31.99
CA TRP B 240 25.09 30.24 -31.90
C TRP B 240 26.00 31.48 -31.76
N GLU B 241 25.41 32.68 -31.67
CA GLU B 241 26.15 33.94 -31.50
C GLU B 241 26.79 34.04 -30.11
N ASN B 242 26.32 33.21 -29.18
CA ASN B 242 26.81 33.22 -27.80
C ASN B 242 27.52 31.96 -27.33
N ASN B 243 28.00 31.18 -28.31
CA ASN B 243 28.77 29.97 -28.08
C ASN B 243 28.04 28.95 -27.18
N ASP B 244 26.71 29.00 -27.25
CA ASP B 244 25.92 27.94 -26.63
C ASP B 244 25.61 26.95 -27.75
N THR B 245 26.31 25.82 -27.76
CA THR B 245 26.12 24.79 -28.80
C THR B 245 25.16 23.68 -28.35
N LEU B 246 24.82 23.67 -27.06
CA LEU B 246 23.82 22.69 -26.59
C LEU B 246 22.41 23.09 -27.04
N LEU B 247 22.01 24.33 -26.74
CA LEU B 247 20.64 24.82 -27.00
C LEU B 247 20.17 24.58 -28.47
N PRO B 248 21.01 24.88 -29.49
CA PRO B 248 20.53 24.59 -30.86
C PRO B 248 20.27 23.11 -31.15
N LEU B 249 21.07 22.21 -30.58
CA LEU B 249 20.84 20.77 -30.76
C LEU B 249 19.58 20.30 -30.03
N LEU B 250 19.34 20.87 -28.84
CA LEU B 250 18.15 20.56 -28.05
C LEU B 250 16.94 21.00 -28.86
N ILE B 251 16.98 22.23 -29.35
CA ILE B 251 15.86 22.80 -30.13
C ILE B 251 15.60 22.02 -31.43
N ASP B 252 16.65 21.53 -32.08
CA ASP B 252 16.42 20.75 -33.30
C ASP B 252 15.56 19.50 -32.97
N SER B 253 15.78 18.93 -31.80
CA SER B 253 15.00 17.77 -31.37
C SER B 253 13.53 18.19 -31.15
N GLN B 254 13.34 19.30 -30.44
CA GLN B 254 12.01 19.84 -30.20
C GLN B 254 11.35 20.23 -31.52
N LEU B 255 12.13 20.76 -32.46
CA LEU B 255 11.63 21.11 -33.82
C LEU B 255 11.11 19.93 -34.62
N LYS B 256 11.72 18.77 -34.43
CA LYS B 256 11.22 17.55 -35.08
C LYS B 256 9.80 17.28 -34.58
N ASP B 257 9.60 17.41 -33.27
CA ASP B 257 8.26 17.32 -32.69
C ASP B 257 7.32 18.36 -33.29
N ALA B 258 7.71 19.64 -33.30
CA ALA B 258 6.86 20.69 -33.85
C ALA B 258 6.48 20.43 -35.31
N GLU B 259 7.42 19.93 -36.12
CA GLU B 259 7.10 19.66 -37.54
C GLU B 259 6.11 18.47 -37.67
N ARG B 260 6.22 17.51 -36.76
CA ARG B 260 5.23 16.42 -36.72
C ARG B 260 3.82 16.95 -36.42
N HIS B 261 3.74 17.88 -35.47
CA HIS B 261 2.45 18.50 -35.12
C HIS B 261 1.91 19.28 -36.31
N SER B 262 2.80 20.01 -36.99
CA SER B 262 2.44 20.71 -38.23
C SER B 262 1.89 19.75 -39.28
N ARG B 263 2.56 18.61 -39.45
CA ARG B 263 2.20 17.65 -40.46
C ARG B 263 0.79 17.07 -40.22
N TRP B 264 0.49 16.56 -39.01
CA TRP B 264 -0.85 16.08 -38.74
C TRP B 264 -1.91 17.17 -38.88
N SER B 265 -1.57 18.39 -38.50
CA SER B 265 -2.52 19.49 -38.53
C SER B 265 -2.90 19.80 -39.97
N LYS B 266 -1.91 19.77 -40.85
CA LYS B 266 -2.11 20.03 -42.26
C LYS B 266 -2.95 18.93 -42.92
N ALA B 267 -2.73 17.69 -42.49
CA ALA B 267 -3.60 16.57 -42.88
C ALA B 267 -5.05 16.75 -42.44
N LEU B 268 -5.26 17.32 -41.24
CA LEU B 268 -6.63 17.58 -40.76
C LEU B 268 -7.30 18.68 -41.60
N VAL B 269 -6.56 19.73 -41.92
CA VAL B 269 -7.06 20.80 -42.77
C VAL B 269 -7.44 20.20 -44.15
N LYS B 270 -6.56 19.38 -44.74
CA LYS B 270 -6.89 18.70 -46.02
C LYS B 270 -8.21 17.91 -45.94
N HIS B 271 -8.35 17.11 -44.88
CA HIS B 271 -9.61 16.42 -44.58
C HIS B 271 -10.81 17.42 -44.42
N ALA B 272 -10.64 18.47 -43.61
CA ALA B 272 -11.72 19.44 -43.37
C ALA B 272 -12.15 20.07 -44.70
N LEU B 273 -11.17 20.34 -45.58
CA LEU B 273 -11.47 21.07 -46.82
C LEU B 273 -12.21 20.23 -47.87
N GLU B 274 -12.51 18.96 -47.56
CA GLU B 274 -13.43 18.17 -48.39
C GLU B 274 -14.83 18.81 -48.41
N ASN B 275 -15.16 19.49 -47.32
CA ASN B 275 -16.34 20.33 -47.24
C ASN B 275 -15.92 21.75 -47.63
N PRO B 276 -16.33 22.24 -48.81
CA PRO B 276 -15.85 23.56 -49.27
C PRO B 276 -16.22 24.73 -48.33
N ASP B 277 -17.27 24.59 -47.53
CA ASP B 277 -17.63 25.61 -46.55
C ASP B 277 -16.56 25.80 -45.50
N ASN B 278 -15.69 24.81 -45.33
CA ASN B 278 -14.67 24.94 -44.29
C ASN B 278 -13.51 25.91 -44.60
N HIS B 279 -13.30 26.21 -45.87
CA HIS B 279 -12.21 27.08 -46.23
C HIS B 279 -12.36 28.46 -45.56
N ALA B 280 -13.53 29.06 -45.70
CA ALA B 280 -13.79 30.39 -45.13
C ALA B 280 -13.79 30.41 -43.60
N VAL B 281 -14.28 29.33 -42.98
CA VAL B 281 -14.29 29.14 -41.53
C VAL B 281 -12.84 29.07 -40.97
N ILE B 282 -12.01 28.19 -41.55
CA ILE B 282 -10.61 28.08 -41.17
C ILE B 282 -9.90 29.41 -41.46
N GLU B 283 -10.08 29.97 -42.66
CA GLU B 283 -9.49 31.31 -42.97
C GLU B 283 -9.84 32.34 -41.94
N GLY B 284 -11.11 32.38 -41.52
CA GLY B 284 -11.59 33.43 -40.63
C GLY B 284 -10.96 33.33 -39.24
N TRP B 285 -10.78 32.09 -38.77
CA TRP B 285 -10.08 31.87 -37.49
C TRP B 285 -8.58 32.23 -37.55
N ILE B 286 -7.94 31.90 -38.66
CA ILE B 286 -6.55 32.32 -38.88
C ILE B 286 -6.44 33.85 -38.87
N GLU B 287 -7.30 34.54 -39.62
CA GLU B 287 -7.30 35.99 -39.69
C GLU B 287 -7.50 36.60 -38.34
N LYS B 288 -8.35 35.95 -37.54
CA LYS B 288 -8.66 36.38 -36.18
C LYS B 288 -7.43 36.29 -35.28
N TRP B 289 -6.78 35.12 -35.29
CA TRP B 289 -5.69 34.86 -34.36
C TRP B 289 -4.31 35.45 -34.77
N ARG B 290 -4.07 35.56 -36.08
CA ARG B 290 -2.76 36.00 -36.54
C ARG B 290 -2.20 37.32 -35.95
N PRO B 291 -3.00 38.41 -35.86
CA PRO B 291 -2.48 39.67 -35.29
C PRO B 291 -1.97 39.51 -33.85
N LEU B 292 -2.74 38.84 -33.00
CA LEU B 292 -2.33 38.55 -31.61
C LEU B 292 -1.01 37.77 -31.55
N ALA B 293 -0.90 36.76 -32.41
CA ALA B 293 0.32 35.94 -32.48
C ALA B 293 1.50 36.72 -32.98
N ASP B 294 1.26 37.66 -33.91
CA ASP B 294 2.33 38.46 -34.48
C ASP B 294 2.85 39.48 -33.46
N ARG B 295 1.94 40.10 -32.70
CA ARG B 295 2.27 40.95 -31.54
C ARG B 295 3.05 40.19 -30.44
N ALA B 296 2.64 38.96 -30.13
CA ALA B 296 3.38 38.08 -29.22
C ALA B 296 4.82 37.89 -29.70
N ALA B 297 4.95 37.50 -30.97
CA ALA B 297 6.24 37.18 -31.54
C ALA B 297 7.14 38.44 -31.48
N GLU B 298 6.55 39.60 -31.77
CA GLU B 298 7.31 40.82 -31.91
C GLU B 298 7.89 41.27 -30.54
N ALA B 299 7.06 41.22 -29.51
CA ALA B 299 7.50 41.60 -28.18
C ALA B 299 8.56 40.62 -27.64
N TYR B 300 8.42 39.34 -27.96
CA TYR B 300 9.40 38.34 -27.59
C TYR B 300 10.75 38.54 -28.29
N LEU B 301 10.73 38.74 -29.61
CA LEU B 301 11.95 38.86 -30.41
C LEU B 301 12.79 40.04 -29.95
N SER B 302 12.14 41.15 -29.65
CA SER B 302 12.92 42.27 -29.22
C SER B 302 13.51 42.08 -27.79
N MET B 303 12.76 41.47 -26.87
CA MET B 303 13.34 41.10 -25.58
C MET B 303 14.54 40.16 -25.74
N LEU B 304 14.43 39.17 -26.61
CA LEU B 304 15.47 38.17 -26.82
C LEU B 304 16.79 38.85 -27.20
N SER B 305 16.68 39.97 -27.91
CA SER B 305 17.86 40.53 -28.51
C SER B 305 18.40 41.74 -27.74
N SER B 306 17.65 42.19 -26.74
CA SER B 306 17.91 43.50 -26.11
C SER B 306 19.21 43.59 -25.29
N SER C 2 -55.95 0.09 -23.77
CA SER C 2 -55.96 -0.13 -22.31
C SER C 2 -54.84 -1.07 -21.87
N ALA C 3 -53.77 -1.20 -22.66
CA ALA C 3 -52.51 -1.74 -22.16
C ALA C 3 -52.02 -0.88 -20.99
N PHE C 4 -51.54 -1.58 -19.97
CA PHE C 4 -51.23 -0.99 -18.70
C PHE C 4 -49.96 -1.70 -18.22
N PRO C 5 -48.80 -1.04 -18.39
CA PRO C 5 -47.55 -1.66 -17.92
C PRO C 5 -47.43 -1.57 -16.42
N VAL C 6 -47.03 -2.67 -15.78
CA VAL C 6 -46.65 -2.64 -14.38
C VAL C 6 -45.30 -3.34 -14.24
N HIS C 7 -44.64 -3.06 -13.13
CA HIS C 7 -43.47 -3.81 -12.74
C HIS C 7 -43.87 -4.69 -11.56
N ALA C 8 -43.69 -5.99 -11.72
CA ALA C 8 -44.27 -6.96 -10.80
C ALA C 8 -43.17 -7.86 -10.21
N ALA C 9 -43.20 -8.01 -8.88
CA ALA C 9 -42.31 -8.94 -8.16
C ALA C 9 -43.16 -10.11 -7.65
N PHE C 10 -42.90 -11.29 -8.16
CA PHE C 10 -43.58 -12.52 -7.77
C PHE C 10 -42.86 -13.16 -6.57
N GLU C 11 -43.66 -13.59 -5.58
CA GLU C 11 -43.14 -14.24 -4.37
C GLU C 11 -42.19 -15.39 -4.71
N LYS C 12 -41.01 -15.33 -4.10
CA LYS C 12 -39.94 -16.35 -4.24
C LYS C 12 -38.97 -16.18 -5.45
N ASP C 13 -39.25 -15.20 -6.32
CA ASP C 13 -38.44 -14.96 -7.52
C ASP C 13 -37.28 -14.02 -7.13
N PHE C 14 -36.32 -13.77 -8.04
CA PHE C 14 -35.12 -12.98 -7.70
C PHE C 14 -35.20 -11.57 -8.26
N LEU C 15 -36.20 -11.31 -9.09
CA LEU C 15 -36.32 -9.98 -9.74
C LEU C 15 -37.73 -9.35 -9.84
N VAL C 16 -37.75 -8.09 -10.28
CA VAL C 16 -38.96 -7.42 -10.73
C VAL C 16 -38.92 -7.46 -12.26
N GLN C 17 -40.08 -7.67 -12.88
CA GLN C 17 -40.17 -7.73 -14.35
C GLN C 17 -41.24 -6.83 -14.87
N LEU C 18 -41.06 -6.36 -16.10
CA LEU C 18 -42.15 -5.69 -16.83
C LEU C 18 -43.24 -6.70 -17.18
N VAL C 19 -44.46 -6.40 -16.80
CA VAL C 19 -45.59 -7.20 -17.29
C VAL C 19 -46.66 -6.22 -17.76
N VAL C 20 -47.18 -6.43 -18.96
CA VAL C 20 -48.18 -5.51 -19.46
C VAL C 20 -49.55 -6.12 -19.21
N VAL C 21 -50.33 -5.43 -18.39
CA VAL C 21 -51.68 -5.92 -18.10
C VAL C 21 -52.70 -5.04 -18.82
N ASP C 22 -53.99 -5.35 -18.66
CA ASP C 22 -55.08 -4.54 -19.21
C ASP C 22 -55.69 -3.64 -18.13
N LEU C 23 -56.10 -2.43 -18.51
CA LEU C 23 -56.72 -1.48 -17.59
C LEU C 23 -57.93 -2.07 -16.84
N ASN C 24 -58.62 -3.01 -17.48
CA ASN C 24 -59.78 -3.63 -16.85
C ASN C 24 -59.61 -5.05 -16.31
N ASP C 25 -58.36 -5.53 -16.25
CA ASP C 25 -58.09 -6.84 -15.59
C ASP C 25 -58.40 -6.78 -14.12
N SER C 26 -59.02 -7.85 -13.62
CA SER C 26 -59.15 -8.05 -12.20
C SER C 26 -57.78 -8.39 -11.65
N MET C 27 -57.62 -8.29 -10.35
CA MET C 27 -56.36 -8.71 -9.72
C MET C 27 -56.10 -10.18 -9.99
N ASP C 28 -57.15 -11.00 -10.03
CA ASP C 28 -57.00 -12.43 -10.37
C ASP C 28 -56.34 -12.59 -11.73
N GLN C 29 -56.77 -11.78 -12.70
CA GLN C 29 -56.22 -11.85 -14.04
C GLN C 29 -54.80 -11.30 -14.09
N VAL C 30 -54.55 -10.24 -13.30
CA VAL C 30 -53.19 -9.68 -13.18
C VAL C 30 -52.22 -10.74 -12.65
N ALA C 31 -52.59 -11.42 -11.58
CA ALA C 31 -51.70 -12.41 -10.94
C ALA C 31 -51.37 -13.49 -11.95
N GLU C 32 -52.36 -13.84 -12.77
CA GLU C 32 -52.19 -14.87 -13.79
C GLU C 32 -51.19 -14.45 -14.88
N LYS C 33 -51.33 -13.24 -15.39
CA LYS C 33 -50.37 -12.70 -16.34
C LYS C 33 -48.93 -12.58 -15.78
N VAL C 34 -48.78 -12.23 -14.52
CA VAL C 34 -47.43 -12.16 -13.90
C VAL C 34 -46.86 -13.57 -13.67
N ALA C 35 -47.70 -14.46 -13.16
CA ALA C 35 -47.29 -15.82 -12.84
C ALA C 35 -46.74 -16.52 -14.05
N TYR C 36 -47.27 -16.16 -15.22
CA TYR C 36 -46.82 -16.77 -16.47
C TYR C 36 -45.30 -16.53 -16.73
N HIS C 37 -44.78 -15.40 -16.26
CA HIS C 37 -43.36 -15.10 -16.47
C HIS C 37 -42.45 -15.65 -15.35
N CYS C 38 -43.01 -16.42 -14.42
CA CYS C 38 -42.29 -16.78 -13.18
C CYS C 38 -42.47 -18.24 -12.78
N VAL C 39 -43.73 -18.67 -12.68
CA VAL C 39 -44.07 -20.04 -12.25
C VAL C 39 -43.61 -21.06 -13.26
N ASN C 40 -42.86 -22.05 -12.77
CA ASN C 40 -42.18 -23.05 -13.62
C ASN C 40 -41.07 -22.47 -14.49
N ARG C 41 -40.60 -21.28 -14.16
CA ARG C 41 -39.46 -20.70 -14.84
C ARG C 41 -38.42 -20.53 -13.80
N ARG C 42 -38.79 -19.89 -12.71
CA ARG C 42 -37.89 -19.89 -11.61
C ARG C 42 -38.52 -19.89 -10.21
N VAL C 43 -39.82 -20.11 -10.18
CA VAL C 43 -40.55 -20.34 -8.97
C VAL C 43 -41.35 -21.64 -9.10
N ALA C 44 -41.24 -22.51 -8.12
CA ALA C 44 -41.99 -23.76 -8.15
C ALA C 44 -43.46 -23.48 -7.99
N PRO C 45 -44.27 -24.22 -8.71
CA PRO C 45 -45.72 -24.01 -8.64
C PRO C 45 -46.32 -24.33 -7.24
N ARG C 46 -47.37 -23.58 -6.85
CA ARG C 46 -48.10 -23.80 -5.59
C ARG C 46 -49.60 -23.79 -5.82
N GLU C 47 -50.34 -24.67 -5.13
CA GLU C 47 -51.79 -24.53 -5.11
C GLU C 47 -52.21 -23.45 -4.10
N GLY C 48 -53.29 -22.75 -4.37
CA GLY C 48 -53.67 -21.63 -3.52
C GLY C 48 -53.99 -20.42 -4.37
N VAL C 49 -54.50 -19.38 -3.76
CA VAL C 49 -54.94 -18.26 -4.57
C VAL C 49 -53.84 -17.20 -4.53
N MET C 50 -53.61 -16.57 -5.66
CA MET C 50 -52.60 -15.51 -5.76
C MET C 50 -53.23 -14.17 -5.48
N ARG C 51 -52.53 -13.36 -4.71
CA ARG C 51 -53.03 -12.03 -4.38
C ARG C 51 -52.07 -10.95 -4.84
N VAL C 52 -52.60 -9.75 -5.07
CA VAL C 52 -51.83 -8.66 -5.62
C VAL C 52 -51.86 -7.52 -4.61
N ARG C 53 -50.69 -6.91 -4.39
CA ARG C 53 -50.61 -5.73 -3.55
C ARG C 53 -49.63 -4.72 -4.15
N LYS C 54 -49.73 -3.49 -3.68
CA LYS C 54 -48.74 -2.46 -4.00
C LYS C 54 -47.42 -2.95 -3.38
N HIS C 55 -46.32 -2.74 -4.10
CA HIS C 55 -45.01 -3.15 -3.62
C HIS C 55 -44.78 -2.74 -2.17
N ARG C 56 -44.40 -3.71 -1.33
CA ARG C 56 -44.04 -3.46 0.09
C ARG C 56 -45.27 -3.23 0.99
N SER C 57 -46.45 -3.08 0.40
CA SER C 57 -47.65 -2.80 1.16
C SER C 57 -48.08 -4.00 2.01
N THR C 58 -48.75 -3.72 3.13
CA THR C 58 -49.32 -4.74 4.00
C THR C 58 -50.71 -5.16 3.50
N GLU C 59 -51.46 -4.22 2.92
CA GLU C 59 -52.82 -4.49 2.45
C GLU C 59 -52.84 -5.12 1.05
N LEU C 60 -53.66 -6.16 0.87
CA LEU C 60 -53.86 -6.78 -0.44
C LEU C 60 -55.07 -6.18 -1.16
N PHE C 61 -54.98 -6.03 -2.48
CA PHE C 61 -56.15 -5.64 -3.29
C PHE C 61 -57.18 -6.80 -3.31
N PRO C 62 -58.49 -6.47 -3.20
CA PRO C 62 -59.51 -7.50 -3.41
C PRO C 62 -59.28 -8.24 -4.73
N ARG C 63 -59.51 -9.55 -4.72
CA ARG C 63 -59.33 -10.40 -5.90
C ARG C 63 -60.05 -9.90 -7.14
N ASP C 64 -61.23 -9.30 -6.92
CA ASP C 64 -62.11 -8.94 -8.05
CA ASP C 64 -62.16 -8.92 -8.00
C ASP C 64 -62.01 -7.47 -8.47
N MET C 65 -61.23 -6.68 -7.72
CA MET C 65 -60.97 -5.28 -8.08
C MET C 65 -60.20 -5.27 -9.43
N THR C 66 -60.55 -4.34 -10.32
CA THR C 66 -59.79 -4.15 -11.56
C THR C 66 -58.63 -3.16 -11.32
N ILE C 67 -57.66 -3.16 -12.22
CA ILE C 67 -56.59 -2.21 -12.02
CA ILE C 67 -56.54 -2.21 -12.21
C ILE C 67 -57.08 -0.78 -12.19
N ALA C 68 -58.07 -0.56 -13.06
CA ALA C 68 -58.75 0.73 -13.16
C ALA C 68 -59.24 1.20 -11.79
N GLU C 69 -59.94 0.32 -11.07
CA GLU C 69 -60.51 0.65 -9.74
C GLU C 69 -59.46 0.79 -8.63
N SER C 70 -58.29 0.18 -8.81
CA SER C 70 -57.26 0.06 -7.80
C SER C 70 -56.57 1.35 -7.37
N GLY C 71 -56.62 2.36 -8.24
CA GLY C 71 -55.87 3.60 -8.02
C GLY C 71 -54.39 3.51 -8.43
N LEU C 72 -53.96 2.33 -8.90
CA LEU C 72 -52.63 2.14 -9.53
C LEU C 72 -52.47 2.97 -10.78
N ASN C 73 -51.24 3.42 -11.02
CA ASN C 73 -50.89 4.12 -12.24
C ASN C 73 -49.89 3.30 -13.04
N PRO C 74 -49.90 3.46 -14.36
CA PRO C 74 -48.95 2.79 -15.23
C PRO C 74 -47.50 2.91 -14.68
N THR C 75 -46.76 1.81 -14.79
CA THR C 75 -45.35 1.67 -14.35
C THR C 75 -45.10 1.68 -12.84
N GLU C 76 -46.13 1.59 -12.01
CA GLU C 76 -45.93 1.44 -10.57
C GLU C 76 -45.58 -0.03 -10.26
N VAL C 77 -45.04 -0.26 -9.07
CA VAL C 77 -44.57 -1.58 -8.70
C VAL C 77 -45.63 -2.31 -7.84
N ILE C 78 -45.92 -3.55 -8.25
CA ILE C 78 -46.80 -4.45 -7.50
C ILE C 78 -46.08 -5.75 -7.12
N ASP C 79 -46.58 -6.41 -6.05
CA ASP C 79 -46.12 -7.75 -5.63
C ASP C 79 -47.24 -8.77 -5.92
N VAL C 80 -46.86 -9.99 -6.26
CA VAL C 80 -47.83 -11.09 -6.40
C VAL C 80 -47.41 -12.21 -5.44
N VAL C 81 -48.29 -12.56 -4.47
CA VAL C 81 -47.98 -13.37 -3.30
C VAL C 81 -49.11 -14.35 -2.99
N PHE C 82 -48.85 -15.34 -2.24
CA PHE C 82 -49.87 -16.33 -1.87
C PHE C 82 -50.46 -16.04 -0.50
N GLU C 83 -51.64 -16.56 -0.24
CA GLU C 83 -52.27 -16.43 1.10
C GLU C 83 -51.67 -17.39 2.13
N ALA D 2 0.84 32.62 7.61
CA ALA D 2 0.45 31.36 6.91
C ALA D 2 1.57 30.37 7.12
N MET D 3 1.27 29.10 6.88
CA MET D 3 2.23 28.02 7.00
C MET D 3 2.49 27.43 5.61
N HIS D 4 3.73 27.08 5.33
CA HIS D 4 4.12 26.49 4.05
C HIS D 4 3.96 24.98 4.00
N PRO D 5 3.39 24.47 2.89
CA PRO D 5 3.12 23.06 2.65
C PRO D 5 4.40 22.25 2.89
N ARG D 6 4.26 21.08 3.49
CA ARG D 6 5.41 20.25 3.80
C ARG D 6 6.31 20.02 2.59
N LYS D 7 5.70 19.79 1.43
CA LYS D 7 6.46 19.37 0.23
C LYS D 7 7.47 20.41 -0.19
N ASP D 8 7.21 21.64 0.20
CA ASP D 8 8.03 22.81 -0.20
C ASP D 8 9.35 22.96 0.59
N TRP D 9 9.44 22.33 1.76
CA TRP D 9 10.65 22.43 2.61
C TRP D 9 11.20 21.06 3.04
N TYR D 10 10.45 20.00 2.73
CA TYR D 10 10.83 18.63 3.12
C TYR D 10 12.19 18.18 2.57
N GLU D 11 12.53 18.57 1.33
CA GLU D 11 13.84 18.21 0.80
C GLU D 11 14.97 18.73 1.68
N LEU D 12 14.80 19.92 2.27
CA LEU D 12 15.88 20.43 3.12
C LEU D 12 16.07 19.59 4.41
N THR D 13 15.00 18.93 4.89
CA THR D 13 15.18 17.99 6.01
C THR D 13 16.09 16.81 5.67
N ARG D 14 16.11 16.42 4.40
CA ARG D 14 16.88 15.27 3.93
C ARG D 14 18.19 15.68 3.31
N ALA D 15 18.49 16.97 3.31
CA ALA D 15 19.73 17.43 2.68
C ALA D 15 20.82 17.46 3.76
N THR D 16 21.18 16.28 4.25
CA THR D 16 22.09 16.22 5.37
C THR D 16 23.38 15.38 5.15
N ASN D 17 23.50 14.70 4.01
CA ASN D 17 24.78 14.11 3.60
C ASN D 17 25.82 15.16 3.28
N TRP D 18 27.07 14.89 3.65
CA TRP D 18 28.20 15.76 3.29
C TRP D 18 29.40 14.88 3.04
N THR D 19 30.41 15.46 2.38
CA THR D 19 31.63 14.71 2.03
C THR D 19 32.63 14.88 3.16
N PRO D 20 32.89 13.83 3.95
CA PRO D 20 33.83 14.02 5.08
C PRO D 20 35.27 14.30 4.62
N SER D 21 36.05 14.98 5.45
CA SER D 21 37.45 15.36 5.12
C SER D 21 38.41 15.02 6.25
N TYR D 22 37.91 15.12 7.48
CA TYR D 22 38.78 15.10 8.65
C TYR D 22 38.88 13.67 9.13
N VAL D 23 37.88 12.88 8.73
CA VAL D 23 37.85 11.39 8.73
C VAL D 23 37.42 10.93 7.32
N THR D 24 37.60 9.65 7.00
CA THR D 24 37.17 9.12 5.69
C THR D 24 35.68 8.80 5.73
N GLU D 25 35.07 8.63 4.56
CA GLU D 25 33.67 8.19 4.46
C GLU D 25 33.50 6.83 5.18
N GLU D 26 34.47 5.94 4.98
CA GLU D 26 34.40 4.60 5.61
C GLU D 26 34.56 4.60 7.13
N GLN D 27 35.35 5.55 7.62
CA GLN D 27 35.48 5.73 9.06
C GLN D 27 34.17 6.21 9.66
N LEU D 28 33.51 7.15 9.00
CA LEU D 28 32.22 7.73 9.48
C LEU D 28 31.06 6.75 9.37
N PHE D 29 31.03 5.96 8.28
CA PHE D 29 29.98 4.98 8.05
C PHE D 29 30.63 3.57 7.85
N PRO D 30 31.22 3.01 8.92
CA PRO D 30 31.96 1.72 8.76
C PRO D 30 31.00 0.60 8.31
N GLU D 31 31.43 -0.20 7.33
CA GLU D 31 30.55 -1.22 6.70
C GLU D 31 29.91 -2.14 7.75
N ARG D 32 30.69 -2.50 8.76
CA ARG D 32 30.24 -3.36 9.84
C ARG D 32 28.95 -2.83 10.53
N MET D 33 28.83 -1.50 10.68
CA MET D 33 27.69 -0.91 11.33
C MET D 33 26.66 -0.33 10.34
N SER D 34 27.13 0.05 9.14
CA SER D 34 26.30 0.71 8.15
C SER D 34 25.71 -0.23 7.13
N GLY D 35 26.50 -1.20 6.66
CA GLY D 35 26.02 -2.17 5.68
C GLY D 35 25.73 -1.62 4.31
N HIS D 36 26.42 -0.53 3.96
CA HIS D 36 26.19 0.14 2.67
C HIS D 36 26.71 -0.64 1.45
N MET D 37 27.41 -1.76 1.67
CA MET D 37 27.87 -2.68 0.57
C MET D 37 28.77 -1.98 -0.46
N GLY D 38 29.46 -0.93 0.00
CA GLY D 38 30.31 -0.10 -0.83
C GLY D 38 29.61 0.86 -1.76
N ILE D 39 28.27 0.92 -1.71
CA ILE D 39 27.53 1.92 -2.46
C ILE D 39 27.88 3.37 -1.97
N PRO D 40 28.32 4.24 -2.91
CA PRO D 40 28.85 5.55 -2.54
C PRO D 40 27.74 6.45 -2.02
N LEU D 41 28.12 7.36 -1.14
CA LEU D 41 27.24 8.27 -0.46
C LEU D 41 26.17 8.90 -1.36
N GLU D 42 26.58 9.37 -2.54
CA GLU D 42 25.71 10.15 -3.42
C GLU D 42 24.49 9.35 -3.85
N LYS D 43 24.66 8.04 -4.01
CA LYS D 43 23.56 7.15 -4.46
C LYS D 43 22.46 7.10 -3.44
N TRP D 44 22.85 7.09 -2.16
CA TRP D 44 21.89 7.07 -1.04
C TRP D 44 21.03 8.32 -0.92
N GLU D 45 21.49 9.44 -1.49
CA GLU D 45 20.70 10.68 -1.43
C GLU D 45 19.34 10.61 -2.16
N SER D 46 19.14 9.60 -3.02
CA SER D 46 17.88 9.47 -3.73
C SER D 46 16.85 8.64 -2.95
N TYR D 47 17.25 8.06 -1.82
CA TYR D 47 16.31 7.36 -0.90
C TYR D 47 15.05 8.19 -0.68
N ASP D 48 13.86 7.65 -0.92
CA ASP D 48 12.65 8.48 -0.83
C ASP D 48 11.49 7.70 -0.20
N GLU D 49 11.33 7.81 1.12
CA GLU D 49 10.26 7.10 1.82
C GLU D 49 8.89 7.58 1.36
N PRO D 50 7.93 6.65 1.15
CA PRO D 50 6.62 7.04 0.59
C PRO D 50 5.65 7.72 1.57
N TYR D 51 5.81 7.46 2.86
CA TYR D 51 4.94 8.09 3.88
C TYR D 51 5.66 9.15 4.72
N LYS D 52 5.63 10.39 4.23
CA LYS D 52 6.43 11.44 4.83
C LYS D 52 5.78 11.96 6.12
N THR D 53 6.59 12.40 7.08
CA THR D 53 6.03 13.15 8.21
C THR D 53 7.12 14.10 8.75
N SER D 54 6.73 14.97 9.69
CA SER D 54 7.67 15.93 10.24
C SER D 54 7.47 16.02 11.76
N TYR D 55 8.47 16.55 12.43
CA TYR D 55 8.44 16.65 13.90
C TYR D 55 7.14 17.26 14.51
N PRO D 56 6.70 18.49 14.11
CA PRO D 56 5.47 19.09 14.69
C PRO D 56 4.28 18.16 14.53
N GLU D 57 4.17 17.53 13.35
CA GLU D 57 3.02 16.64 13.09
C GLU D 57 3.09 15.43 14.02
N TYR D 58 4.32 14.96 14.25
CA TYR D 58 4.50 13.68 14.98
C TYR D 58 4.12 13.89 16.44
N VAL D 59 4.71 14.89 17.09
CA VAL D 59 4.40 15.07 18.53
C VAL D 59 2.93 15.36 18.74
N SER D 60 2.28 16.01 17.76
CA SER D 60 0.86 16.37 17.86
C SER D 60 -0.04 15.14 17.75
N ILE D 61 0.19 14.31 16.73
CA ILE D 61 -0.64 13.14 16.53
CA ILE D 61 -0.64 13.13 16.52
C ILE D 61 -0.45 12.07 17.61
N GLN D 62 0.79 11.89 18.05
CA GLN D 62 1.11 10.82 18.99
C GLN D 62 0.64 11.26 20.40
N ARG D 63 0.66 12.56 20.69
CA ARG D 63 0.03 13.03 21.93
C ARG D 63 -1.46 12.61 21.97
N GLU D 64 -2.17 12.88 20.88
CA GLU D 64 -3.55 12.47 20.77
C GLU D 64 -3.71 10.94 20.88
N LYS D 65 -2.84 10.16 20.23
CA LYS D 65 -2.94 8.69 20.26
C LYS D 65 -2.86 8.16 21.68
N ASP D 66 -1.85 8.59 22.44
CA ASP D 66 -1.69 8.15 23.82
C ASP D 66 -2.89 8.61 24.69
N ALA D 67 -3.38 9.83 24.47
CA ALA D 67 -4.53 10.30 25.29
C ALA D 67 -5.70 9.30 25.10
N GLY D 68 -5.92 8.86 23.86
CA GLY D 68 -6.95 7.85 23.56
C GLY D 68 -6.68 6.50 24.21
N ALA D 69 -5.45 5.99 24.07
CA ALA D 69 -5.15 4.62 24.62
C ALA D 69 -5.31 4.56 26.15
N TYR D 70 -4.84 5.61 26.84
CA TYR D 70 -4.92 5.63 28.31
C TYR D 70 -6.28 6.03 28.87
N SER D 71 -7.03 6.90 28.19
CA SER D 71 -8.42 7.19 28.60
CA SER D 71 -8.41 7.20 28.61
C SER D 71 -9.31 5.95 28.55
N VAL D 72 -9.18 5.17 27.48
CA VAL D 72 -9.96 3.95 27.34
C VAL D 72 -9.61 2.94 28.43
N LYS D 73 -8.32 2.76 28.70
CA LYS D 73 -7.89 1.86 29.78
C LYS D 73 -8.52 2.33 31.08
N ALA D 74 -8.41 3.63 31.35
CA ALA D 74 -8.95 4.20 32.59
C ALA D 74 -10.46 3.95 32.76
N ALA D 75 -11.22 4.21 31.69
CA ALA D 75 -12.67 4.08 31.70
C ALA D 75 -13.16 2.63 31.79
N LEU D 76 -12.36 1.67 31.36
CA LEU D 76 -12.82 0.27 31.36
C LEU D 76 -12.25 -0.54 32.50
N GLU D 77 -11.58 0.12 33.44
CA GLU D 77 -10.92 -0.60 34.56
C GLU D 77 -11.86 -1.59 35.29
N ARG D 78 -13.17 -1.30 35.30
CA ARG D 78 -14.15 -2.13 36.03
C ARG D 78 -14.68 -3.35 35.26
N ALA D 79 -14.36 -3.48 33.97
CA ALA D 79 -14.76 -4.65 33.19
C ALA D 79 -14.10 -5.95 33.70
N LYS D 80 -13.18 -5.83 34.65
CA LYS D 80 -12.56 -7.01 35.28
C LYS D 80 -12.36 -8.13 34.22
N ILE D 81 -11.43 -7.89 33.29
CA ILE D 81 -11.11 -8.81 32.22
C ILE D 81 -10.45 -10.04 32.82
N TYR D 82 -9.55 -9.84 33.77
CA TYR D 82 -8.83 -11.00 34.30
C TYR D 82 -9.80 -12.09 34.83
N GLU D 83 -10.93 -11.64 35.38
CA GLU D 83 -11.96 -12.53 35.94
C GLU D 83 -13.02 -13.02 34.95
N ASN D 84 -13.39 -12.21 33.97
CA ASN D 84 -14.49 -12.58 33.03
C ASN D 84 -14.10 -13.10 31.63
N SER D 85 -12.83 -12.97 31.26
CA SER D 85 -12.34 -13.45 29.98
C SER D 85 -12.13 -14.95 30.03
N ASP D 86 -12.17 -15.57 28.87
CA ASP D 86 -11.86 -16.97 28.71
C ASP D 86 -10.39 -17.14 29.08
N PRO D 87 -10.05 -18.21 29.82
CA PRO D 87 -8.66 -18.52 30.17
C PRO D 87 -7.73 -18.48 28.95
N GLY D 88 -8.22 -18.93 27.79
CA GLY D 88 -7.45 -18.89 26.55
C GLY D 88 -7.06 -17.49 26.13
N TRP D 89 -7.94 -16.53 26.38
CA TRP D 89 -7.59 -15.08 26.15
C TRP D 89 -6.54 -14.56 27.16
N ILE D 90 -6.72 -14.90 28.44
CA ILE D 90 -5.76 -14.45 29.45
C ILE D 90 -4.37 -14.97 29.09
N SER D 91 -4.28 -16.23 28.68
CA SER D 91 -3.02 -16.81 28.17
C SER D 91 -2.47 -16.13 26.93
N THR D 92 -3.34 -15.68 26.03
CA THR D 92 -2.93 -14.95 24.84
C THR D 92 -2.28 -13.64 25.26
N LEU D 93 -2.87 -12.98 26.25
CA LEU D 93 -2.26 -11.75 26.79
C LEU D 93 -0.91 -12.04 27.45
N LYS D 94 -0.86 -13.05 28.30
CA LYS D 94 0.40 -13.37 28.99
C LYS D 94 1.51 -13.69 28.03
N SER D 95 1.23 -14.58 27.05
CA SER D 95 2.23 -14.89 26.02
C SER D 95 2.65 -13.61 25.25
N HIS D 96 1.66 -12.84 24.76
CA HIS D 96 1.91 -11.62 24.00
C HIS D 96 2.83 -10.67 24.73
N TYR D 97 2.45 -10.31 25.95
CA TYR D 97 3.24 -9.26 26.63
C TYR D 97 4.66 -9.77 26.94
N GLY D 98 4.80 -11.05 27.30
CA GLY D 98 6.14 -11.53 27.65
C GLY D 98 7.03 -11.53 26.41
N ALA D 99 6.46 -11.98 25.29
CA ALA D 99 7.27 -12.15 24.06
C ALA D 99 7.55 -10.84 23.34
N ILE D 100 6.69 -9.84 23.58
CA ILE D 100 6.70 -8.59 22.80
C ILE D 100 7.21 -7.34 23.52
N ALA D 101 6.81 -7.11 24.78
CA ALA D 101 6.99 -5.75 25.35
C ALA D 101 8.47 -5.29 25.34
N VAL D 102 9.37 -6.08 25.92
CA VAL D 102 10.76 -5.70 26.00
C VAL D 102 11.43 -5.86 24.62
N GLY D 103 10.88 -6.69 23.72
CA GLY D 103 11.38 -6.74 22.33
C GLY D 103 11.08 -5.44 21.57
N GLU D 104 9.89 -4.86 21.77
CA GLU D 104 9.59 -3.47 21.27
C GLU D 104 10.66 -2.48 21.69
N TYR D 105 11.02 -2.52 22.98
CA TYR D 105 12.08 -1.66 23.49
C TYR D 105 13.43 -1.91 22.82
N ALA D 106 13.73 -3.19 22.58
CA ALA D 106 14.92 -3.54 21.79
C ALA D 106 14.91 -2.98 20.38
N ALA D 107 13.74 -2.91 19.77
CA ALA D 107 13.63 -2.35 18.41
C ALA D 107 14.05 -0.87 18.38
N VAL D 108 14.01 -0.17 19.51
CA VAL D 108 14.56 1.19 19.58
C VAL D 108 16.02 1.18 19.08
N THR D 109 16.75 0.16 19.48
CA THR D 109 18.15 0.03 19.14
C THR D 109 18.37 -0.24 17.62
N GLY D 110 17.54 -1.12 17.03
CA GLY D 110 17.55 -1.30 15.60
C GLY D 110 17.31 0.01 14.87
N GLU D 111 16.36 0.80 15.36
CA GLU D 111 16.04 2.07 14.73
C GLU D 111 17.21 3.03 14.95
N GLY D 112 17.82 3.04 16.14
CA GLY D 112 18.99 3.92 16.43
C GLY D 112 20.23 3.54 15.58
N ARG D 113 20.40 2.25 15.34
CA ARG D 113 21.41 1.75 14.38
C ARG D 113 21.30 2.46 13.00
N MET D 114 20.08 2.50 12.46
CA MET D 114 19.78 3.18 11.18
C MET D 114 19.95 4.70 11.30
N ALA D 115 19.43 5.28 12.41
CA ALA D 115 19.57 6.75 12.67
C ALA D 115 20.99 7.26 12.63
N ARG D 116 21.95 6.48 13.18
CA ARG D 116 23.32 6.90 13.18
C ARG D 116 24.07 6.40 11.92
N PHE D 117 23.84 5.13 11.53
CA PHE D 117 24.68 4.47 10.52
C PHE D 117 24.21 4.39 9.06
N SER D 118 22.93 4.60 8.78
CA SER D 118 22.49 4.59 7.40
C SER D 118 23.07 5.76 6.58
N LYS D 119 23.53 5.47 5.36
CA LYS D 119 24.02 6.53 4.49
C LYS D 119 22.90 7.33 3.83
N ALA D 120 21.64 6.90 4.01
CA ALA D 120 20.48 7.57 3.40
C ALA D 120 19.88 8.58 4.37
N PRO D 121 19.97 9.90 4.07
CA PRO D 121 19.38 10.92 5.00
C PRO D 121 17.92 10.68 5.40
N GLY D 122 17.09 10.30 4.44
CA GLY D 122 15.66 10.02 4.70
C GLY D 122 15.47 8.87 5.66
N ASN D 123 16.33 7.86 5.55
CA ASN D 123 16.33 6.70 6.45
C ASN D 123 16.78 7.16 7.82
N ARG D 124 17.78 8.03 7.89
CA ARG D 124 18.24 8.48 9.21
C ARG D 124 17.15 9.22 9.97
N ASN D 125 16.31 10.00 9.28
CA ASN D 125 15.24 10.77 9.95
C ASN D 125 14.05 9.89 10.25
N MET D 126 13.68 9.04 9.30
CA MET D 126 12.55 8.13 9.59
C MET D 126 12.88 7.19 10.77
N ALA D 127 14.14 6.81 10.89
CA ALA D 127 14.61 5.94 11.97
C ALA D 127 14.55 6.66 13.29
N THR D 128 14.69 7.99 13.23
CA THR D 128 14.49 8.79 14.42
C THR D 128 13.06 8.68 14.91
N PHE D 129 12.08 8.82 14.03
CA PHE D 129 10.68 8.53 14.39
C PHE D 129 10.45 7.06 14.78
N GLY D 130 11.17 6.16 14.12
CA GLY D 130 11.19 4.74 14.52
C GLY D 130 11.65 4.55 15.97
N MET D 131 12.73 5.20 16.38
CA MET D 131 13.19 5.13 17.79
C MET D 131 12.05 5.51 18.74
N MET D 132 11.35 6.58 18.39
CA MET D 132 10.31 7.13 19.25
C MET D 132 9.10 6.22 19.26
N ASP D 133 8.74 5.72 18.10
CA ASP D 133 7.62 4.79 17.98
C ASP D 133 7.85 3.51 18.80
N GLU D 134 9.05 2.92 18.75
CA GLU D 134 9.27 1.67 19.50
C GLU D 134 9.41 1.94 21.00
N LEU D 135 9.94 3.11 21.34
CA LEU D 135 9.86 3.56 22.75
C LEU D 135 8.42 3.60 23.24
N ARG D 136 7.54 4.18 22.43
CA ARG D 136 6.11 4.17 22.77
C ARG D 136 5.58 2.78 23.03
N HIS D 137 5.86 1.88 22.09
CA HIS D 137 5.28 0.56 22.11
C HIS D 137 5.76 -0.22 23.32
N GLY D 138 7.06 -0.14 23.59
CA GLY D 138 7.67 -0.76 24.77
C GLY D 138 7.02 -0.25 26.05
N GLN D 139 6.90 1.07 26.16
CA GLN D 139 6.32 1.63 27.38
C GLN D 139 4.85 1.27 27.53
N LEU D 140 4.07 1.43 26.46
CA LEU D 140 2.65 1.03 26.51
C LEU D 140 2.50 -0.42 26.96
N GLN D 141 3.29 -1.34 26.40
CA GLN D 141 3.14 -2.77 26.68
C GLN D 141 3.86 -3.24 27.97
N LEU D 142 4.44 -2.29 28.69
CA LEU D 142 4.84 -2.50 30.11
C LEU D 142 3.73 -1.92 31.03
N PHE D 143 3.31 -0.67 30.74
CA PHE D 143 2.30 0.00 31.57
C PHE D 143 0.98 -0.77 31.66
N PHE D 144 0.54 -1.32 30.54
CA PHE D 144 -0.78 -2.00 30.49
C PHE D 144 -0.79 -3.32 31.26
N PRO D 145 0.18 -4.21 31.02
CA PRO D 145 0.17 -5.46 31.84
C PRO D 145 0.57 -5.25 33.32
N HIS D 146 1.25 -4.16 33.64
CA HIS D 146 1.54 -3.81 35.04
C HIS D 146 0.28 -3.86 35.92
N GLU D 147 -0.86 -3.40 35.38
CA GLU D 147 -2.18 -3.49 36.06
C GLU D 147 -2.47 -4.91 36.60
N TYR D 148 -2.01 -5.93 35.88
CA TYR D 148 -2.33 -7.33 36.22
C TYR D 148 -1.29 -8.05 37.08
N CYS D 149 -0.13 -7.43 37.38
CA CYS D 149 0.81 -8.07 38.29
C CYS D 149 0.11 -8.52 39.58
N LYS D 150 -0.73 -7.64 40.14
CA LYS D 150 -1.46 -7.92 41.41
C LYS D 150 -2.44 -9.11 41.31
N LYS D 151 -2.74 -9.52 40.07
CA LYS D 151 -3.67 -10.61 39.82
C LYS D 151 -3.00 -11.96 39.65
N ASP D 152 -1.83 -11.96 39.02
CA ASP D 152 -1.19 -13.20 38.56
C ASP D 152 0.32 -12.96 38.33
N ARG D 153 1.17 -13.76 38.97
CA ARG D 153 2.64 -13.66 38.85
C ARG D 153 3.12 -13.89 37.42
N GLN D 154 2.33 -14.59 36.61
CA GLN D 154 2.74 -14.79 35.20
C GLN D 154 2.81 -13.45 34.41
N PHE D 155 1.99 -12.47 34.80
CA PHE D 155 2.12 -11.12 34.24
C PHE D 155 3.43 -10.42 34.57
N ASP D 156 4.16 -10.94 35.55
CA ASP D 156 5.48 -10.37 35.83
C ASP D 156 6.40 -10.56 34.61
N TRP D 157 6.08 -11.60 33.81
CA TRP D 157 6.87 -11.96 32.63
C TRP D 157 6.85 -10.91 31.47
N ALA D 158 5.85 -10.01 31.48
CA ALA D 158 5.84 -8.85 30.59
C ALA D 158 7.17 -8.08 30.70
N TRP D 159 7.69 -8.00 31.93
CA TRP D 159 9.03 -7.42 32.18
C TRP D 159 10.12 -8.49 32.17
N ARG D 160 9.89 -9.62 32.85
CA ARG D 160 10.97 -10.57 33.17
C ARG D 160 11.45 -11.46 32.00
N ALA D 161 10.57 -11.71 31.03
CA ALA D 161 10.91 -12.73 29.99
C ALA D 161 12.30 -12.53 29.37
N TYR D 162 12.59 -11.33 28.85
CA TYR D 162 13.84 -11.10 28.17
C TYR D 162 15.04 -11.12 29.10
N HIS D 163 14.80 -11.01 30.42
CA HIS D 163 15.83 -11.14 31.46
C HIS D 163 16.06 -12.59 31.90
N SER D 164 15.32 -13.53 31.31
CA SER D 164 15.39 -14.94 31.70
C SER D 164 16.09 -15.80 30.64
N ASN D 165 16.36 -17.02 31.03
CA ASN D 165 16.78 -18.07 30.10
C ASN D 165 15.66 -19.07 29.80
N GLU D 166 14.41 -18.63 29.91
CA GLU D 166 13.28 -19.55 29.64
C GLU D 166 13.28 -19.85 28.12
N TRP D 167 12.92 -21.08 27.69
CA TRP D 167 13.27 -21.48 26.32
C TRP D 167 12.63 -20.63 25.25
N ALA D 168 11.39 -20.18 25.45
CA ALA D 168 10.70 -19.37 24.46
C ALA D 168 11.33 -17.96 24.40
N ALA D 169 11.84 -17.49 25.53
CA ALA D 169 12.48 -16.16 25.61
C ALA D 169 13.82 -16.16 24.90
N ILE D 170 14.56 -17.26 25.01
CA ILE D 170 15.77 -17.48 24.20
C ILE D 170 15.46 -17.47 22.70
N ALA D 171 14.42 -18.19 22.29
CA ALA D 171 13.93 -18.17 20.88
C ALA D 171 13.65 -16.74 20.39
N ALA D 172 12.81 -16.04 21.16
CA ALA D 172 12.51 -14.64 20.84
C ALA D 172 13.80 -13.80 20.78
N LYS D 173 14.68 -13.94 21.77
CA LYS D 173 15.88 -13.10 21.81
C LYS D 173 16.86 -13.41 20.69
N HIS D 174 16.99 -14.70 20.38
CA HIS D 174 17.89 -15.14 19.29
C HIS D 174 17.39 -14.61 17.94
N PHE D 175 16.07 -14.70 17.67
CA PHE D 175 15.49 -14.04 16.49
C PHE D 175 15.73 -12.51 16.48
N PHE D 176 15.26 -11.80 17.51
CA PHE D 176 15.33 -10.33 17.54
C PHE D 176 16.73 -9.77 17.62
N ASP D 177 17.64 -10.44 18.34
CA ASP D 177 18.99 -9.97 18.35
C ASP D 177 19.65 -10.22 16.99
N ASP D 178 19.19 -11.23 16.24
CA ASP D 178 19.75 -11.49 14.90
C ASP D 178 19.26 -10.43 13.92
N ILE D 179 17.97 -10.11 13.94
CA ILE D 179 17.40 -9.14 12.95
C ILE D 179 17.31 -7.67 13.36
N ILE D 180 17.31 -7.37 14.65
CA ILE D 180 17.13 -5.99 15.12
C ILE D 180 18.40 -5.41 15.65
N THR D 181 18.98 -6.08 16.64
CA THR D 181 20.13 -5.51 17.40
C THR D 181 21.52 -5.98 17.00
N GLY D 182 21.62 -7.04 16.21
CA GLY D 182 22.94 -7.69 16.00
C GLY D 182 23.55 -7.48 14.63
N ARG D 183 22.99 -6.56 13.84
CA ARG D 183 23.50 -6.35 12.48
C ARG D 183 23.59 -4.89 12.07
N ASP D 184 24.25 -4.63 10.94
CA ASP D 184 24.34 -3.28 10.36
C ASP D 184 23.00 -2.72 9.96
N ALA D 185 23.03 -1.39 9.76
CA ALA D 185 21.85 -0.57 9.54
C ALA D 185 21.01 -1.03 8.36
N ILE D 186 21.67 -1.33 7.25
CA ILE D 186 20.95 -1.82 6.04
C ILE D 186 20.29 -3.19 6.26
N SER D 187 20.97 -4.08 6.97
CA SER D 187 20.34 -5.35 7.42
C SER D 187 19.09 -5.18 8.30
N VAL D 188 19.18 -4.25 9.26
CA VAL D 188 17.98 -3.87 10.04
C VAL D 188 16.88 -3.41 9.09
N ALA D 189 17.18 -2.44 8.23
CA ALA D 189 16.17 -1.96 7.28
C ALA D 189 15.51 -3.13 6.55
N ILE D 190 16.29 -4.05 6.01
CA ILE D 190 15.74 -5.16 5.23
C ILE D 190 15.05 -6.23 6.08
N MET D 191 15.72 -6.62 7.14
CA MET D 191 15.32 -7.79 7.93
C MET D 191 14.22 -7.47 8.92
N LEU D 192 14.36 -6.34 9.59
CA LEU D 192 13.35 -5.84 10.55
C LEU D 192 12.21 -5.12 9.83
N THR D 193 12.48 -4.00 9.15
CA THR D 193 11.35 -3.20 8.71
C THR D 193 10.59 -3.80 7.55
N PHE D 194 11.31 -4.33 6.56
CA PHE D 194 10.65 -4.88 5.38
C PHE D 194 10.15 -6.28 5.71
N SER D 195 11.06 -7.14 6.15
CA SER D 195 10.72 -8.59 6.28
C SER D 195 9.81 -8.89 7.46
N PHE D 196 10.10 -8.30 8.62
CA PHE D 196 9.35 -8.61 9.83
C PHE D 196 8.14 -7.69 10.12
N GLU D 197 8.37 -6.39 10.10
CA GLU D 197 7.30 -5.45 10.41
C GLU D 197 6.33 -5.37 9.23
N THR D 198 6.83 -5.00 8.06
CA THR D 198 5.92 -4.94 6.89
C THR D 198 5.32 -6.29 6.57
N GLY D 199 6.13 -7.35 6.71
CA GLY D 199 5.75 -8.72 6.32
C GLY D 199 4.90 -9.55 7.25
N PHE D 200 4.99 -9.31 8.56
CA PHE D 200 4.25 -10.09 9.57
C PHE D 200 3.47 -9.24 10.57
N THR D 201 4.14 -8.29 11.21
CA THR D 201 3.61 -7.71 12.46
C THR D 201 2.49 -6.76 12.16
N ASN D 202 2.64 -5.97 11.10
CA ASN D 202 1.57 -5.08 10.70
C ASN D 202 0.21 -5.80 10.63
N MET D 203 0.15 -6.91 9.91
CA MET D 203 -1.11 -7.64 9.78
C MET D 203 -1.47 -8.48 11.02
N GLN D 204 -0.45 -8.89 11.77
CA GLN D 204 -0.65 -9.64 12.99
C GLN D 204 -1.34 -8.75 14.02
N PHE D 205 -0.88 -7.51 14.15
CA PHE D 205 -1.48 -6.55 15.07
C PHE D 205 -2.89 -6.18 14.65
N LEU D 206 -3.11 -6.00 13.35
CA LEU D 206 -4.47 -5.80 12.84
C LEU D 206 -5.37 -6.93 13.27
N GLY D 207 -4.91 -8.15 13.05
CA GLY D 207 -5.63 -9.33 13.44
C GLY D 207 -5.86 -9.45 14.94
N LEU D 208 -4.83 -9.16 15.74
CA LEU D 208 -4.92 -9.31 17.20
C LEU D 208 -5.95 -8.38 17.82
N ALA D 209 -5.95 -7.12 17.37
CA ALA D 209 -6.94 -6.10 17.79
C ALA D 209 -8.37 -6.58 17.52
N ALA D 210 -8.58 -7.15 16.33
CA ALA D 210 -9.88 -7.72 15.98
C ALA D 210 -10.25 -8.91 16.89
N ASP D 211 -9.26 -9.78 17.18
CA ASP D 211 -9.47 -10.88 18.11
C ASP D 211 -9.78 -10.40 19.50
N ALA D 212 -9.10 -9.32 19.91
CA ALA D 212 -9.30 -8.75 21.25
C ALA D 212 -10.75 -8.29 21.45
N ALA D 213 -11.32 -7.67 20.43
CA ALA D 213 -12.72 -7.19 20.51
C ALA D 213 -13.68 -8.34 20.67
N GLU D 214 -13.44 -9.38 19.87
CA GLU D 214 -14.26 -10.61 19.87
C GLU D 214 -14.18 -11.29 21.24
N ALA D 215 -12.99 -11.26 21.85
CA ALA D 215 -12.82 -11.76 23.19
C ALA D 215 -13.42 -10.85 24.27
N GLY D 216 -13.91 -9.67 23.91
CA GLY D 216 -14.55 -8.81 24.89
C GLY D 216 -13.58 -7.84 25.57
N ASP D 217 -12.35 -7.76 25.07
CA ASP D 217 -11.34 -6.94 25.72
C ASP D 217 -11.06 -5.70 24.88
N TYR D 218 -11.87 -4.66 25.08
CA TYR D 218 -11.79 -3.46 24.26
C TYR D 218 -10.58 -2.59 24.60
N THR D 219 -10.12 -2.64 25.85
CA THR D 219 -8.86 -1.92 26.25
C THR D 219 -7.69 -2.44 25.38
N PHE D 220 -7.56 -3.75 25.34
CA PHE D 220 -6.48 -4.33 24.57
C PHE D 220 -6.71 -4.10 23.06
N ALA D 221 -7.95 -4.29 22.60
CA ALA D 221 -8.28 -4.09 21.17
C ALA D 221 -7.85 -2.68 20.78
N ASN D 222 -8.24 -1.70 21.59
CA ASN D 222 -7.91 -0.28 21.35
C ASN D 222 -6.38 0.00 21.36
N LEU D 223 -5.68 -0.61 22.31
CA LEU D 223 -4.25 -0.44 22.49
C LEU D 223 -3.53 -1.01 21.27
N ILE D 224 -3.86 -2.25 20.89
CA ILE D 224 -3.18 -2.86 19.76
C ILE D 224 -3.47 -2.10 18.45
N SER D 225 -4.74 -1.71 18.25
CA SER D 225 -5.08 -0.85 17.12
CA SER D 225 -5.08 -0.85 17.13
C SER D 225 -4.21 0.40 17.12
N SER D 226 -4.10 1.07 18.27
CA SER D 226 -3.33 2.32 18.31
C SER D 226 -1.85 2.11 17.95
N ILE D 227 -1.30 1.04 18.50
CA ILE D 227 0.08 0.70 18.22
C ILE D 227 0.24 0.36 16.70
N GLN D 228 -0.70 -0.41 16.17
CA GLN D 228 -0.62 -0.80 14.76
C GLN D 228 -0.60 0.42 13.85
N THR D 229 -1.33 1.46 14.20
CA THR D 229 -1.32 2.70 13.37
C THR D 229 0.05 3.34 13.24
N ASP D 230 0.97 3.08 14.19
CA ASP D 230 2.32 3.59 14.09
C ASP D 230 3.22 2.83 13.09
N GLU D 231 2.84 1.60 12.77
CA GLU D 231 3.79 0.69 12.13
C GLU D 231 4.37 1.22 10.84
N SER D 232 3.49 1.65 9.92
CA SER D 232 3.91 2.10 8.57
C SER D 232 4.95 3.24 8.57
N ARG D 233 4.89 4.11 9.57
CA ARG D 233 5.81 5.25 9.64
C ARG D 233 7.27 4.80 9.61
N HIS D 234 7.57 3.72 10.30
CA HIS D 234 8.93 3.22 10.32
C HIS D 234 9.08 1.89 9.53
N ALA D 235 8.05 1.07 9.45
CA ALA D 235 8.19 -0.17 8.67
C ALA D 235 8.47 0.08 7.19
N GLN D 236 8.08 1.27 6.70
CA GLN D 236 8.33 1.67 5.31
C GLN D 236 9.78 1.79 4.90
N GLN D 237 10.68 1.86 5.88
CA GLN D 237 12.05 2.21 5.57
C GLN D 237 12.79 1.18 4.67
N GLY D 238 12.43 -0.11 4.76
CA GLY D 238 13.13 -1.16 4.01
C GLY D 238 12.93 -1.12 2.48
N GLY D 239 11.72 -0.81 2.03
CA GLY D 239 11.44 -0.73 0.58
C GLY D 239 12.45 0.12 -0.19
N PRO D 240 12.55 1.42 0.14
CA PRO D 240 13.49 2.33 -0.52
C PRO D 240 14.91 1.82 -0.46
N ALA D 241 15.29 1.17 0.66
CA ALA D 241 16.65 0.69 0.84
C ALA D 241 16.92 -0.51 -0.12
N LEU D 242 15.94 -1.41 -0.22
CA LEU D 242 16.00 -2.52 -1.19
C LEU D 242 16.04 -1.99 -2.63
N GLN D 243 15.25 -0.97 -2.93
CA GLN D 243 15.27 -0.41 -4.29
C GLN D 243 16.69 0.07 -4.63
N LEU D 244 17.33 0.75 -3.67
CA LEU D 244 18.71 1.27 -3.85
C LEU D 244 19.75 0.21 -4.06
N LEU D 245 19.68 -0.84 -3.25
CA LEU D 245 20.57 -1.99 -3.44
C LEU D 245 20.39 -2.60 -4.84
N ILE D 246 19.13 -2.80 -5.24
CA ILE D 246 18.74 -3.45 -6.51
C ILE D 246 19.19 -2.60 -7.71
N GLU D 247 19.00 -1.29 -7.61
CA GLU D 247 19.52 -0.37 -8.64
C GLU D 247 21.04 -0.23 -8.65
N ASN D 248 21.72 -0.68 -7.59
CA ASN D 248 23.18 -0.59 -7.58
C ASN D 248 23.93 -1.92 -7.60
N GLY D 249 23.40 -2.91 -8.33
CA GLY D 249 24.08 -4.20 -8.48
C GLY D 249 24.24 -5.05 -7.21
N LYS D 250 23.26 -4.96 -6.31
CA LYS D 250 23.28 -5.75 -5.07
C LYS D 250 22.02 -6.55 -4.90
N ARG D 251 21.37 -6.89 -6.01
CA ARG D 251 20.09 -7.56 -5.92
C ARG D 251 20.26 -8.91 -5.22
N GLU D 252 21.34 -9.63 -5.52
CA GLU D 252 21.56 -10.97 -4.93
C GLU D 252 21.76 -10.85 -3.42
N GLU D 253 22.54 -9.84 -3.01
CA GLU D 253 22.79 -9.58 -1.58
C GLU D 253 21.48 -9.22 -0.87
N ALA D 254 20.69 -8.32 -1.47
CA ALA D 254 19.35 -7.99 -0.94
C ALA D 254 18.45 -9.23 -0.80
N GLN D 255 18.42 -10.06 -1.84
CA GLN D 255 17.57 -11.28 -1.85
C GLN D 255 17.94 -12.18 -0.69
N LYS D 256 19.24 -12.27 -0.39
CA LYS D 256 19.73 -13.24 0.59
C LYS D 256 19.26 -12.82 1.99
N LYS D 257 19.32 -11.52 2.28
CA LYS D 257 18.82 -11.00 3.56
C LYS D 257 17.32 -11.20 3.76
N VAL D 258 16.51 -10.92 2.74
CA VAL D 258 15.08 -11.15 2.82
C VAL D 258 14.84 -12.64 3.04
N ASP D 259 15.56 -13.50 2.27
CA ASP D 259 15.43 -14.97 2.40
C ASP D 259 15.62 -15.43 3.85
N MET D 260 16.70 -14.96 4.46
CA MET D 260 17.03 -15.33 5.84
C MET D 260 15.96 -14.82 6.83
N ALA D 261 15.63 -13.53 6.70
CA ALA D 261 14.72 -12.89 7.67
C ALA D 261 13.33 -13.52 7.63
N ILE D 262 12.83 -13.81 6.44
CA ILE D 262 11.47 -14.24 6.33
C ILE D 262 11.32 -15.60 7.03
N TRP D 263 12.27 -16.49 6.78
CA TRP D 263 12.21 -17.82 7.36
C TRP D 263 12.31 -17.73 8.89
N ARG D 264 13.29 -16.98 9.36
CA ARG D 264 13.52 -16.82 10.81
C ARG D 264 12.29 -16.27 11.50
N ALA D 265 11.64 -15.28 10.88
CA ALA D 265 10.38 -14.74 11.43
C ALA D 265 9.27 -15.76 11.52
N TRP D 266 9.13 -16.55 10.43
CA TRP D 266 8.12 -17.57 10.29
C TRP D 266 8.22 -18.57 11.44
N ARG D 267 9.42 -19.08 11.73
CA ARG D 267 9.59 -20.09 12.78
C ARG D 267 9.10 -19.57 14.14
N LEU D 268 9.50 -18.34 14.48
CA LEU D 268 9.02 -17.71 15.73
C LEU D 268 7.51 -17.42 15.74
N PHE D 269 7.01 -16.90 14.62
CA PHE D 269 5.59 -16.70 14.43
C PHE D 269 4.78 -18.00 14.60
N ALA D 270 5.30 -19.11 14.07
CA ALA D 270 4.62 -20.40 14.17
C ALA D 270 4.47 -20.94 15.61
N VAL D 271 5.42 -20.59 16.50
CA VAL D 271 5.32 -21.06 17.90
C VAL D 271 4.54 -20.09 18.81
N LEU D 272 4.62 -18.79 18.54
CA LEU D 272 4.01 -17.80 19.43
C LEU D 272 2.56 -17.46 19.06
N THR D 273 2.28 -17.44 17.75
CA THR D 273 0.94 -17.08 17.24
C THR D 273 0.10 -18.23 16.66
N GLY D 274 0.74 -19.17 15.95
CA GLY D 274 0.06 -20.36 15.48
C GLY D 274 -0.81 -21.03 16.53
N PRO D 275 -0.24 -21.39 17.71
CA PRO D 275 -1.11 -21.99 18.74
C PRO D 275 -2.23 -21.10 19.25
N VAL D 276 -1.99 -19.78 19.35
CA VAL D 276 -2.99 -18.81 19.82
C VAL D 276 -4.24 -18.85 18.93
N MET D 277 -4.04 -18.86 17.62
CA MET D 277 -5.18 -18.85 16.68
C MET D 277 -5.96 -20.15 16.66
N ASP D 278 -5.24 -21.26 16.69
CA ASP D 278 -5.88 -22.55 16.43
C ASP D 278 -6.24 -23.36 17.68
N TYR D 279 -5.74 -22.93 18.86
CA TYR D 279 -5.97 -23.64 20.10
C TYR D 279 -6.40 -22.80 21.29
N TYR D 280 -5.81 -21.62 21.47
CA TYR D 280 -6.13 -20.79 22.64
C TYR D 280 -7.42 -20.02 22.45
N THR D 281 -7.63 -19.49 21.26
CA THR D 281 -8.86 -18.80 20.95
C THR D 281 -10.05 -19.78 21.15
N PRO D 282 -11.04 -19.43 22.00
CA PRO D 282 -12.16 -20.38 22.07
C PRO D 282 -12.83 -20.54 20.69
N LEU D 283 -13.29 -21.74 20.41
CA LEU D 283 -13.89 -22.10 19.11
C LEU D 283 -14.88 -21.06 18.57
N GLU D 284 -15.80 -20.60 19.41
CA GLU D 284 -16.84 -19.67 18.96
C GLU D 284 -16.27 -18.31 18.51
N ASP D 285 -15.04 -17.98 18.94
CA ASP D 285 -14.39 -16.75 18.55
C ASP D 285 -13.48 -16.89 17.31
N ARG D 286 -13.36 -18.08 16.74
CA ARG D 286 -12.36 -18.30 15.68
C ARG D 286 -12.84 -17.87 14.28
N SER D 287 -12.41 -16.68 13.85
CA SER D 287 -12.85 -16.15 12.56
C SER D 287 -12.12 -16.84 11.40
N GLN D 288 -10.92 -17.34 11.65
CA GLN D 288 -10.19 -18.06 10.62
C GLN D 288 -9.10 -18.92 11.27
N SER D 289 -8.61 -19.91 10.55
CA SER D 289 -7.49 -20.72 11.03
C SER D 289 -6.17 -19.95 10.87
N PHE D 290 -5.10 -20.44 11.51
CA PHE D 290 -3.77 -19.87 11.35
C PHE D 290 -3.34 -19.88 9.87
N LYS D 291 -3.58 -21.01 9.21
CA LYS D 291 -3.23 -21.17 7.79
C LYS D 291 -4.05 -20.19 6.93
N GLU D 292 -5.34 -20.06 7.23
CA GLU D 292 -6.18 -19.11 6.49
C GLU D 292 -5.58 -17.71 6.62
N PHE D 293 -5.16 -17.37 7.85
CA PHE D 293 -4.52 -16.09 8.15
C PHE D 293 -3.25 -15.86 7.33
N MET D 294 -2.38 -16.86 7.28
CA MET D 294 -1.15 -16.77 6.51
C MET D 294 -1.45 -16.55 5.03
N TYR D 295 -2.40 -17.33 4.49
CA TYR D 295 -2.78 -17.19 3.06
C TYR D 295 -3.51 -15.91 2.71
N GLU D 296 -4.32 -15.42 3.64
CA GLU D 296 -5.10 -14.20 3.43
C GLU D 296 -4.27 -12.94 3.63
N TRP D 297 -3.43 -12.92 4.67
CA TRP D 297 -2.85 -11.66 5.14
C TRP D 297 -1.36 -11.55 4.97
N ILE D 298 -0.68 -12.69 4.78
CA ILE D 298 0.79 -12.76 4.70
C ILE D 298 1.43 -13.17 3.36
N ILE D 299 1.03 -14.33 2.85
CA ILE D 299 1.81 -14.95 1.75
C ILE D 299 1.71 -14.16 0.44
N GLY D 300 0.49 -13.81 0.05
CA GLY D 300 0.26 -13.08 -1.19
C GLY D 300 0.86 -11.69 -1.10
N GLN D 301 0.63 -11.03 0.03
CA GLN D 301 1.23 -9.72 0.31
C GLN D 301 2.74 -9.71 0.11
N PHE D 302 3.46 -10.72 0.63
CA PHE D 302 4.90 -10.87 0.40
C PHE D 302 5.20 -11.05 -1.10
N GLU D 303 4.44 -11.91 -1.76
CA GLU D 303 4.66 -12.22 -3.18
C GLU D 303 4.56 -10.91 -3.98
N ARG D 304 3.54 -10.11 -3.71
CA ARG D 304 3.47 -8.84 -4.44
CA ARG D 304 3.36 -8.77 -4.32
C ARG D 304 4.49 -7.79 -4.02
N SER D 305 4.85 -7.68 -2.74
CA SER D 305 5.87 -6.66 -2.40
C SER D 305 7.22 -7.02 -3.01
N LEU D 306 7.53 -8.31 -3.07
CA LEU D 306 8.77 -8.76 -3.70
C LEU D 306 8.76 -8.52 -5.21
N ILE D 307 7.68 -8.98 -5.89
CA ILE D 307 7.52 -8.70 -7.33
C ILE D 307 7.64 -7.19 -7.59
N ASP D 308 6.93 -6.38 -6.79
CA ASP D 308 6.97 -4.91 -6.97
C ASP D 308 8.39 -4.37 -6.92
N LEU D 309 9.29 -5.02 -6.18
CA LEU D 309 10.67 -4.53 -6.05
C LEU D 309 11.67 -5.12 -7.06
N GLY D 310 11.24 -6.11 -7.83
CA GLY D 310 12.19 -6.81 -8.72
C GLY D 310 12.95 -7.92 -8.01
N LEU D 311 12.42 -8.35 -6.87
CA LEU D 311 12.93 -9.51 -6.12
C LEU D 311 12.06 -10.74 -6.45
N ASP D 312 12.47 -11.89 -5.92
CA ASP D 312 11.77 -13.16 -6.20
C ASP D 312 11.25 -13.80 -4.92
N LYS D 313 10.31 -14.74 -5.08
CA LYS D 313 9.96 -15.63 -3.98
C LYS D 313 11.26 -16.28 -3.51
N PRO D 314 11.53 -16.32 -2.17
CA PRO D 314 12.71 -17.06 -1.71
C PRO D 314 12.77 -18.46 -2.31
N TRP D 315 13.98 -19.00 -2.42
CA TRP D 315 14.18 -20.36 -2.92
C TRP D 315 13.35 -21.46 -2.22
N TYR D 316 13.04 -21.25 -0.93
CA TYR D 316 12.38 -22.26 -0.11
C TYR D 316 10.82 -22.15 -0.08
N TRP D 317 10.25 -21.35 -0.97
CA TRP D 317 8.87 -20.96 -0.86
C TRP D 317 7.93 -22.15 -0.72
N ASP D 318 8.13 -23.19 -1.54
CA ASP D 318 7.33 -24.40 -1.43
C ASP D 318 7.44 -25.02 -0.03
N LEU D 319 8.66 -24.99 0.52
CA LEU D 319 8.91 -25.58 1.84
C LEU D 319 8.13 -24.79 2.92
N PHE D 320 8.16 -23.46 2.80
CA PHE D 320 7.36 -22.51 3.60
C PHE D 320 5.88 -22.92 3.54
N LEU D 321 5.32 -23.02 2.34
CA LEU D 321 3.89 -23.27 2.21
C LEU D 321 3.53 -24.60 2.88
N LYS D 322 4.40 -25.60 2.71
CA LYS D 322 4.19 -26.94 3.28
C LYS D 322 4.17 -26.87 4.80
N ASP D 323 5.05 -26.04 5.35
CA ASP D 323 5.24 -25.89 6.80
C ASP D 323 3.99 -25.32 7.43
N ILE D 324 3.28 -24.46 6.69
CA ILE D 324 2.10 -23.78 7.18
C ILE D 324 1.03 -24.79 7.57
N ASP D 325 0.99 -25.92 6.86
CA ASP D 325 0.03 -27.02 7.16
C ASP D 325 0.33 -27.84 8.43
N GLU D 326 1.57 -27.80 8.87
CA GLU D 326 2.13 -28.78 9.81
C GLU D 326 2.78 -28.21 11.08
N LEU D 327 3.60 -27.18 10.91
CA LEU D 327 4.61 -26.83 11.91
C LEU D 327 4.00 -26.43 13.25
N HIS D 328 2.99 -25.56 13.21
CA HIS D 328 2.45 -24.96 14.42
C HIS D 328 1.68 -25.99 15.25
N HIS D 329 1.13 -27.02 14.59
CA HIS D 329 0.38 -28.05 15.33
C HIS D 329 1.30 -28.80 16.27
N SER D 330 2.47 -29.13 15.74
CA SER D 330 3.57 -29.75 16.51
C SER D 330 4.19 -28.80 17.54
N TYR D 331 4.40 -27.54 17.16
CA TYR D 331 4.91 -26.53 18.10
C TYR D 331 3.94 -26.39 19.26
N HIS D 332 2.64 -26.35 18.96
CA HIS D 332 1.62 -26.28 19.99
C HIS D 332 1.70 -27.50 20.93
N MET D 333 1.92 -28.67 20.33
CA MET D 333 1.98 -29.89 21.14
C MET D 333 3.18 -29.85 22.08
N GLY D 334 4.29 -29.29 21.60
CA GLY D 334 5.49 -29.16 22.40
C GLY D 334 5.26 -28.20 23.55
N VAL D 335 4.74 -27.01 23.22
CA VAL D 335 4.43 -25.99 24.22
C VAL D 335 3.47 -26.56 25.28
N TRP D 336 2.41 -27.23 24.84
CA TRP D 336 1.47 -27.78 25.84
C TRP D 336 2.08 -28.93 26.67
N TYR D 337 2.69 -29.91 26.03
CA TYR D 337 3.28 -31.02 26.80
C TYR D 337 4.31 -30.50 27.81
N TRP D 338 5.13 -29.55 27.36
CA TRP D 338 6.14 -28.92 28.22
C TRP D 338 5.62 -27.62 28.85
N ARG D 339 4.31 -27.57 29.10
CA ARG D 339 3.68 -26.33 29.60
C ARG D 339 4.33 -25.80 30.88
N THR D 340 4.92 -26.69 31.68
CA THR D 340 5.54 -26.24 32.94
C THR D 340 6.72 -25.30 32.68
N THR D 341 7.23 -25.31 31.46
CA THR D 341 8.38 -24.49 31.11
C THR D 341 8.02 -23.13 30.49
N ALA D 342 6.72 -22.90 30.26
CA ALA D 342 6.22 -21.64 29.73
C ALA D 342 5.76 -20.70 30.87
N TRP D 343 5.68 -19.38 30.61
CA TRP D 343 5.22 -18.40 31.64
C TRP D 343 3.71 -18.11 31.46
N TRP D 344 3.06 -18.80 30.54
CA TRP D 344 1.63 -18.64 30.38
C TRP D 344 1.00 -20.02 30.48
N ASN D 345 -0.33 -20.09 30.50
CA ASN D 345 -1.02 -21.40 30.59
C ASN D 345 -1.57 -21.88 29.23
N PRO D 346 -0.88 -22.81 28.57
CA PRO D 346 -1.38 -23.19 27.24
C PRO D 346 -2.70 -23.91 27.37
N ALA D 347 -3.61 -23.64 26.43
CA ALA D 347 -4.89 -24.38 26.30
C ALA D 347 -4.65 -25.55 25.37
N ALA D 348 -5.09 -26.75 25.76
CA ALA D 348 -4.89 -27.93 24.89
C ALA D 348 -5.64 -27.79 23.54
N GLY D 349 -6.86 -27.27 23.59
CA GLY D 349 -7.67 -26.99 22.38
C GLY D 349 -8.13 -28.25 21.64
N VAL D 350 -8.43 -29.32 22.40
CA VAL D 350 -8.79 -30.59 21.78
C VAL D 350 -10.11 -31.25 22.31
N THR D 351 -11.11 -30.43 22.66
CA THR D 351 -12.47 -30.95 22.81
C THR D 351 -12.90 -31.55 21.45
N PRO D 352 -13.91 -32.46 21.43
CA PRO D 352 -14.42 -32.97 20.13
C PRO D 352 -14.80 -31.89 19.14
N GLU D 353 -15.47 -30.86 19.61
CA GLU D 353 -15.98 -29.73 18.82
C GLU D 353 -14.78 -29.00 18.19
N GLU D 354 -13.74 -28.79 19.00
CA GLU D 354 -12.52 -28.15 18.49
C GLU D 354 -11.80 -29.07 17.52
N ARG D 355 -11.79 -30.37 17.80
CA ARG D 355 -11.10 -31.32 16.92
C ARG D 355 -11.80 -31.45 15.56
N ASP D 356 -13.13 -31.27 15.55
CA ASP D 356 -13.91 -31.17 14.30
C ASP D 356 -13.43 -29.98 13.45
N TRP D 357 -13.23 -28.83 14.09
CA TRP D 357 -12.81 -27.62 13.38
C TRP D 357 -11.42 -27.76 12.82
N LEU D 358 -10.53 -28.36 13.63
CA LEU D 358 -9.17 -28.66 13.19
C LEU D 358 -9.16 -29.62 12.01
N GLU D 359 -10.04 -30.63 12.03
CA GLU D 359 -10.14 -31.56 10.91
C GLU D 359 -10.63 -30.84 9.66
N GLU D 360 -11.62 -29.98 9.81
CA GLU D 360 -12.15 -29.17 8.72
C GLU D 360 -11.08 -28.23 8.17
N LYS D 361 -10.40 -27.52 9.08
CA LYS D 361 -9.32 -26.59 8.67
C LYS D 361 -8.03 -27.24 8.16
N TYR D 362 -7.78 -28.52 8.50
CA TYR D 362 -6.54 -29.20 8.18
C TYR D 362 -6.84 -30.68 7.96
N PRO D 363 -7.45 -31.01 6.80
CA PRO D 363 -7.88 -32.41 6.55
C PRO D 363 -6.80 -33.43 6.91
N GLY D 364 -7.17 -34.45 7.70
CA GLY D 364 -6.19 -35.46 8.16
C GLY D 364 -5.54 -35.17 9.53
N TRP D 365 -5.96 -34.07 10.16
CA TRP D 365 -5.42 -33.67 11.47
C TRP D 365 -5.58 -34.77 12.52
N ASN D 366 -6.77 -35.37 12.57
CA ASN D 366 -7.06 -36.39 13.59
C ASN D 366 -6.23 -37.67 13.44
N LYS D 367 -5.85 -38.01 12.20
CA LYS D 367 -4.98 -39.17 11.94
C LYS D 367 -3.49 -38.86 12.21
N ARG D 368 -3.19 -37.59 12.48
CA ARG D 368 -1.82 -37.11 12.74
C ARG D 368 -1.70 -36.66 14.20
N TRP D 369 -1.79 -35.34 14.47
CA TRP D 369 -1.72 -34.85 15.86
C TRP D 369 -2.79 -35.50 16.74
N GLY D 370 -3.92 -35.89 16.12
CA GLY D 370 -5.04 -36.50 16.85
C GLY D 370 -4.58 -37.74 17.59
N ARG D 371 -3.67 -38.49 16.99
CA ARG D 371 -3.16 -39.73 17.59
C ARG D 371 -2.46 -39.48 18.96
N CYS D 372 -1.61 -38.46 19.04
CA CYS D 372 -0.98 -38.06 20.32
C CYS D 372 -2.02 -37.52 21.28
N TRP D 373 -2.95 -36.73 20.76
CA TRP D 373 -3.98 -36.15 21.64
C TRP D 373 -4.92 -37.21 22.23
N ASP D 374 -5.12 -38.31 21.52
CA ASP D 374 -5.91 -39.42 22.04
C ASP D 374 -5.23 -40.07 23.24
N VAL D 375 -3.92 -40.31 23.13
CA VAL D 375 -3.13 -40.91 24.20
C VAL D 375 -3.19 -39.99 25.43
N ILE D 376 -2.99 -38.69 25.20
CA ILE D 376 -3.09 -37.67 26.26
CA ILE D 376 -3.08 -37.69 26.27
C ILE D 376 -4.45 -37.67 26.93
N THR D 377 -5.51 -37.55 26.11
CA THR D 377 -6.89 -37.50 26.60
C THR D 377 -7.24 -38.71 27.47
N GLU D 378 -6.85 -39.90 27.02
CA GLU D 378 -7.15 -41.15 27.77
C GLU D 378 -6.46 -41.13 29.12
N ASN D 379 -5.20 -40.72 29.13
CA ASN D 379 -4.47 -40.51 30.37
C ASN D 379 -5.14 -39.55 31.34
N VAL D 380 -5.63 -38.40 30.85
CA VAL D 380 -6.28 -37.40 31.69
C VAL D 380 -7.58 -37.98 32.25
N LEU D 381 -8.38 -38.58 31.37
CA LEU D 381 -9.61 -39.29 31.80
C LEU D 381 -9.36 -40.37 32.86
N ASN D 382 -8.37 -41.23 32.65
CA ASN D 382 -7.98 -42.24 33.64
C ASN D 382 -7.14 -41.74 34.83
N ASP D 383 -7.07 -40.41 34.97
CA ASP D 383 -6.33 -39.79 36.07
C ASP D 383 -4.86 -40.23 36.22
N ARG D 384 -4.24 -40.58 35.10
CA ARG D 384 -2.81 -40.92 35.08
C ARG D 384 -2.03 -39.66 34.68
N MET D 385 -2.06 -38.66 35.56
CA MET D 385 -1.51 -37.35 35.28
C MET D 385 0.01 -37.36 35.18
N ASP D 386 0.66 -38.37 35.74
CA ASP D 386 2.12 -38.46 35.61
C ASP D 386 2.56 -38.54 34.14
N LEU D 387 1.72 -39.17 33.31
CA LEU D 387 2.04 -39.39 31.89
C LEU D 387 1.74 -38.19 30.99
N VAL D 388 1.20 -37.09 31.55
CA VAL D 388 1.00 -35.83 30.82
C VAL D 388 1.99 -34.72 31.18
N SER D 389 3.02 -35.08 31.93
CA SER D 389 4.13 -34.19 32.28
C SER D 389 5.41 -34.90 31.90
N PRO D 390 6.36 -34.16 31.30
CA PRO D 390 7.58 -34.78 30.81
C PRO D 390 8.61 -35.06 31.90
N GLU D 391 9.57 -35.91 31.58
CA GLU D 391 10.67 -36.23 32.49
C GLU D 391 12.01 -36.08 31.77
N THR D 392 12.00 -35.51 30.57
CA THR D 392 13.21 -35.19 29.82
C THR D 392 12.97 -33.87 29.06
N LEU D 393 13.98 -33.38 28.35
CA LEU D 393 13.85 -32.18 27.53
C LEU D 393 13.67 -32.54 26.05
N PRO D 394 12.98 -31.67 25.28
CA PRO D 394 12.92 -31.90 23.84
C PRO D 394 14.28 -31.52 23.27
N SER D 395 14.65 -32.10 22.13
CA SER D 395 15.82 -31.66 21.38
C SER D 395 15.43 -30.31 20.77
N VAL D 396 16.38 -29.39 20.62
CA VAL D 396 16.08 -28.03 20.22
C VAL D 396 16.95 -27.64 19.00
N CYS D 397 16.37 -26.87 18.08
CA CYS D 397 17.03 -26.36 16.89
C CYS D 397 18.15 -25.39 17.23
N ASN D 398 19.32 -25.55 16.63
CA ASN D 398 20.41 -24.63 16.90
C ASN D 398 20.27 -23.27 16.18
N MET D 399 19.22 -23.11 15.40
CA MET D 399 18.88 -21.81 14.81
C MET D 399 17.71 -21.20 15.54
N SER D 400 16.51 -21.81 15.44
CA SER D 400 15.27 -21.20 15.95
C SER D 400 15.15 -21.24 17.48
N GLN D 401 15.91 -22.12 18.11
CA GLN D 401 15.83 -22.37 19.56
C GLN D 401 14.49 -23.02 19.98
N ILE D 402 13.79 -23.65 19.03
CA ILE D 402 12.50 -24.29 19.30
C ILE D 402 12.64 -25.82 19.10
N PRO D 403 11.92 -26.64 19.90
CA PRO D 403 11.96 -28.09 19.68
C PRO D 403 11.93 -28.56 18.24
N LEU D 404 12.74 -29.60 17.98
CA LEU D 404 12.79 -30.34 16.72
C LEU D 404 11.54 -31.23 16.59
N VAL D 405 10.68 -30.89 15.63
CA VAL D 405 9.37 -31.53 15.56
C VAL D 405 9.11 -32.05 14.12
N GLY D 406 8.03 -32.81 13.98
CA GLY D 406 7.61 -33.33 12.68
C GLY D 406 6.14 -33.66 12.73
N VAL D 407 5.68 -34.40 11.73
CA VAL D 407 4.30 -34.89 11.71
C VAL D 407 4.21 -36.26 12.43
N PRO D 408 3.35 -36.38 13.46
CA PRO D 408 3.17 -37.66 14.16
C PRO D 408 2.03 -38.47 13.55
N GLY D 409 1.71 -39.61 14.18
CA GLY D 409 0.54 -40.38 13.85
C GLY D 409 0.74 -41.29 12.65
N ASP D 410 -0.34 -41.51 11.91
CA ASP D 410 -0.42 -42.51 10.83
C ASP D 410 0.66 -42.32 9.75
N ASP D 411 1.03 -41.06 9.54
CA ASP D 411 1.89 -40.63 8.46
C ASP D 411 3.26 -40.13 8.98
N TRP D 412 3.70 -40.65 10.12
CA TRP D 412 4.93 -40.21 10.79
C TRP D 412 6.09 -39.87 9.87
N ASN D 413 6.55 -38.64 10.00
CA ASN D 413 7.75 -38.20 9.30
CA ASN D 413 7.74 -38.18 9.28
C ASN D 413 8.38 -37.04 10.06
N ILE D 414 9.65 -37.20 10.40
CA ILE D 414 10.39 -36.18 11.16
C ILE D 414 11.78 -36.10 10.55
N GLU D 415 12.28 -34.88 10.39
N GLU D 415 12.29 -34.89 10.32
CA GLU D 415 13.59 -34.68 9.81
CA GLU D 415 13.65 -34.77 9.80
C GLU D 415 14.40 -33.69 10.66
C GLU D 415 14.47 -33.66 10.46
N VAL D 416 15.65 -34.06 10.94
CA VAL D 416 16.61 -33.15 11.57
C VAL D 416 17.68 -32.96 10.52
N PHE D 417 18.10 -31.73 10.36
CA PHE D 417 19.12 -31.39 9.39
C PHE D 417 20.35 -31.02 10.17
N SER D 418 21.36 -31.90 10.12
CA SER D 418 22.55 -31.76 10.97
C SER D 418 23.74 -31.25 10.21
N LEU D 419 24.76 -30.87 10.97
CA LEU D 419 25.91 -30.20 10.42
C LEU D 419 27.08 -30.31 11.37
N GLU D 420 28.17 -30.85 10.84
CA GLU D 420 29.46 -30.77 11.49
C GLU D 420 30.18 -29.51 11.03
N HIS D 421 30.51 -28.65 11.98
CA HIS D 421 31.07 -27.37 11.63
C HIS D 421 32.06 -27.02 12.69
N ASN D 422 33.30 -26.83 12.25
CA ASN D 422 34.43 -26.57 13.13
C ASN D 422 34.50 -27.46 14.34
N GLY D 423 34.38 -28.78 14.13
CA GLY D 423 34.52 -29.71 15.24
C GLY D 423 33.31 -29.83 16.15
N ARG D 424 32.18 -29.25 15.77
CA ARG D 424 30.98 -29.35 16.59
C ARG D 424 29.81 -29.87 15.81
N LEU D 425 28.95 -30.64 16.44
CA LEU D 425 27.74 -31.10 15.78
C LEU D 425 26.53 -30.25 16.15
N TYR D 426 25.89 -29.71 15.12
CA TYR D 426 24.71 -28.87 15.23
C TYR D 426 23.48 -29.58 14.64
N HIS D 427 22.30 -29.29 15.18
CA HIS D 427 21.09 -29.84 14.66
C HIS D 427 20.09 -28.73 14.39
N PHE D 428 19.46 -28.80 13.21
CA PHE D 428 18.46 -27.84 12.73
C PHE D 428 17.11 -28.46 12.41
N GLY D 429 16.06 -27.69 12.67
CA GLY D 429 14.65 -28.13 12.47
C GLY D 429 14.12 -28.07 11.04
N SER D 430 14.95 -27.63 10.10
CA SER D 430 14.58 -27.56 8.67
C SER D 430 15.84 -27.41 7.83
N GLU D 431 15.73 -27.69 6.51
CA GLU D 431 16.83 -27.44 5.61
C GLU D 431 17.12 -25.92 5.52
N VAL D 432 16.07 -25.12 5.67
CA VAL D 432 16.27 -23.67 5.59
C VAL D 432 17.05 -23.12 6.82
N ASP D 433 16.73 -23.62 8.02
CA ASP D 433 17.46 -23.17 9.23
C ASP D 433 18.94 -23.50 9.09
N ARG D 434 19.25 -24.71 8.59
CA ARG D 434 20.66 -25.08 8.41
C ARG D 434 21.28 -24.15 7.37
N TRP D 435 20.57 -23.92 6.27
CA TRP D 435 21.05 -22.97 5.25
C TRP D 435 21.33 -21.56 5.85
N VAL D 436 20.41 -21.07 6.67
CA VAL D 436 20.63 -19.74 7.29
C VAL D 436 21.95 -19.70 8.12
N PHE D 437 22.20 -20.74 8.91
CA PHE D 437 23.44 -20.85 9.70
C PHE D 437 24.65 -20.69 8.80
N GLN D 438 24.66 -21.47 7.72
CA GLN D 438 25.83 -21.49 6.81
C GLN D 438 25.95 -20.20 5.96
N GLN D 439 24.85 -19.45 5.84
CA GLN D 439 24.90 -18.15 5.16
C GLN D 439 25.71 -17.14 5.93
N ASP D 440 25.83 -17.32 7.24
CA ASP D 440 26.54 -16.38 8.09
C ASP D 440 27.01 -17.04 9.41
N PRO D 441 27.96 -18.01 9.34
CA PRO D 441 28.32 -18.75 10.56
C PRO D 441 28.92 -17.91 11.69
N VAL D 442 29.65 -16.84 11.39
CA VAL D 442 30.21 -16.00 12.46
C VAL D 442 29.12 -15.45 13.40
N GLN D 443 27.91 -15.31 12.89
CA GLN D 443 26.77 -14.86 13.67
C GLN D 443 26.29 -15.89 14.69
N TYR D 444 26.46 -17.19 14.39
CA TYR D 444 25.73 -18.25 15.09
C TYR D 444 26.56 -19.32 15.77
N GLN D 445 27.84 -19.43 15.37
CA GLN D 445 28.57 -20.70 15.54
C GLN D 445 28.92 -21.14 16.97
N ASN D 446 29.15 -20.20 17.87
CA ASN D 446 29.46 -20.65 19.22
C ASN D 446 28.31 -20.43 20.18
N HIS D 447 27.15 -20.11 19.61
CA HIS D 447 25.97 -20.02 20.44
C HIS D 447 25.59 -21.40 20.96
N MET D 448 25.18 -21.43 22.21
CA MET D 448 24.78 -22.67 22.87
CA MET D 448 24.76 -22.68 22.81
C MET D 448 23.29 -22.65 23.16
N ASN D 449 22.55 -23.61 22.62
CA ASN D 449 21.12 -23.60 22.90
C ASN D 449 20.89 -24.17 24.29
N ILE D 450 19.66 -24.23 24.74
CA ILE D 450 19.42 -24.52 26.14
C ILE D 450 19.76 -25.99 26.45
N VAL D 451 19.56 -26.86 25.45
CA VAL D 451 19.92 -28.28 25.62
C VAL D 451 21.43 -28.45 25.59
N ASP D 452 22.11 -27.75 24.68
CA ASP D 452 23.58 -27.73 24.69
C ASP D 452 24.14 -27.32 26.07
N ARG D 453 23.53 -26.29 26.69
CA ARG D 453 23.96 -25.82 28.04
C ARG D 453 23.70 -26.90 29.11
N PHE D 454 22.54 -27.51 29.02
CA PHE D 454 22.16 -28.62 29.90
C PHE D 454 23.19 -29.76 29.82
N LEU D 455 23.60 -30.10 28.61
CA LEU D 455 24.53 -31.22 28.39
C LEU D 455 25.94 -30.85 28.85
N ALA D 456 26.27 -29.56 28.77
CA ALA D 456 27.57 -29.07 29.14
C ALA D 456 27.76 -28.85 30.64
N GLY D 457 26.72 -28.99 31.45
CA GLY D 457 26.92 -28.83 32.90
C GLY D 457 26.55 -27.46 33.46
N GLN D 458 26.01 -26.60 32.62
CA GLN D 458 25.66 -25.23 33.05
C GLN D 458 24.37 -25.20 33.85
N ILE D 459 23.61 -26.29 33.79
CA ILE D 459 22.31 -26.37 34.46
C ILE D 459 22.29 -27.43 35.57
N GLN D 460 22.22 -26.97 36.80
CA GLN D 460 22.36 -27.86 37.97
C GLN D 460 21.22 -27.71 38.94
N PRO D 461 20.66 -28.85 39.38
CA PRO D 461 20.97 -30.20 38.91
C PRO D 461 20.59 -30.39 37.46
N MET D 462 21.15 -31.43 36.85
CA MET D 462 20.88 -31.75 35.46
C MET D 462 19.58 -32.54 35.35
N THR D 463 18.50 -31.89 35.80
CA THR D 463 17.16 -32.45 35.81
C THR D 463 16.19 -31.39 35.30
N LEU D 464 14.96 -31.80 35.02
N LEU D 464 14.96 -31.79 34.96
CA LEU D 464 13.91 -30.85 34.67
CA LEU D 464 13.92 -30.81 34.65
C LEU D 464 13.70 -29.78 35.73
C LEU D 464 13.73 -29.76 35.74
N GLU D 465 13.74 -30.15 37.02
CA GLU D 465 13.58 -29.14 38.08
C GLU D 465 14.71 -28.09 38.03
N GLY D 466 15.93 -28.59 37.79
CA GLY D 466 17.11 -27.74 37.64
C GLY D 466 16.95 -26.84 36.44
N ALA D 467 16.42 -27.38 35.35
CA ALA D 467 16.16 -26.56 34.17
C ALA D 467 15.14 -25.45 34.49
N LEU D 468 14.09 -25.79 35.23
CA LEU D 468 13.06 -24.82 35.57
C LEU D 468 13.63 -23.68 36.40
N LYS D 469 14.51 -23.97 37.35
CA LYS D 469 15.19 -22.89 38.09
C LYS D 469 16.09 -22.06 37.16
N TYR D 470 16.79 -22.72 36.24
CA TYR D 470 17.68 -22.01 35.33
C TYR D 470 16.86 -21.05 34.46
N MET D 471 15.66 -21.48 34.06
CA MET D 471 14.75 -20.68 33.18
C MET D 471 14.12 -19.47 33.85
N GLY D 472 14.30 -19.38 35.17
CA GLY D 472 13.99 -18.12 35.87
C GLY D 472 12.67 -18.14 36.62
N PHE D 473 12.04 -19.31 36.72
CA PHE D 473 10.80 -19.41 37.52
C PHE D 473 11.05 -19.23 39.01
N GLN D 474 10.19 -18.43 39.65
CA GLN D 474 10.38 -18.06 41.05
C GLN D 474 9.32 -18.56 42.01
N SER D 475 8.31 -19.24 41.48
CA SER D 475 7.28 -19.87 42.31
C SER D 475 6.50 -20.89 41.50
N ILE D 476 5.76 -21.73 42.21
CA ILE D 476 5.04 -22.82 41.57
C ILE D 476 4.00 -22.23 40.64
N GLU D 477 3.35 -21.13 41.06
CA GLU D 477 2.27 -20.48 40.31
C GLU D 477 2.70 -19.95 38.94
N GLU D 478 3.97 -19.59 38.82
CA GLU D 478 4.51 -19.01 37.57
C GLU D 478 4.60 -20.00 36.43
N MET D 479 4.79 -21.27 36.76
CA MET D 479 4.99 -22.28 35.70
C MET D 479 3.68 -22.56 34.99
N GLY D 480 3.75 -22.77 33.68
CA GLY D 480 2.53 -22.94 32.92
C GLY D 480 1.79 -24.22 33.34
N LYS D 481 0.47 -24.15 33.29
CA LYS D 481 -0.39 -25.33 33.52
C LYS D 481 -1.47 -25.37 32.41
N ASP D 482 -2.32 -26.39 32.43
CA ASP D 482 -3.37 -26.42 31.42
C ASP D 482 -4.32 -25.23 31.69
N ALA D 483 -4.65 -24.47 30.64
CA ALA D 483 -5.37 -23.20 30.81
C ALA D 483 -6.71 -23.39 31.51
N HIS D 484 -7.39 -24.48 31.17
CA HIS D 484 -8.72 -24.80 31.70
C HIS D 484 -8.69 -25.84 32.83
N ASP D 485 -7.52 -26.03 33.44
CA ASP D 485 -7.33 -27.07 34.45
CA ASP D 485 -7.32 -27.06 34.45
C ASP D 485 -7.94 -28.42 34.01
N PHE D 486 -7.77 -28.76 32.73
CA PHE D 486 -8.23 -30.03 32.13
C PHE D 486 -9.75 -30.23 32.05
N ALA D 487 -10.52 -29.14 32.12
CA ALA D 487 -11.99 -29.23 32.04
C ALA D 487 -12.44 -29.69 30.65
N TRP D 488 -11.58 -29.48 29.66
CA TRP D 488 -11.83 -29.95 28.30
C TRP D 488 -11.99 -31.45 28.20
N ALA D 489 -11.40 -32.19 29.13
CA ALA D 489 -11.56 -33.65 29.18
C ALA D 489 -12.99 -34.10 29.57
N ASP D 490 -13.69 -33.26 30.33
CA ASP D 490 -15.12 -33.48 30.65
C ASP D 490 -15.99 -33.53 29.39
N LYS D 491 -15.60 -32.78 28.36
CA LYS D 491 -16.28 -32.81 27.08
C LYS D 491 -15.83 -34.01 26.24
N CYS D 492 -14.78 -34.71 26.70
CA CYS D 492 -14.26 -35.90 26.00
C CYS D 492 -14.83 -37.18 26.60
N LYS D 493 -14.70 -38.28 25.88
CA LYS D 493 -15.21 -39.56 26.38
C LYS D 493 -14.15 -40.67 26.35
N PHE E 3 10.32 -25.66 44.46
CA PHE E 3 9.60 -24.37 44.16
C PHE E 3 8.53 -24.10 45.21
N GLU E 4 8.51 -22.90 45.76
CA GLU E 4 7.47 -22.56 46.74
C GLU E 4 6.31 -21.75 46.17
N SER E 5 5.23 -21.64 46.94
CA SER E 5 4.10 -20.82 46.56
C SER E 5 4.30 -19.41 47.02
N LYS E 6 4.05 -18.47 46.10
CA LYS E 6 4.21 -17.06 46.39
C LYS E 6 2.99 -16.31 45.88
N LYS E 7 2.69 -15.19 46.53
CA LYS E 7 1.54 -14.41 46.18
C LYS E 7 1.91 -13.43 45.05
N PRO E 8 0.90 -12.96 44.28
CA PRO E 8 1.19 -11.95 43.27
C PRO E 8 1.83 -10.73 43.92
N MET E 9 2.61 -10.01 43.11
CA MET E 9 3.29 -8.81 43.55
C MET E 9 2.52 -7.61 42.99
N ARG E 10 2.54 -6.49 43.70
CA ARG E 10 1.81 -5.34 43.26
C ARG E 10 2.53 -4.65 42.09
N THR E 11 3.79 -5.00 41.87
CA THR E 11 4.59 -4.36 40.80
C THR E 11 5.57 -5.38 40.22
N TRP E 12 6.46 -4.94 39.31
CA TRP E 12 7.47 -5.84 38.75
C TRP E 12 8.33 -6.43 39.87
N SER E 13 8.77 -7.66 39.68
CA SER E 13 9.56 -8.36 40.65
C SER E 13 10.79 -7.51 41.04
N HIS E 14 11.40 -6.82 40.08
CA HIS E 14 12.65 -6.08 40.38
C HIS E 14 12.39 -4.81 41.20
N LEU E 15 11.13 -4.41 41.29
CA LEU E 15 10.70 -3.25 42.08
C LEU E 15 9.95 -3.61 43.34
N ALA E 16 9.48 -4.85 43.45
CA ALA E 16 8.53 -5.22 44.50
C ALA E 16 9.10 -5.07 45.94
N GLU E 17 10.42 -5.21 46.08
CA GLU E 17 11.00 -5.26 47.43
C GLU E 17 11.09 -3.91 48.12
N MET E 18 11.00 -2.82 47.33
CA MET E 18 10.93 -1.44 47.84
C MET E 18 9.55 -1.17 48.52
N ARG E 19 8.66 -2.16 48.48
CA ARG E 19 7.34 -2.09 49.12
C ARG E 19 6.54 -0.79 48.85
N LYS E 20 6.54 -0.38 47.59
CA LYS E 20 5.68 0.72 47.18
C LYS E 20 5.22 0.55 45.73
N LYS E 21 4.25 1.38 45.35
CA LYS E 21 3.85 1.54 43.99
C LYS E 21 4.89 2.47 43.36
N PRO E 22 5.67 1.97 42.40
CA PRO E 22 6.62 2.81 41.65
C PRO E 22 5.85 3.81 40.82
N SER E 23 6.54 4.85 40.38
CA SER E 23 5.99 5.85 39.48
C SER E 23 5.79 5.22 38.08
N GLU E 24 4.95 5.86 37.27
CA GLU E 24 4.89 5.56 35.83
C GLU E 24 6.30 5.46 35.19
N TYR E 25 7.14 6.45 35.43
CA TYR E 25 8.55 6.41 35.00
C TYR E 25 9.24 5.07 35.31
N ASP E 26 9.26 4.65 36.57
CA ASP E 26 9.93 3.39 36.95
C ASP E 26 9.30 2.17 36.24
N ILE E 27 7.97 2.15 36.18
CA ILE E 27 7.26 1.04 35.58
C ILE E 27 7.67 0.77 34.14
N VAL E 28 7.74 1.84 33.34
CA VAL E 28 7.96 1.75 31.90
C VAL E 28 9.42 1.98 31.45
N SER E 29 10.31 2.38 32.38
CA SER E 29 11.68 2.74 31.99
C SER E 29 12.84 1.95 32.60
N ARG E 30 12.62 1.35 33.77
CA ARG E 30 13.72 0.79 34.56
C ARG E 30 14.15 -0.61 34.10
N LYS E 31 15.46 -0.80 33.92
CA LYS E 31 16.06 -2.13 33.76
C LYS E 31 15.54 -2.86 32.55
N LEU E 32 15.61 -2.23 31.38
CA LEU E 32 15.15 -2.88 30.15
C LEU E 32 16.25 -3.38 29.23
N HIS E 33 17.50 -2.99 29.47
CA HIS E 33 18.61 -3.50 28.64
C HIS E 33 19.04 -4.92 29.12
N TYR E 34 18.33 -5.94 28.69
CA TYR E 34 18.76 -7.31 28.94
C TYR E 34 20.16 -7.59 28.34
N SER E 35 20.57 -6.78 27.37
CA SER E 35 21.89 -6.92 26.76
C SER E 35 23.07 -6.73 27.72
N THR E 36 22.82 -6.19 28.93
CA THR E 36 23.89 -6.07 29.94
C THR E 36 23.98 -7.27 30.91
N ASN E 37 23.06 -8.20 30.79
CA ASN E 37 22.98 -9.32 31.75
C ASN E 37 24.11 -10.33 31.62
N ASN E 38 24.54 -10.58 30.39
CA ASN E 38 25.55 -11.59 30.13
C ASN E 38 26.78 -10.87 29.58
N PRO E 39 27.81 -10.68 30.42
CA PRO E 39 29.00 -9.93 29.99
C PRO E 39 29.66 -10.47 28.72
N ASP E 40 29.74 -11.79 28.56
CA ASP E 40 30.44 -12.31 27.38
C ASP E 40 29.56 -12.48 26.14
N SER E 41 28.26 -12.35 26.35
CA SER E 41 27.31 -12.49 25.25
CA SER E 41 27.33 -12.46 25.25
C SER E 41 26.19 -11.46 25.41
N PRO E 42 26.48 -10.16 25.12
CA PRO E 42 25.39 -9.16 25.19
C PRO E 42 24.11 -9.55 24.51
N TRP E 43 24.23 -10.00 23.24
CA TRP E 43 23.08 -10.38 22.43
C TRP E 43 23.09 -11.90 22.33
N GLU E 44 21.91 -12.48 22.04
CA GLU E 44 21.67 -13.91 22.13
C GLU E 44 22.12 -14.53 20.81
N LEU E 45 23.43 -14.48 20.59
CA LEU E 45 24.04 -14.91 19.34
C LEU E 45 25.38 -15.56 19.68
N SER E 46 26.14 -15.94 18.66
CA SER E 46 27.48 -16.41 18.94
C SER E 46 28.15 -15.32 19.81
N PRO E 47 28.83 -15.72 20.90
CA PRO E 47 29.53 -14.73 21.76
C PRO E 47 30.53 -13.85 21.00
N ASP E 48 31.06 -14.35 19.88
CA ASP E 48 31.98 -13.54 19.08
C ASP E 48 31.41 -13.02 17.78
N SER E 49 30.08 -12.93 17.73
CA SER E 49 29.41 -12.26 16.62
C SER E 49 29.92 -10.78 16.54
N PRO E 50 29.95 -10.20 15.34
CA PRO E 50 30.48 -8.85 15.19
C PRO E 50 29.84 -7.85 16.17
N MET E 51 28.52 -7.94 16.35
CA MET E 51 27.87 -6.95 17.26
C MET E 51 28.17 -7.23 18.73
N ASN E 52 28.27 -8.50 19.08
CA ASN E 52 28.71 -8.85 20.42
C ASN E 52 30.10 -8.32 20.72
N LEU E 53 31.01 -8.44 19.76
CA LEU E 53 32.36 -7.87 19.88
C LEU E 53 32.35 -6.33 20.01
N TRP E 54 31.49 -5.68 19.22
CA TRP E 54 31.37 -4.21 19.26
C TRP E 54 30.95 -3.76 20.67
N TYR E 55 29.86 -4.35 21.17
CA TYR E 55 29.33 -4.05 22.52
C TYR E 55 30.32 -4.40 23.60
N LYS E 56 31.00 -5.53 23.49
CA LYS E 56 32.02 -5.86 24.50
C LYS E 56 33.14 -4.83 24.56
N GLN E 57 33.60 -4.36 23.40
CA GLN E 57 34.63 -3.32 23.36
C GLN E 57 34.16 -1.91 23.80
N TYR E 58 33.07 -1.43 23.18
CA TYR E 58 32.68 -0.04 23.32
C TYR E 58 31.66 0.24 24.41
N ARG E 59 30.96 -0.80 24.88
CA ARG E 59 30.16 -0.62 26.06
C ARG E 59 30.78 -1.25 27.30
N ASN E 60 30.90 -2.58 27.30
CA ASN E 60 31.28 -3.32 28.52
C ASN E 60 32.66 -2.94 29.04
N ALA E 61 33.59 -2.74 28.12
CA ALA E 61 34.98 -2.40 28.43
C ALA E 61 35.23 -0.91 28.60
N SER E 62 34.21 -0.05 28.60
CA SER E 62 34.48 1.41 28.71
C SER E 62 35.25 1.71 30.01
N PRO E 63 36.28 2.56 29.94
CA PRO E 63 36.95 2.96 31.19
C PRO E 63 36.04 3.70 32.15
N LEU E 64 34.89 4.19 31.66
CA LEU E 64 33.86 4.79 32.53
C LEU E 64 33.02 3.66 33.16
N LYS E 65 33.17 3.47 34.46
CA LYS E 65 32.63 2.24 35.11
C LYS E 65 31.68 2.51 36.26
N HIS E 66 30.65 1.68 36.36
CA HIS E 66 29.72 1.77 37.50
C HIS E 66 29.13 0.39 37.68
N ASP E 67 28.97 -0.03 38.93
CA ASP E 67 28.32 -1.32 39.24
C ASP E 67 26.81 -1.34 39.01
N ASN E 68 26.17 -0.17 38.95
CA ASN E 68 24.70 -0.10 38.81
CA ASN E 68 24.71 -0.11 38.77
C ASN E 68 24.27 1.03 37.87
N TRP E 69 24.73 1.00 36.62
CA TRP E 69 24.27 2.04 35.70
C TRP E 69 22.74 2.12 35.66
N ASP E 70 22.08 0.97 35.86
CA ASP E 70 20.63 0.86 35.79
CA ASP E 70 20.64 0.87 35.83
C ASP E 70 19.89 1.73 36.83
N ALA E 71 20.59 2.11 37.89
CA ALA E 71 19.99 3.00 38.91
C ALA E 71 19.98 4.49 38.51
N PHE E 72 20.61 4.86 37.39
CA PHE E 72 20.44 6.24 36.92
C PHE E 72 18.93 6.59 36.71
N THR E 73 18.55 7.80 37.12
CA THR E 73 17.19 8.33 36.95
C THR E 73 17.23 9.67 36.21
N ASP E 74 16.51 9.80 35.09
CA ASP E 74 16.31 11.12 34.44
C ASP E 74 15.78 12.10 35.54
N PRO E 75 16.44 13.25 35.78
CA PRO E 75 15.95 14.17 36.81
C PRO E 75 14.56 14.74 36.44
N ASP E 76 14.23 14.75 35.14
CA ASP E 76 12.87 15.14 34.69
C ASP E 76 11.88 13.97 34.70
N GLN E 77 12.37 12.73 34.84
CA GLN E 77 11.55 11.51 34.80
C GLN E 77 10.55 11.47 33.61
N LEU E 78 11.04 11.82 32.43
CA LEU E 78 10.18 11.85 31.26
C LEU E 78 9.96 10.44 30.71
N VAL E 79 8.72 10.22 30.28
CA VAL E 79 8.36 9.02 29.53
C VAL E 79 7.88 9.52 28.17
N TYR E 80 7.64 8.63 27.21
CA TYR E 80 7.21 9.05 25.88
C TYR E 80 5.99 9.97 25.98
N ARG E 81 5.02 9.53 26.80
CA ARG E 81 3.75 10.26 27.02
C ARG E 81 3.96 11.72 27.44
N THR E 82 4.79 11.91 28.46
CA THR E 82 4.93 13.25 29.03
C THR E 82 5.87 14.11 28.18
N TYR E 83 6.83 13.48 27.52
CA TYR E 83 7.62 14.18 26.50
C TYR E 83 6.71 14.77 25.43
N ASN E 84 5.82 13.97 24.85
CA ASN E 84 4.98 14.47 23.75
C ASN E 84 4.01 15.56 24.25
N LEU E 85 3.48 15.38 25.46
CA LEU E 85 2.64 16.41 26.09
C LEU E 85 3.38 17.74 26.08
N MET E 86 4.60 17.69 26.57
CA MET E 86 5.43 18.87 26.70
C MET E 86 5.80 19.50 25.34
N GLN E 87 6.23 18.65 24.39
CA GLN E 87 6.78 19.15 23.14
C GLN E 87 5.67 19.49 22.15
N ASP E 88 4.50 18.90 22.30
CA ASP E 88 3.41 19.34 21.46
C ASP E 88 3.07 20.79 21.85
N GLY E 89 3.09 21.12 23.16
CA GLY E 89 2.90 22.52 23.60
C GLY E 89 3.95 23.49 23.05
N GLN E 90 5.23 23.17 23.21
CA GLN E 90 6.32 24.06 22.81
C GLN E 90 6.39 24.14 21.29
N GLU E 91 6.23 23.00 20.64
CA GLU E 91 6.29 23.00 19.18
C GLU E 91 5.07 23.72 18.55
N SER E 92 3.86 23.52 19.08
CA SER E 92 2.70 24.32 18.63
C SER E 92 2.90 25.81 18.79
N TYR E 93 3.54 26.20 19.89
CA TYR E 93 3.90 27.60 20.16
C TYR E 93 4.84 28.10 19.05
N VAL E 94 5.86 27.31 18.76
CA VAL E 94 6.80 27.68 17.68
C VAL E 94 6.11 27.78 16.34
N GLN E 95 5.26 26.81 16.02
CA GLN E 95 4.63 26.87 14.70
C GLN E 95 3.71 28.10 14.61
N SER E 96 3.04 28.44 15.71
CA SER E 96 2.19 29.65 15.78
C SER E 96 2.98 30.93 15.60
N LEU E 97 4.20 30.96 16.15
CA LEU E 97 5.12 32.08 15.88
C LEU E 97 5.45 32.20 14.41
N PHE E 98 5.84 31.08 13.79
CA PHE E 98 6.08 31.05 12.34
C PHE E 98 4.88 31.65 11.60
N ASP E 99 3.68 31.17 11.92
CA ASP E 99 2.48 31.57 11.21
C ASP E 99 2.26 33.07 11.29
N GLN E 100 2.34 33.62 12.51
CA GLN E 100 2.06 35.03 12.76
C GLN E 100 3.11 35.95 12.19
N PHE E 101 4.39 35.61 12.40
CA PHE E 101 5.47 36.41 11.81
C PHE E 101 5.42 36.40 10.28
N ASN E 102 5.04 35.26 9.70
CA ASN E 102 4.76 35.22 8.27
C ASN E 102 3.64 36.18 7.87
N GLU E 103 2.54 36.19 8.62
CA GLU E 103 1.43 37.10 8.27
C GLU E 103 1.90 38.55 8.23
N ARG E 104 2.71 38.93 9.20
CA ARG E 104 3.32 40.27 9.27
C ARG E 104 4.41 40.60 8.23
N GLU E 105 4.85 39.63 7.41
CA GLU E 105 6.01 39.81 6.53
CA GLU E 105 5.99 39.85 6.52
C GLU E 105 7.20 40.30 7.36
N HIS E 106 7.39 39.67 8.52
CA HIS E 106 8.57 39.90 9.36
C HIS E 106 9.88 39.88 8.58
N ASP E 107 10.02 38.95 7.65
CA ASP E 107 11.31 38.74 7.01
C ASP E 107 11.66 39.93 6.08
N GLN E 108 10.63 40.59 5.54
CA GLN E 108 10.85 41.79 4.71
C GLN E 108 11.49 42.91 5.53
N MET E 109 11.25 42.95 6.84
CA MET E 109 11.67 44.09 7.69
C MET E 109 12.99 43.97 8.44
N VAL E 110 13.76 42.92 8.15
CA VAL E 110 15.06 42.78 8.78
C VAL E 110 16.06 43.75 8.13
N ARG E 111 17.10 44.12 8.87
CA ARG E 111 18.10 45.06 8.38
C ARG E 111 18.76 44.53 7.12
N GLU E 112 19.18 45.40 6.23
CA GLU E 112 19.64 45.00 4.91
C GLU E 112 20.63 43.82 4.74
N GLY E 113 21.68 43.67 5.48
CA GLY E 113 22.44 42.49 5.09
C GLY E 113 21.94 41.13 5.56
N TRP E 114 20.89 41.13 6.36
CA TRP E 114 20.61 40.02 7.25
C TRP E 114 20.39 38.69 6.55
N GLU E 115 19.77 38.71 5.39
CA GLU E 115 19.53 37.44 4.68
C GLU E 115 20.84 36.76 4.30
N HIS E 116 21.88 37.55 4.05
CA HIS E 116 23.19 37.01 3.71
C HIS E 116 23.89 36.40 4.95
N THR E 117 23.73 37.05 6.07
CA THR E 117 24.22 36.55 7.34
C THR E 117 23.53 35.20 7.67
N MET E 118 22.21 35.16 7.52
CA MET E 118 21.44 33.91 7.73
C MET E 118 21.85 32.77 6.75
N ALA E 119 22.01 33.11 5.47
CA ALA E 119 22.49 32.13 4.47
C ALA E 119 23.86 31.53 4.83
N ARG E 120 24.72 32.36 5.41
CA ARG E 120 26.10 31.92 5.76
C ARG E 120 26.21 31.25 7.15
N CYS E 121 25.44 31.74 8.12
CA CYS E 121 25.70 31.42 9.52
C CYS E 121 24.59 30.64 10.21
N TYR E 122 23.40 30.71 9.62
CA TYR E 122 22.23 30.06 10.17
C TYR E 122 21.78 28.81 9.36
N SER E 123 21.49 28.94 8.07
CA SER E 123 20.95 27.76 7.32
C SER E 123 21.88 26.53 7.29
N PRO E 124 23.23 26.71 7.24
CA PRO E 124 23.98 25.43 7.36
C PRO E 124 23.92 24.72 8.71
N LEU E 125 23.31 25.33 9.72
CA LEU E 125 23.01 24.59 10.98
C LEU E 125 22.27 23.26 10.76
N ARG E 126 21.56 23.08 9.66
CA ARG E 126 20.99 21.77 9.44
C ARG E 126 22.02 20.65 9.52
N TYR E 127 23.24 20.89 9.03
CA TYR E 127 24.29 19.85 9.06
C TYR E 127 24.72 19.59 10.50
N LEU E 128 24.97 20.65 11.24
CA LEU E 128 25.38 20.50 12.60
C LEU E 128 24.30 19.80 13.40
N PHE E 129 23.05 20.25 13.25
CA PHE E 129 21.99 19.70 14.07
C PHE E 129 21.75 18.23 13.69
N HIS E 130 21.87 17.93 12.41
CA HIS E 130 21.76 16.49 12.03
C HIS E 130 22.93 15.69 12.60
N CYS E 131 24.12 16.31 12.73
CA CYS E 131 25.24 15.61 13.42
C CYS E 131 24.90 15.31 14.87
N LEU E 132 24.30 16.30 15.57
CA LEU E 132 23.83 16.06 16.95
C LEU E 132 22.81 14.90 16.99
N GLN E 133 21.93 14.85 15.99
CA GLN E 133 20.89 13.83 15.90
C GLN E 133 21.54 12.43 15.81
N MET E 134 22.41 12.26 14.81
CA MET E 134 23.21 11.03 14.60
C MET E 134 23.98 10.61 15.88
N SER E 135 24.63 11.59 16.50
CA SER E 135 25.45 11.36 17.72
C SER E 135 24.61 10.92 18.92
N SER E 136 23.49 11.60 19.16
CA SER E 136 22.60 11.23 20.27
C SER E 136 22.06 9.82 20.05
N ALA E 137 21.83 9.46 18.79
CA ALA E 137 21.28 8.11 18.49
C ALA E 137 22.36 7.07 18.77
N TYR E 138 23.62 7.45 18.61
CA TYR E 138 24.72 6.55 18.92
C TYR E 138 24.83 6.27 20.42
N VAL E 139 24.78 7.34 21.23
CA VAL E 139 24.77 7.17 22.66
C VAL E 139 23.58 6.34 23.14
N GLN E 140 22.40 6.58 22.56
CA GLN E 140 21.22 5.74 22.81
C GLN E 140 21.56 4.26 22.71
N GLN E 141 22.11 3.85 21.56
CA GLN E 141 22.21 2.42 21.29
C GLN E 141 23.32 1.78 22.09
N MET E 142 24.28 2.59 22.58
CA MET E 142 25.42 2.05 23.33
C MET E 142 25.30 2.17 24.85
N ALA E 143 24.40 3.01 25.35
CA ALA E 143 24.38 3.35 26.80
C ALA E 143 24.09 2.08 27.61
N PRO E 144 24.76 1.90 28.76
CA PRO E 144 24.52 0.66 29.55
C PRO E 144 23.30 0.63 30.48
N ALA E 145 22.34 1.55 30.31
CA ALA E 145 21.07 1.50 31.07
C ALA E 145 19.97 2.05 30.23
N SER E 146 18.80 1.46 30.34
CA SER E 146 17.65 1.95 29.61
C SER E 146 17.25 3.36 29.98
N THR E 147 17.36 3.72 31.26
CA THR E 147 17.08 5.12 31.69
C THR E 147 18.01 6.14 31.08
N ILE E 148 19.28 5.79 30.88
CA ILE E 148 20.23 6.63 30.10
C ILE E 148 19.82 6.67 28.63
N SER E 149 19.58 5.50 28.02
CA SER E 149 19.22 5.44 26.59
C SER E 149 17.90 6.24 26.31
N ASN E 150 16.94 6.19 27.24
CA ASN E 150 15.68 6.99 27.08
C ASN E 150 15.95 8.50 26.99
N CYS E 151 16.81 9.03 27.85
CA CYS E 151 17.18 10.46 27.72
C CYS E 151 17.79 10.75 26.36
N CYS E 152 18.61 9.81 25.87
CA CYS E 152 19.20 9.91 24.54
C CYS E 152 18.20 9.88 23.38
N ILE E 153 17.22 8.97 23.43
CA ILE E 153 16.15 8.94 22.43
C ILE E 153 15.43 10.31 22.33
N LEU E 154 15.08 10.87 23.48
CA LEU E 154 14.35 12.13 23.46
C LEU E 154 15.24 13.27 22.98
N GLN E 155 16.50 13.21 23.33
CA GLN E 155 17.50 14.16 22.80
C GLN E 155 17.70 14.03 21.29
N THR E 156 17.68 12.78 20.77
CA THR E 156 17.77 12.55 19.33
C THR E 156 16.57 13.20 18.60
N ALA E 157 15.39 12.99 19.16
CA ALA E 157 14.17 13.64 18.69
C ALA E 157 14.25 15.19 18.71
N ASP E 158 14.74 15.76 19.80
CA ASP E 158 14.89 17.22 19.84
C ASP E 158 15.87 17.74 18.80
N SER E 159 16.98 17.02 18.59
CA SER E 159 17.96 17.37 17.55
C SER E 159 17.24 17.40 16.18
N LEU E 160 16.37 16.42 15.92
CA LEU E 160 15.58 16.42 14.69
C LEU E 160 14.59 17.62 14.65
N ARG E 161 14.03 17.94 15.82
CA ARG E 161 13.18 19.11 15.97
C ARG E 161 13.95 20.36 15.50
N TRP E 162 15.20 20.50 15.92
CA TRP E 162 15.95 21.71 15.55
C TRP E 162 16.31 21.73 14.06
N LEU E 163 16.69 20.55 13.54
CA LEU E 163 16.95 20.38 12.09
C LEU E 163 15.74 20.83 11.28
N THR E 164 14.57 20.40 11.73
CA THR E 164 13.28 20.69 11.07
C THR E 164 12.91 22.19 11.15
N HIS E 165 13.12 22.83 12.30
CA HIS E 165 13.03 24.32 12.36
C HIS E 165 13.92 24.99 11.31
N THR E 166 15.15 24.52 11.22
CA THR E 166 16.13 25.14 10.34
C THR E 166 15.72 24.94 8.86
N ALA E 167 15.29 23.72 8.51
CA ALA E 167 14.76 23.44 7.15
C ALA E 167 13.61 24.39 6.81
N TYR E 168 12.62 24.47 7.70
CA TYR E 168 11.45 25.30 7.51
C TYR E 168 11.81 26.76 7.24
N ARG E 169 12.67 27.28 8.11
CA ARG E 169 12.98 28.71 8.12
C ARG E 169 13.88 29.10 6.96
N THR E 170 14.77 28.16 6.61
CA THR E 170 15.58 28.28 5.40
C THR E 170 14.68 28.43 4.23
N HIS E 171 13.74 27.49 4.03
CA HIS E 171 12.77 27.61 2.97
C HIS E 171 12.02 28.93 3.04
N GLU E 172 11.45 29.23 4.20
CA GLU E 172 10.62 30.44 4.37
C GLU E 172 11.36 31.74 4.04
N LEU E 173 12.56 31.94 4.60
CA LEU E 173 13.37 33.10 4.23
C LEU E 173 13.63 33.21 2.72
N SER E 174 13.76 32.05 2.03
CA SER E 174 14.16 32.11 0.62
C SER E 174 12.98 32.61 -0.25
N LEU E 175 11.77 32.52 0.29
CA LEU E 175 10.58 33.04 -0.35
C LEU E 175 10.65 34.56 -0.40
N THR E 176 11.23 35.18 0.64
CA THR E 176 11.43 36.63 0.60
C THR E 176 12.71 37.02 -0.14
N TYR E 177 13.75 36.19 0.03
CA TYR E 177 15.11 36.50 -0.45
C TYR E 177 15.54 35.28 -1.26
N PRO E 178 15.05 35.18 -2.52
CA PRO E 178 15.36 34.04 -3.42
C PRO E 178 16.77 34.03 -4.03
N ASP E 179 17.50 35.14 -3.84
CA ASP E 179 18.81 35.32 -4.47
C ASP E 179 19.96 35.35 -3.45
N ALA E 180 19.75 34.76 -2.29
CA ALA E 180 20.79 34.66 -1.26
C ALA E 180 21.44 33.27 -1.14
N GLY E 181 21.00 32.32 -1.94
CA GLY E 181 21.54 30.97 -1.90
C GLY E 181 20.90 30.13 -0.81
N LEU E 182 19.78 30.60 -0.27
CA LEU E 182 19.17 29.94 0.88
C LEU E 182 18.56 28.61 0.41
N GLY E 183 19.03 27.50 1.00
CA GLY E 183 18.53 26.18 0.59
C GLY E 183 19.24 25.67 -0.66
N GLU E 184 20.32 26.32 -1.08
CA GLU E 184 21.11 25.92 -2.28
C GLU E 184 22.60 25.75 -1.98
N HIS E 185 23.16 26.60 -1.11
CA HIS E 185 24.59 26.69 -0.91
C HIS E 185 25.09 26.08 0.40
N GLU E 186 24.19 25.52 1.22
CA GLU E 186 24.62 25.15 2.61
C GLU E 186 25.64 24.02 2.64
N ARG E 187 25.48 23.02 1.77
CA ARG E 187 26.47 21.92 1.78
C ARG E 187 27.87 22.46 1.48
N GLU E 188 27.96 23.31 0.45
CA GLU E 188 29.24 23.92 0.10
C GLU E 188 29.85 24.69 1.28
N LEU E 189 29.04 25.42 2.02
CA LEU E 189 29.54 26.20 3.19
C LEU E 189 30.05 25.26 4.31
N TRP E 190 29.24 24.25 4.62
CA TRP E 190 29.61 23.23 5.60
C TRP E 190 30.96 22.59 5.23
N GLU E 191 31.18 22.30 3.94
CA GLU E 191 32.38 21.59 3.51
C GLU E 191 33.59 22.50 3.31
N LYS E 192 33.35 23.75 2.92
CA LYS E 192 34.43 24.66 2.45
C LYS E 192 34.64 25.96 3.24
N GLU E 193 33.61 26.46 3.92
CA GLU E 193 33.75 27.80 4.49
C GLU E 193 34.54 27.69 5.81
N PRO E 194 35.58 28.55 5.98
CA PRO E 194 36.42 28.43 7.19
C PRO E 194 35.62 28.41 8.50
N GLY E 195 34.60 29.26 8.60
CA GLY E 195 33.82 29.38 9.83
C GLY E 195 33.10 28.10 10.24
N TRP E 196 32.90 27.18 9.30
CA TRP E 196 32.22 25.90 9.57
C TRP E 196 33.24 24.77 9.82
N GLN E 197 34.51 25.02 9.51
CA GLN E 197 35.51 23.90 9.53
C GLN E 197 35.88 23.36 10.90
N GLY E 198 35.93 24.24 11.89
CA GLY E 198 36.20 23.83 13.28
C GLY E 198 35.05 22.92 13.70
N LEU E 199 33.80 23.33 13.41
CA LEU E 199 32.60 22.54 13.76
C LEU E 199 32.51 21.21 13.01
N ARG E 200 32.78 21.24 11.72
CA ARG E 200 32.76 20.01 10.94
C ARG E 200 33.82 19.04 11.42
N GLU E 201 35.04 19.56 11.68
CA GLU E 201 36.11 18.70 12.18
C GLU E 201 35.72 18.13 13.54
N LEU E 202 35.13 18.96 14.39
CA LEU E 202 34.68 18.51 15.69
C LEU E 202 33.66 17.35 15.56
N MET E 203 32.68 17.48 14.67
CA MET E 203 31.62 16.47 14.58
C MET E 203 32.07 15.21 13.87
N GLU E 204 32.88 15.32 12.82
CA GLU E 204 33.43 14.11 12.19
C GLU E 204 34.25 13.28 13.19
N LYS E 205 35.06 13.95 14.01
CA LYS E 205 35.81 13.19 15.04
C LYS E 205 34.92 12.66 16.14
N GLN E 206 34.00 13.51 16.64
CA GLN E 206 33.06 13.08 17.68
C GLN E 206 32.22 11.89 17.25
N LEU E 207 31.78 11.90 15.98
CA LEU E 207 30.97 10.80 15.45
C LEU E 207 31.71 9.48 15.28
N THR E 208 33.03 9.53 15.42
CA THR E 208 33.87 8.32 15.31
C THR E 208 34.59 7.98 16.62
N ALA E 209 34.12 8.60 17.71
CA ALA E 209 34.45 8.18 19.06
C ALA E 209 33.39 7.18 19.50
N PHE E 210 33.76 5.90 19.47
CA PHE E 210 32.81 4.80 19.58
C PHE E 210 32.59 4.26 21.01
N ASP E 211 33.53 4.53 21.92
CA ASP E 211 33.31 4.18 23.34
C ASP E 211 32.09 4.94 23.89
N TRP E 212 31.16 4.24 24.53
CA TRP E 212 29.86 4.90 24.90
C TRP E 212 30.14 6.06 25.84
N GLY E 213 31.11 5.85 26.73
CA GLY E 213 31.47 6.86 27.75
C GLY E 213 32.06 8.11 27.11
N GLU E 214 33.03 7.90 26.21
CA GLU E 214 33.62 9.02 25.48
C GLU E 214 32.58 9.76 24.61
N ALA E 215 31.70 8.98 23.95
CA ALA E 215 30.63 9.54 23.08
C ALA E 215 29.78 10.49 23.94
N PHE E 216 29.38 10.03 25.13
CA PHE E 216 28.50 10.82 26.00
C PHE E 216 29.21 12.09 26.45
N VAL E 217 30.45 11.97 26.88
CA VAL E 217 31.15 13.09 27.48
C VAL E 217 31.42 14.14 26.42
N SER E 218 31.96 13.70 25.29
CA SER E 218 32.28 14.60 24.17
C SER E 218 31.01 15.28 23.68
N LEU E 219 29.94 14.51 23.46
CA LEU E 219 28.76 15.15 22.92
C LEU E 219 28.08 16.07 23.92
N ASN E 220 27.78 15.54 25.12
CA ASN E 220 26.87 16.26 26.06
C ASN E 220 27.55 17.20 27.01
N LEU E 221 28.82 16.95 27.29
CA LEU E 221 29.55 17.77 28.26
C LEU E 221 30.51 18.75 27.57
N VAL E 222 30.70 18.58 26.26
CA VAL E 222 31.63 19.43 25.51
C VAL E 222 31.00 20.12 24.31
N VAL E 223 30.57 19.32 23.32
CA VAL E 223 29.99 19.89 22.10
C VAL E 223 28.75 20.68 22.37
N LYS E 224 27.79 20.06 23.05
CA LYS E 224 26.46 20.70 23.21
C LYS E 224 26.47 21.99 24.05
N PRO E 225 27.24 22.00 25.17
CA PRO E 225 27.35 23.29 25.89
C PRO E 225 28.06 24.41 25.07
N MET E 226 29.05 24.04 24.26
CA MET E 226 29.70 24.99 23.37
C MET E 226 28.70 25.60 22.37
N ILE E 227 27.80 24.75 21.80
CA ILE E 227 26.77 25.23 20.88
C ILE E 227 25.88 26.30 21.60
N VAL E 228 25.47 26.02 22.82
CA VAL E 228 24.65 26.96 23.61
C VAL E 228 25.38 28.30 23.72
N GLU E 229 26.60 28.25 24.25
CA GLU E 229 27.42 29.46 24.52
C GLU E 229 27.88 30.20 23.25
N SER E 230 28.25 29.47 22.20
CA SER E 230 29.01 30.11 21.13
C SER E 230 28.25 30.14 19.80
N ILE E 231 27.11 29.45 19.73
CA ILE E 231 26.30 29.52 18.52
C ILE E 231 24.94 30.13 18.79
N PHE E 232 24.13 29.47 19.62
CA PHE E 232 22.79 29.93 19.94
C PHE E 232 22.77 31.36 20.52
N LYS E 233 23.52 31.63 21.58
CA LYS E 233 23.36 32.97 22.19
C LYS E 233 23.91 34.10 21.34
N PRO E 234 25.11 33.89 20.73
CA PRO E 234 25.54 34.95 19.81
C PRO E 234 24.59 35.17 18.62
N LEU E 235 23.97 34.10 18.11
CA LEU E 235 22.96 34.28 17.03
C LEU E 235 21.79 35.17 17.50
N GLN E 236 21.32 34.90 18.71
CA GLN E 236 20.29 35.72 19.33
C GLN E 236 20.64 37.20 19.37
N GLN E 237 21.88 37.51 19.79
CA GLN E 237 22.37 38.89 19.86
C GLN E 237 22.42 39.54 18.47
N GLN E 238 23.00 38.83 17.50
CA GLN E 238 23.05 39.36 16.12
C GLN E 238 21.67 39.61 15.53
N ALA E 239 20.73 38.70 15.80
CA ALA E 239 19.37 38.87 15.34
C ALA E 239 18.80 40.15 15.92
N TRP E 240 19.04 40.38 17.21
CA TRP E 240 18.58 41.61 17.84
C TRP E 240 19.15 42.86 17.16
N GLU E 241 20.45 42.86 16.87
CA GLU E 241 21.10 43.99 16.16
C GLU E 241 20.57 44.17 14.73
N ASN E 242 19.82 43.18 14.24
CA ASN E 242 19.41 43.17 12.84
C ASN E 242 17.93 43.10 12.60
N ASN E 243 17.18 43.49 13.63
CA ASN E 243 15.72 43.58 13.56
CA ASN E 243 15.71 43.58 13.55
C ASN E 243 15.03 42.25 13.22
N ASP E 244 15.69 41.14 13.57
CA ASP E 244 15.11 39.79 13.44
C ASP E 244 14.58 39.41 14.82
N THR E 245 13.27 39.52 15.00
CA THR E 245 12.66 39.32 16.33
C THR E 245 12.14 37.87 16.47
N LEU E 246 12.07 37.17 15.35
CA LEU E 246 11.62 35.77 15.38
C LEU E 246 12.74 34.83 15.77
N LEU E 247 13.97 35.05 15.29
CA LEU E 247 15.08 34.12 15.60
C LEU E 247 15.39 33.97 17.10
N PRO E 248 15.37 35.08 17.87
CA PRO E 248 15.61 34.96 19.33
C PRO E 248 14.56 34.11 20.06
N LEU E 249 13.30 34.20 19.63
CA LEU E 249 12.21 33.40 20.19
C LEU E 249 12.33 31.93 19.84
N LEU E 250 12.66 31.67 18.58
CA LEU E 250 12.97 30.29 18.14
C LEU E 250 14.15 29.72 18.92
N ILE E 251 15.24 30.47 19.01
CA ILE E 251 16.40 30.00 19.78
C ILE E 251 16.08 29.80 21.27
N ASP E 252 15.29 30.68 21.88
CA ASP E 252 14.84 30.43 23.27
C ASP E 252 14.16 29.04 23.41
N SER E 253 13.29 28.66 22.47
CA SER E 253 12.63 27.35 22.56
C SER E 253 13.61 26.15 22.43
N GLN E 254 14.56 26.28 21.51
CA GLN E 254 15.62 25.27 21.31
C GLN E 254 16.54 25.20 22.54
N LEU E 255 16.82 26.35 23.16
CA LEU E 255 17.58 26.42 24.41
C LEU E 255 16.92 25.71 25.60
N LYS E 256 15.60 25.73 25.62
CA LYS E 256 14.86 25.01 26.64
C LYS E 256 15.16 23.50 26.50
N ASP E 257 15.07 22.98 25.26
CA ASP E 257 15.57 21.62 24.96
C ASP E 257 17.04 21.44 25.42
N ALA E 258 17.95 22.36 25.02
CA ALA E 258 19.37 22.25 25.35
C ALA E 258 19.63 22.17 26.87
N GLU E 259 18.83 22.91 27.62
CA GLU E 259 19.02 23.01 29.07
C GLU E 259 18.55 21.69 29.71
N ARG E 260 17.46 21.13 29.19
CA ARG E 260 17.01 19.80 29.60
C ARG E 260 18.08 18.73 29.32
N HIS E 261 18.74 18.81 28.15
CA HIS E 261 19.79 17.83 27.86
C HIS E 261 20.93 17.98 28.87
N SER E 262 21.23 19.23 29.21
CA SER E 262 22.23 19.55 30.21
C SER E 262 21.89 18.97 31.58
N ARG E 263 20.64 19.14 32.03
CA ARG E 263 20.13 18.56 33.29
C ARG E 263 20.31 17.04 33.41
N TRP E 264 19.89 16.27 32.40
CA TRP E 264 20.02 14.81 32.53
C TRP E 264 21.50 14.46 32.49
N SER E 265 22.30 15.16 31.67
CA SER E 265 23.77 14.92 31.60
C SER E 265 24.45 15.12 32.93
N LYS E 266 24.14 16.23 33.57
CA LYS E 266 24.69 16.58 34.90
C LYS E 266 24.33 15.50 35.89
N ALA E 267 23.10 14.97 35.78
CA ALA E 267 22.65 13.89 36.64
C ALA E 267 23.39 12.59 36.39
N LEU E 268 23.71 12.31 35.11
CA LEU E 268 24.50 11.12 34.80
C LEU E 268 25.92 11.25 35.36
N VAL E 269 26.51 12.42 35.22
CA VAL E 269 27.82 12.65 35.83
C VAL E 269 27.82 12.43 37.34
N LYS E 270 26.77 12.91 38.01
CA LYS E 270 26.62 12.75 39.45
C LYS E 270 26.50 11.26 39.78
N HIS E 271 25.70 10.53 39.01
CA HIS E 271 25.63 9.08 39.19
C HIS E 271 27.02 8.42 38.98
N ALA E 272 27.69 8.76 37.88
CA ALA E 272 29.02 8.19 37.58
C ALA E 272 30.05 8.48 38.70
N LEU E 273 29.96 9.68 39.31
CA LEU E 273 30.93 10.09 40.31
C LEU E 273 30.78 9.33 41.64
N GLU E 274 29.78 8.47 41.76
CA GLU E 274 29.73 7.51 42.87
C GLU E 274 30.93 6.59 42.88
N ASN E 275 31.49 6.32 41.70
CA ASN E 275 32.76 5.64 41.58
C ASN E 275 33.82 6.72 41.41
N PRO E 276 34.65 6.94 42.45
CA PRO E 276 35.57 8.08 42.44
C PRO E 276 36.66 7.97 41.35
N ASP E 277 36.85 6.78 40.79
CA ASP E 277 37.72 6.62 39.62
C ASP E 277 37.21 7.38 38.38
N ASN E 278 35.92 7.65 38.33
CA ASN E 278 35.31 8.24 37.15
C ASN E 278 35.64 9.73 36.98
N HIS E 279 35.91 10.40 38.09
CA HIS E 279 36.24 11.81 37.98
C HIS E 279 37.40 12.08 37.02
N ALA E 280 38.52 11.38 37.19
CA ALA E 280 39.66 11.55 36.31
C ALA E 280 39.35 11.17 34.86
N VAL E 281 38.57 10.11 34.65
CA VAL E 281 38.21 9.67 33.27
C VAL E 281 37.34 10.74 32.58
N ILE E 282 36.31 11.21 33.28
CA ILE E 282 35.42 12.26 32.73
C ILE E 282 36.23 13.53 32.45
N GLU E 283 37.00 13.99 33.44
CA GLU E 283 37.81 15.18 33.24
C GLU E 283 38.85 15.04 32.13
N GLY E 284 39.42 13.84 32.01
CA GLY E 284 40.30 13.51 30.88
C GLY E 284 39.70 13.66 29.50
N TRP E 285 38.48 13.16 29.30
CA TRP E 285 37.80 13.32 28.01
C TRP E 285 37.42 14.78 27.74
N ILE E 286 36.99 15.50 28.77
CA ILE E 286 36.74 16.93 28.62
C ILE E 286 37.99 17.65 28.18
N GLU E 287 39.10 17.39 28.86
CA GLU E 287 40.41 17.94 28.47
C GLU E 287 40.78 17.58 27.02
N LYS E 288 40.48 16.34 26.59
CA LYS E 288 40.72 15.94 25.20
C LYS E 288 39.90 16.75 24.17
N TRP E 289 38.62 16.96 24.45
CA TRP E 289 37.68 17.50 23.45
C TRP E 289 37.55 19.03 23.46
N ARG E 290 37.75 19.61 24.63
CA ARG E 290 37.73 21.06 24.86
C ARG E 290 38.44 21.91 23.76
N PRO E 291 39.71 21.60 23.42
CA PRO E 291 40.36 22.45 22.39
C PRO E 291 39.70 22.38 21.02
N LEU E 292 39.20 21.19 20.63
CA LEU E 292 38.47 21.10 19.36
C LEU E 292 37.18 21.92 19.43
N ALA E 293 36.52 21.93 20.59
CA ALA E 293 35.30 22.72 20.75
C ALA E 293 35.58 24.24 20.75
N ASP E 294 36.65 24.68 21.41
CA ASP E 294 36.98 26.12 21.44
C ASP E 294 37.38 26.60 20.04
N ARG E 295 38.18 25.82 19.32
CA ARG E 295 38.54 26.15 17.94
C ARG E 295 37.31 26.25 17.03
N ALA E 296 36.38 25.31 17.21
CA ALA E 296 35.08 25.34 16.52
C ALA E 296 34.32 26.65 16.78
N ALA E 297 34.18 26.98 18.05
CA ALA E 297 33.48 28.20 18.50
C ALA E 297 34.17 29.46 17.94
N GLU E 298 35.49 29.53 18.01
CA GLU E 298 36.26 30.71 17.57
C GLU E 298 36.10 30.96 16.06
N ALA E 299 36.22 29.90 15.27
CA ALA E 299 36.05 30.04 13.83
C ALA E 299 34.62 30.44 13.47
N TYR E 300 33.62 29.87 14.15
CA TYR E 300 32.23 30.19 13.88
C TYR E 300 31.96 31.68 14.18
N LEU E 301 32.46 32.16 15.33
CA LEU E 301 32.18 33.52 15.76
C LEU E 301 32.86 34.59 14.89
N SER E 302 34.09 34.32 14.44
CA SER E 302 34.80 35.14 13.46
C SER E 302 33.99 35.28 12.18
N MET E 303 33.37 34.16 11.75
CA MET E 303 32.48 34.15 10.59
CA MET E 303 32.48 34.15 10.59
C MET E 303 31.24 35.00 10.83
N LEU E 304 30.67 34.82 11.89
CA LEU E 304 29.43 35.49 12.23
C LEU E 304 29.64 36.99 12.38
N SER E 305 30.69 37.44 12.97
CA SER E 305 30.93 38.88 13.13
C SER E 305 31.47 39.55 11.86
N SER E 306 31.95 38.75 10.90
CA SER E 306 32.69 39.25 9.74
C SER E 306 31.79 39.99 8.75
N SER F 2 28.58 -45.66 31.43
CA SER F 2 28.76 -44.18 31.43
C SER F 2 27.77 -43.47 30.48
N ALA F 3 27.22 -42.35 30.97
CA ALA F 3 26.22 -41.55 30.26
C ALA F 3 26.63 -41.16 28.84
N PHE F 4 25.68 -41.36 27.93
CA PHE F 4 25.85 -41.11 26.52
C PHE F 4 24.53 -40.46 26.09
N PRO F 5 24.52 -39.13 25.92
CA PRO F 5 23.30 -38.48 25.45
C PRO F 5 23.04 -38.79 23.95
N VAL F 6 21.81 -39.13 23.62
CA VAL F 6 21.40 -39.14 22.23
C VAL F 6 20.16 -38.28 22.07
N HIS F 7 19.96 -37.75 20.88
CA HIS F 7 18.68 -37.17 20.50
C HIS F 7 17.89 -38.27 19.76
N ALA F 8 16.70 -38.59 20.26
CA ALA F 8 15.93 -39.73 19.75
C ALA F 8 14.56 -39.38 19.21
N ALA F 9 14.26 -39.90 18.01
CA ALA F 9 12.91 -39.75 17.46
C ALA F 9 12.17 -41.09 17.49
N PHE F 10 11.07 -41.16 18.21
CA PHE F 10 10.26 -42.37 18.30
C PHE F 10 9.18 -42.39 17.21
N GLU F 11 9.09 -43.50 16.47
CA GLU F 11 7.97 -43.71 15.52
C GLU F 11 6.57 -43.29 16.01
N LYS F 12 5.96 -42.41 15.20
CA LYS F 12 4.62 -41.83 15.38
C LYS F 12 4.51 -40.71 16.45
N ASP F 13 5.63 -40.38 17.10
CA ASP F 13 5.71 -39.25 18.05
C ASP F 13 5.88 -37.95 17.24
N PHE F 14 5.74 -36.79 17.86
CA PHE F 14 5.80 -35.51 17.17
C PHE F 14 7.14 -34.81 17.25
N LEU F 15 8.07 -35.37 17.99
CA LEU F 15 9.33 -34.74 18.19
C LEU F 15 10.53 -35.64 18.38
N VAL F 16 11.66 -34.97 18.51
CA VAL F 16 12.94 -35.51 18.91
C VAL F 16 13.26 -35.06 20.35
N GLN F 17 13.67 -36.01 21.17
CA GLN F 17 13.94 -35.77 22.57
C GLN F 17 15.35 -36.10 22.98
N LEU F 18 15.84 -35.43 24.00
CA LEU F 18 17.08 -35.86 24.63
C LEU F 18 16.79 -37.07 25.49
N VAL F 19 17.56 -38.13 25.25
CA VAL F 19 17.51 -39.34 26.09
C VAL F 19 18.94 -39.73 26.43
N VAL F 20 19.20 -39.90 27.72
CA VAL F 20 20.55 -40.24 28.17
C VAL F 20 20.64 -41.76 28.33
N VAL F 21 21.48 -42.36 27.52
CA VAL F 21 21.72 -43.79 27.58
C VAL F 21 23.12 -44.07 28.08
N ASP F 22 23.48 -45.35 28.13
CA ASP F 22 24.77 -45.74 28.66
C ASP F 22 25.60 -46.28 27.53
N LEU F 23 26.90 -46.03 27.58
CA LEU F 23 27.80 -46.45 26.52
C LEU F 23 27.72 -47.99 26.24
N ASN F 24 27.40 -48.76 27.27
CA ASN F 24 27.39 -50.24 27.17
C ASN F 24 26.01 -50.83 27.02
N ASP F 25 24.99 -49.99 26.86
CA ASP F 25 23.62 -50.42 26.59
C ASP F 25 23.57 -51.11 25.26
N SER F 26 22.78 -52.19 25.16
CA SER F 26 22.41 -52.78 23.89
C SER F 26 21.35 -51.92 23.22
N MET F 27 21.17 -52.06 21.91
CA MET F 27 20.11 -51.35 21.19
C MET F 27 18.76 -51.64 21.79
N ASP F 28 18.56 -52.87 22.24
CA ASP F 28 17.34 -53.23 22.94
C ASP F 28 17.08 -52.37 24.16
N GLN F 29 18.12 -52.21 24.98
CA GLN F 29 18.07 -51.39 26.17
C GLN F 29 17.91 -49.91 25.83
N VAL F 30 18.57 -49.47 24.75
CA VAL F 30 18.43 -48.08 24.26
C VAL F 30 16.95 -47.76 23.90
N ALA F 31 16.36 -48.64 23.08
CA ALA F 31 14.96 -48.53 22.65
C ALA F 31 13.98 -48.43 23.82
N GLU F 32 14.20 -49.26 24.84
CA GLU F 32 13.36 -49.23 26.04
C GLU F 32 13.48 -47.88 26.78
N LYS F 33 14.70 -47.37 26.90
CA LYS F 33 14.95 -46.03 27.50
C LYS F 33 14.31 -44.86 26.75
N VAL F 34 14.32 -44.92 25.43
CA VAL F 34 13.55 -43.97 24.61
C VAL F 34 12.03 -44.16 24.74
N ALA F 35 11.54 -45.41 24.69
CA ALA F 35 10.11 -45.70 24.77
C ALA F 35 9.49 -45.13 26.04
N TYR F 36 10.27 -45.12 27.12
CA TYR F 36 9.81 -44.64 28.40
C TYR F 36 9.21 -43.25 28.26
N HIS F 37 9.88 -42.44 27.44
CA HIS F 37 9.51 -41.03 27.25
C HIS F 37 8.46 -40.77 26.17
N CYS F 38 7.92 -41.83 25.58
CA CYS F 38 7.02 -41.72 24.42
C CYS F 38 5.74 -42.58 24.47
N VAL F 39 5.93 -43.89 24.68
CA VAL F 39 4.82 -44.86 24.75
C VAL F 39 3.96 -44.59 25.97
N ASN F 40 2.64 -44.52 25.76
CA ASN F 40 1.62 -44.15 26.76
C ASN F 40 1.70 -42.68 27.23
N ARG F 41 2.50 -41.87 26.53
CA ARG F 41 2.55 -40.44 26.74
C ARG F 41 1.95 -39.76 25.52
N ARG F 42 2.53 -39.99 24.36
CA ARG F 42 2.00 -39.45 23.12
C ARG F 42 1.85 -40.50 22.02
N VAL F 43 2.27 -41.73 22.31
CA VAL F 43 2.28 -42.80 21.30
C VAL F 43 1.59 -44.06 21.84
N ALA F 44 0.72 -44.68 21.03
CA ALA F 44 0.02 -45.92 21.43
C ALA F 44 0.97 -47.11 21.59
N PRO F 45 0.82 -47.90 22.67
CA PRO F 45 1.62 -49.12 22.83
C PRO F 45 1.29 -50.08 21.70
N ARG F 46 2.26 -50.88 21.28
CA ARG F 46 1.95 -51.91 20.29
C ARG F 46 2.97 -53.03 20.25
N GLU F 47 2.54 -54.16 19.68
CA GLU F 47 3.36 -55.33 19.49
C GLU F 47 4.38 -55.08 18.39
N GLY F 48 5.53 -55.70 18.55
CA GLY F 48 6.65 -55.48 17.65
C GLY F 48 7.92 -55.42 18.45
N VAL F 49 9.02 -55.65 17.77
CA VAL F 49 10.35 -55.48 18.34
C VAL F 49 10.78 -54.07 17.97
N MET F 50 11.14 -53.29 18.98
CA MET F 50 11.66 -51.96 18.75
C MET F 50 13.12 -52.07 18.31
N ARG F 51 13.44 -51.33 17.26
CA ARG F 51 14.75 -51.34 16.67
C ARG F 51 15.34 -49.93 16.60
N VAL F 52 16.64 -49.85 16.60
CA VAL F 52 17.34 -48.56 16.55
C VAL F 52 18.09 -48.41 15.23
N ARG F 53 18.05 -47.20 14.68
CA ARG F 53 18.81 -46.80 13.49
C ARG F 53 19.30 -45.36 13.66
N LYS F 54 20.40 -45.05 12.99
CA LYS F 54 20.82 -43.69 12.75
C LYS F 54 19.69 -42.89 12.08
N HIS F 55 19.55 -41.61 12.42
CA HIS F 55 18.43 -40.85 11.86
C HIS F 55 18.34 -40.94 10.33
N ARG F 56 17.14 -41.33 9.89
CA ARG F 56 16.77 -41.59 8.49
C ARG F 56 17.62 -42.53 7.62
N SER F 57 18.63 -43.16 8.21
CA SER F 57 19.33 -44.23 7.50
C SER F 57 18.32 -45.35 7.33
N THR F 58 18.56 -46.23 6.36
CA THR F 58 17.64 -47.33 6.10
C THR F 58 18.01 -48.56 6.94
N GLU F 59 19.28 -48.63 7.32
CA GLU F 59 19.88 -49.79 7.96
C GLU F 59 19.71 -49.75 9.48
N LEU F 60 19.19 -50.84 10.03
CA LEU F 60 18.97 -50.99 11.46
C LEU F 60 20.25 -51.45 12.14
N PHE F 61 20.44 -51.03 13.40
CA PHE F 61 21.52 -51.52 14.23
C PHE F 61 21.12 -52.89 14.79
N PRO F 62 22.06 -53.86 14.87
CA PRO F 62 21.64 -55.13 15.45
C PRO F 62 21.13 -54.96 16.90
N ARG F 63 20.18 -55.79 17.29
CA ARG F 63 19.53 -55.69 18.59
C ARG F 63 20.47 -55.78 19.81
N ASP F 64 21.58 -56.51 19.64
CA ASP F 64 22.50 -56.77 20.75
C ASP F 64 23.83 -56.02 20.63
N MET F 65 23.97 -55.21 19.59
CA MET F 65 25.10 -54.28 19.50
C MET F 65 25.01 -53.21 20.59
N THR F 66 26.15 -52.84 21.15
CA THR F 66 26.12 -51.81 22.17
C THR F 66 26.28 -50.45 21.55
N ILE F 67 25.87 -49.44 22.29
CA ILE F 67 26.15 -48.06 21.89
C ILE F 67 27.63 -47.91 21.50
N ALA F 68 28.52 -48.34 22.40
CA ALA F 68 29.96 -48.29 22.15
C ALA F 68 30.39 -48.95 20.83
N GLU F 69 29.83 -50.11 20.50
CA GLU F 69 30.24 -50.83 19.28
C GLU F 69 29.63 -50.26 18.00
N SER F 70 28.56 -49.47 18.15
CA SER F 70 27.78 -48.95 17.00
C SER F 70 28.50 -47.92 16.12
N GLY F 71 29.58 -47.31 16.65
CA GLY F 71 30.21 -46.16 15.97
C GLY F 71 29.46 -44.83 16.10
N LEU F 72 28.29 -44.86 16.73
CA LEU F 72 27.59 -43.62 17.10
C LEU F 72 28.45 -42.74 18.01
N ASN F 73 28.22 -41.43 17.91
CA ASN F 73 28.92 -40.46 18.76
C ASN F 73 27.90 -39.72 19.64
N PRO F 74 28.33 -39.23 20.80
CA PRO F 74 27.40 -38.51 21.69
C PRO F 74 26.73 -37.32 20.99
N THR F 75 25.42 -37.19 21.22
CA THR F 75 24.55 -36.17 20.67
C THR F 75 24.16 -36.35 19.19
N GLU F 76 24.48 -37.50 18.61
CA GLU F 76 23.90 -37.82 17.30
C GLU F 76 22.43 -38.23 17.43
N VAL F 77 21.72 -38.22 16.32
CA VAL F 77 20.29 -38.48 16.32
C VAL F 77 20.00 -39.93 15.88
N ILE F 78 19.11 -40.60 16.61
CA ILE F 78 18.66 -41.94 16.27
C ILE F 78 17.15 -41.94 16.16
N ASP F 79 16.64 -42.91 15.40
CA ASP F 79 15.23 -43.24 15.35
C ASP F 79 15.02 -44.55 16.10
N VAL F 80 13.87 -44.66 16.76
CA VAL F 80 13.41 -45.92 17.33
C VAL F 80 12.08 -46.25 16.64
N VAL F 81 12.05 -47.48 15.94
CA VAL F 81 11.00 -47.94 15.04
C VAL F 81 10.68 -49.41 15.26
N PHE F 82 9.55 -49.76 14.73
CA PHE F 82 9.16 -51.16 14.83
C PHE F 82 9.40 -51.88 13.52
#